data_271D
# 
_entry.id   271D 
# 
_audit_conform.dict_name       mmcif_pdbx.dic 
_audit_conform.dict_version    5.387 
_audit_conform.dict_location   http://mmcif.pdb.org/dictionaries/ascii/mmcif_pdbx.dic 
# 
loop_
_database_2.database_id 
_database_2.database_code 
_database_2.pdbx_database_accession 
_database_2.pdbx_DOI 
PDB   271D         pdb_0000271d 10.2210/pdb271d/pdb 
RCSB  BDL075       ?            ?                   
WWPDB D_1000177683 ?            ?                   
# 
loop_
_pdbx_audit_revision_history.ordinal 
_pdbx_audit_revision_history.data_content_type 
_pdbx_audit_revision_history.major_revision 
_pdbx_audit_revision_history.minor_revision 
_pdbx_audit_revision_history.revision_date 
1 'Structure model' 1 0 1996-08-28 
2 'Structure model' 1 1 2008-05-22 
3 'Structure model' 1 2 2011-07-13 
4 'Structure model' 1 3 2012-02-29 
5 'Structure model' 1 4 2024-02-14 
# 
_pdbx_audit_revision_details.ordinal             1 
_pdbx_audit_revision_details.revision_ordinal    1 
_pdbx_audit_revision_details.data_content_type   'Structure model' 
_pdbx_audit_revision_details.provider            repository 
_pdbx_audit_revision_details.type                'Initial release' 
_pdbx_audit_revision_details.description         ? 
_pdbx_audit_revision_details.details             ? 
# 
loop_
_pdbx_audit_revision_group.ordinal 
_pdbx_audit_revision_group.revision_ordinal 
_pdbx_audit_revision_group.data_content_type 
_pdbx_audit_revision_group.group 
1 2 'Structure model' 'Version format compliance' 
2 3 'Structure model' 'Version format compliance' 
3 4 'Structure model' Other                       
4 5 'Structure model' 'Data collection'           
5 5 'Structure model' 'Database references'       
6 5 'Structure model' 'Derived calculations'      
# 
loop_
_pdbx_audit_revision_category.ordinal 
_pdbx_audit_revision_category.revision_ordinal 
_pdbx_audit_revision_category.data_content_type 
_pdbx_audit_revision_category.category 
1 5 'Structure model' chem_comp_atom         
2 5 'Structure model' chem_comp_bond         
3 5 'Structure model' database_2             
4 5 'Structure model' pdbx_struct_conn_angle 
5 5 'Structure model' struct_conn            
6 5 'Structure model' struct_site            
# 
loop_
_pdbx_audit_revision_item.ordinal 
_pdbx_audit_revision_item.revision_ordinal 
_pdbx_audit_revision_item.data_content_type 
_pdbx_audit_revision_item.item 
1  5 'Structure model' '_database_2.pdbx_DOI'                        
2  5 'Structure model' '_database_2.pdbx_database_accession'         
3  5 'Structure model' '_pdbx_struct_conn_angle.ptnr1_auth_asym_id'  
4  5 'Structure model' '_pdbx_struct_conn_angle.ptnr1_auth_seq_id'   
5  5 'Structure model' '_pdbx_struct_conn_angle.ptnr1_label_asym_id' 
6  5 'Structure model' '_pdbx_struct_conn_angle.ptnr3_auth_asym_id'  
7  5 'Structure model' '_pdbx_struct_conn_angle.ptnr3_auth_seq_id'   
8  5 'Structure model' '_pdbx_struct_conn_angle.ptnr3_label_asym_id' 
9  5 'Structure model' '_pdbx_struct_conn_angle.value'               
10 5 'Structure model' '_struct_conn.pdbx_dist_value'                
11 5 'Structure model' '_struct_conn.ptnr2_auth_asym_id'             
12 5 'Structure model' '_struct_conn.ptnr2_auth_seq_id'              
13 5 'Structure model' '_struct_conn.ptnr2_label_asym_id'            
14 5 'Structure model' '_struct_site.pdbx_auth_asym_id'              
15 5 'Structure model' '_struct_site.pdbx_auth_comp_id'              
16 5 'Structure model' '_struct_site.pdbx_auth_seq_id'               
# 
_pdbx_database_status.status_code                     REL 
_pdbx_database_status.entry_id                        271D 
_pdbx_database_status.recvd_initial_deposition_date   1996-07-12 
_pdbx_database_status.deposit_site                    NDB 
_pdbx_database_status.process_site                    NDB 
_pdbx_database_status.status_code_sf                  REL 
_pdbx_database_status.status_code_mr                  ? 
_pdbx_database_status.SG_entry                        ? 
_pdbx_database_status.status_code_cs                  ? 
_pdbx_database_status.methods_development_category    ? 
_pdbx_database_status.pdb_format_compatible           Y 
_pdbx_database_status.status_code_nmr_data            ? 
# 
loop_
_pdbx_database_related.db_name 
_pdbx_database_related.db_id 
_pdbx_database_related.content_type 
_pdbx_database_related.details 
PDB 265D unspecified . 
PDB 266D unspecified . 
PDB 267D unspecified . 
PDB 268D unspecified . 
PDB 269D unspecified . 
PDB 270D unspecified . 
# 
loop_
_audit_author.name 
_audit_author.pdbx_ordinal 
'Partridge, B.L.' 1 
'Salisbury, S.A.' 2 
# 
loop_
_citation.id 
_citation.title 
_citation.journal_abbrev 
_citation.journal_volume 
_citation.page_first 
_citation.page_last 
_citation.year 
_citation.journal_id_ASTM 
_citation.country 
_citation.journal_id_ISSN 
_citation.journal_id_CSD 
_citation.book_publisher 
_citation.pdbx_database_id_PubMed 
_citation.pdbx_database_id_DOI 
1       'Structural Studies on Nucleic Acids' 'Thesis, University of Cambridge' ? ? ? 1996 ? UK ? 2108 ? ? ? 
primary ?                                     'To be Published'                 ? ? ? 1996 ? ?  ? 0353 ? ? ? 
# 
loop_
_citation_author.citation_id 
_citation_author.name 
_citation_author.ordinal 
_citation_author.identifier_ORCID 
primary 'Partridge, B.L.' 1 ? 
primary 'Salisbury, S.A.' 2 ? 
1       'Partridge, B.L.' 3 ? 
# 
loop_
_entity.id 
_entity.type 
_entity.src_method 
_entity.pdbx_description 
_entity.formula_weight 
_entity.pdbx_number_of_molecules 
_entity.pdbx_ec 
_entity.pdbx_mutation 
_entity.pdbx_fragment 
_entity.details 
1 polymer     syn 
;DNA (5'-D(*CP*GP*CP*GP*AP*AP*UP*UP*CP*GP*CP*G)-3')
;
3635.340 2   ? ? ? ? 
2 non-polymer syn 'MAGNESIUM ION'                                      24.305   1   ? ? ? ? 
3 water       nat water                                                18.015   125 ? ? ? ? 
# 
_entity_poly.entity_id                      1 
_entity_poly.type                           polydeoxyribonucleotide 
_entity_poly.nstd_linkage                   no 
_entity_poly.nstd_monomer                   no 
_entity_poly.pdbx_seq_one_letter_code       '(DC)(DG)(DC)(DG)(DA)(DA)(DU)(DU)(DC)(DG)(DC)(DG)' 
_entity_poly.pdbx_seq_one_letter_code_can   CGCGAAUUCGCG 
_entity_poly.pdbx_strand_id                 A,B 
_entity_poly.pdbx_target_identifier         ? 
# 
loop_
_pdbx_entity_nonpoly.entity_id 
_pdbx_entity_nonpoly.name 
_pdbx_entity_nonpoly.comp_id 
2 'MAGNESIUM ION' MG  
3 water           HOH 
# 
loop_
_entity_poly_seq.entity_id 
_entity_poly_seq.num 
_entity_poly_seq.mon_id 
_entity_poly_seq.hetero 
1 1  DC n 
1 2  DG n 
1 3  DC n 
1 4  DG n 
1 5  DA n 
1 6  DA n 
1 7  DU n 
1 8  DU n 
1 9  DC n 
1 10 DG n 
1 11 DC n 
1 12 DG n 
# 
loop_
_chem_comp.id 
_chem_comp.type 
_chem_comp.mon_nstd_flag 
_chem_comp.name 
_chem_comp.pdbx_synonyms 
_chem_comp.formula 
_chem_comp.formula_weight 
DA  'DNA linking' y "2'-DEOXYADENOSINE-5'-MONOPHOSPHATE" ? 'C10 H14 N5 O6 P' 331.222 
DC  'DNA linking' y "2'-DEOXYCYTIDINE-5'-MONOPHOSPHATE"  ? 'C9 H14 N3 O7 P'  307.197 
DG  'DNA linking' y "2'-DEOXYGUANOSINE-5'-MONOPHOSPHATE" ? 'C10 H14 N5 O7 P' 347.221 
DU  'DNA linking' y "2'-DEOXYURIDINE-5'-MONOPHOSPHATE"   ? 'C9 H13 N2 O8 P'  308.182 
HOH non-polymer   . WATER                                ? 'H2 O'            18.015  
MG  non-polymer   . 'MAGNESIUM ION'                      ? 'Mg 2'            24.305  
# 
loop_
_pdbx_poly_seq_scheme.asym_id 
_pdbx_poly_seq_scheme.entity_id 
_pdbx_poly_seq_scheme.seq_id 
_pdbx_poly_seq_scheme.mon_id 
_pdbx_poly_seq_scheme.ndb_seq_num 
_pdbx_poly_seq_scheme.pdb_seq_num 
_pdbx_poly_seq_scheme.auth_seq_num 
_pdbx_poly_seq_scheme.pdb_mon_id 
_pdbx_poly_seq_scheme.auth_mon_id 
_pdbx_poly_seq_scheme.pdb_strand_id 
_pdbx_poly_seq_scheme.pdb_ins_code 
_pdbx_poly_seq_scheme.hetero 
A 1 1  DC 1  1  1  DC C A . n 
A 1 2  DG 2  2  2  DG G A . n 
A 1 3  DC 3  3  3  DC C A . n 
A 1 4  DG 4  4  4  DG G A . n 
A 1 5  DA 5  5  5  DA A A . n 
A 1 6  DA 6  6  6  DA A A . n 
A 1 7  DU 7  7  7  DU U A . n 
A 1 8  DU 8  8  8  DU U A . n 
A 1 9  DC 9  9  9  DC C A . n 
A 1 10 DG 10 10 10 DG G A . n 
A 1 11 DC 11 11 11 DC C A . n 
A 1 12 DG 12 12 12 DG G A . n 
B 1 1  DC 1  13 13 DC C B . n 
B 1 2  DG 2  14 14 DG G B . n 
B 1 3  DC 3  15 15 DC C B . n 
B 1 4  DG 4  16 16 DG G B . n 
B 1 5  DA 5  17 17 DA A B . n 
B 1 6  DA 6  18 18 DA A B . n 
B 1 7  DU 7  19 19 DU U B . n 
B 1 8  DU 8  20 20 DU U B . n 
B 1 9  DC 9  21 21 DC C B . n 
B 1 10 DG 10 22 22 DG G B . n 
B 1 11 DC 11 23 23 DC C B . n 
B 1 12 DG 12 24 24 DG G B . n 
# 
loop_
_pdbx_nonpoly_scheme.asym_id 
_pdbx_nonpoly_scheme.entity_id 
_pdbx_nonpoly_scheme.mon_id 
_pdbx_nonpoly_scheme.ndb_seq_num 
_pdbx_nonpoly_scheme.pdb_seq_num 
_pdbx_nonpoly_scheme.auth_seq_num 
_pdbx_nonpoly_scheme.pdb_mon_id 
_pdbx_nonpoly_scheme.auth_mon_id 
_pdbx_nonpoly_scheme.pdb_strand_id 
_pdbx_nonpoly_scheme.pdb_ins_code 
C 2 MG  1  25  25  MG  MO6 A . 
D 3 HOH 1  26  26  HOH HOH A . 
D 3 HOH 2  27  27  HOH HOH A . 
D 3 HOH 3  30  30  HOH HOH A . 
D 3 HOH 4  31  31  HOH HOH A . 
D 3 HOH 5  32  32  HOH HOH A . 
D 3 HOH 6  34  34  HOH HOH A . 
D 3 HOH 7  36  36  HOH HOH A . 
D 3 HOH 8  39  39  HOH HOH A . 
D 3 HOH 9  41  41  HOH HOH A . 
D 3 HOH 10 42  42  HOH HOH A . 
D 3 HOH 11 43  43  HOH HOH A . 
D 3 HOH 12 45  45  HOH HOH A . 
D 3 HOH 13 47  47  HOH HOH A . 
D 3 HOH 14 50  50  HOH HOH A . 
D 3 HOH 15 52  52  HOH HOH A . 
D 3 HOH 16 53  53  HOH HOH A . 
D 3 HOH 17 56  56  HOH HOH A . 
D 3 HOH 18 57  57  HOH HOH A . 
D 3 HOH 19 60  60  HOH HOH A . 
D 3 HOH 20 61  61  HOH HOH A . 
D 3 HOH 21 63  63  HOH HOH A . 
D 3 HOH 22 64  64  HOH HOH A . 
D 3 HOH 23 65  65  HOH HOH A . 
D 3 HOH 24 66  66  HOH HOH A . 
D 3 HOH 25 67  67  HOH HOH A . 
D 3 HOH 26 69  69  HOH HOH A . 
D 3 HOH 27 70  70  HOH HOH A . 
D 3 HOH 28 71  71  HOH HOH A . 
D 3 HOH 29 72  72  HOH HOH A . 
D 3 HOH 30 73  73  HOH HOH A . 
D 3 HOH 31 75  75  HOH HOH A . 
D 3 HOH 32 77  77  HOH HOH A . 
D 3 HOH 33 78  78  HOH HOH A . 
D 3 HOH 34 79  79  HOH HOH A . 
D 3 HOH 35 81  81  HOH HOH A . 
D 3 HOH 36 83  83  HOH HOH A . 
D 3 HOH 37 85  85  HOH HOH A . 
D 3 HOH 38 90  90  HOH HOH A . 
D 3 HOH 39 91  91  HOH HOH A . 
D 3 HOH 40 93  93  HOH HOH A . 
D 3 HOH 41 94  94  HOH HOH A . 
D 3 HOH 42 97  97  HOH HOH A . 
D 3 HOH 43 98  98  HOH HOH A . 
D 3 HOH 44 99  99  HOH HOH A . 
D 3 HOH 45 100 100 HOH HOH A . 
D 3 HOH 46 101 101 HOH HOH A . 
D 3 HOH 47 102 102 HOH HOH A . 
D 3 HOH 48 103 103 HOH HOH A . 
D 3 HOH 49 104 104 HOH HOH A . 
D 3 HOH 50 106 106 HOH HOH A . 
D 3 HOH 51 107 107 HOH HOH A . 
D 3 HOH 52 114 114 HOH HOH A . 
D 3 HOH 53 116 116 HOH HOH A . 
D 3 HOH 54 117 117 HOH HOH A . 
D 3 HOH 55 119 119 HOH HOH A . 
D 3 HOH 56 121 121 HOH HOH A . 
D 3 HOH 57 122 122 HOH HOH A . 
D 3 HOH 58 123 123 HOH HOH A . 
D 3 HOH 59 129 129 HOH HOH A . 
D 3 HOH 60 130 130 HOH HOH A . 
D 3 HOH 61 131 131 HOH HOH A . 
D 3 HOH 62 132 132 HOH HOH A . 
D 3 HOH 63 134 134 HOH HOH A . 
D 3 HOH 64 137 137 HOH HOH A . 
D 3 HOH 65 140 140 HOH HOH A . 
D 3 HOH 66 144 144 HOH HOH A . 
D 3 HOH 67 145 25  HOH MO6 A . 
D 3 HOH 68 147 25  HOH MO6 A . 
D 3 HOH 69 149 25  HOH MO6 A . 
E 3 HOH 1  28  28  HOH HOH B . 
E 3 HOH 2  29  29  HOH HOH B . 
E 3 HOH 3  33  33  HOH HOH B . 
E 3 HOH 4  35  35  HOH HOH B . 
E 3 HOH 5  37  37  HOH HOH B . 
E 3 HOH 6  38  38  HOH HOH B . 
E 3 HOH 7  40  40  HOH HOH B . 
E 3 HOH 8  44  44  HOH HOH B . 
E 3 HOH 9  46  46  HOH HOH B . 
E 3 HOH 10 48  48  HOH HOH B . 
E 3 HOH 11 49  49  HOH HOH B . 
E 3 HOH 12 51  51  HOH HOH B . 
E 3 HOH 13 54  54  HOH HOH B . 
E 3 HOH 14 55  55  HOH HOH B . 
E 3 HOH 15 58  58  HOH HOH B . 
E 3 HOH 16 59  59  HOH HOH B . 
E 3 HOH 17 62  62  HOH HOH B . 
E 3 HOH 18 68  68  HOH HOH B . 
E 3 HOH 19 74  74  HOH HOH B . 
E 3 HOH 20 76  76  HOH HOH B . 
E 3 HOH 21 80  80  HOH HOH B . 
E 3 HOH 22 82  82  HOH HOH B . 
E 3 HOH 23 84  84  HOH HOH B . 
E 3 HOH 24 86  86  HOH HOH B . 
E 3 HOH 25 87  87  HOH HOH B . 
E 3 HOH 26 88  88  HOH HOH B . 
E 3 HOH 27 89  89  HOH HOH B . 
E 3 HOH 28 92  92  HOH HOH B . 
E 3 HOH 29 95  95  HOH HOH B . 
E 3 HOH 30 96  96  HOH HOH B . 
E 3 HOH 31 105 105 HOH HOH B . 
E 3 HOH 32 108 108 HOH HOH B . 
E 3 HOH 33 109 109 HOH HOH B . 
E 3 HOH 34 110 110 HOH HOH B . 
E 3 HOH 35 111 111 HOH HOH B . 
E 3 HOH 36 112 112 HOH HOH B . 
E 3 HOH 37 113 113 HOH HOH B . 
E 3 HOH 38 115 115 HOH HOH B . 
E 3 HOH 39 118 118 HOH HOH B . 
E 3 HOH 40 120 120 HOH HOH B . 
E 3 HOH 41 124 124 HOH HOH B . 
E 3 HOH 42 125 125 HOH HOH B . 
E 3 HOH 43 126 126 HOH HOH B . 
E 3 HOH 44 127 127 HOH HOH B . 
E 3 HOH 45 128 128 HOH HOH B . 
E 3 HOH 46 133 133 HOH HOH B . 
E 3 HOH 47 135 135 HOH HOH B . 
E 3 HOH 48 136 136 HOH HOH B . 
E 3 HOH 49 138 138 HOH HOH B . 
E 3 HOH 50 139 139 HOH HOH B . 
E 3 HOH 51 141 141 HOH HOH B . 
E 3 HOH 52 142 142 HOH HOH B . 
E 3 HOH 53 143 143 HOH HOH B . 
E 3 HOH 54 146 25  HOH MO6 B . 
E 3 HOH 55 148 25  HOH MO6 B . 
E 3 HOH 56 150 25  HOH MO6 B . 
# 
loop_
_software.name 
_software.classification 
_software.version 
_software.citation_id 
_software.pdbx_ordinal 
NUCLSQ refinement       . ? 1 
RIGAKU 'data reduction' . ? 2 
RIGAKU 'data scaling'   . ? 3 
# 
_cell.entry_id           271D 
_cell.length_a           25.427 
_cell.length_b           39.744 
_cell.length_c           65.255 
_cell.angle_alpha        90.00 
_cell.angle_beta         90.00 
_cell.angle_gamma        90.00 
_cell.Z_PDB              8 
_cell.pdbx_unique_axis   ? 
_cell.length_a_esd       ? 
_cell.length_b_esd       ? 
_cell.length_c_esd       ? 
_cell.angle_alpha_esd    ? 
_cell.angle_beta_esd     ? 
_cell.angle_gamma_esd    ? 
# 
_symmetry.entry_id                         271D 
_symmetry.space_group_name_H-M             'P 21 21 21' 
_symmetry.pdbx_full_space_group_name_H-M   ? 
_symmetry.cell_setting                     ? 
_symmetry.Int_Tables_number                19 
_symmetry.space_group_name_Hall            ? 
# 
_exptl.entry_id          271D 
_exptl.method            'X-RAY DIFFRACTION' 
_exptl.crystals_number   ? 
# 
_exptl_crystal.id                    1 
_exptl_crystal.density_meas          ? 
_exptl_crystal.density_percent_sol   45.75 
_exptl_crystal.density_Matthews      2.27 
_exptl_crystal.description           ? 
_exptl_crystal.F_000                 ? 
_exptl_crystal.preparation           ? 
# 
_exptl_crystal_grow.crystal_id      1 
_exptl_crystal_grow.method          ? 
_exptl_crystal_grow.temp            ? 
_exptl_crystal_grow.temp_details    ? 
_exptl_crystal_grow.pH              7.10 
_exptl_crystal_grow.pdbx_details    'pH 7.10' 
_exptl_crystal_grow.pdbx_pH_range   ? 
# 
loop_
_exptl_crystal_grow_comp.crystal_id 
_exptl_crystal_grow_comp.id 
_exptl_crystal_grow_comp.sol_id 
_exptl_crystal_grow_comp.name 
_exptl_crystal_grow_comp.volume 
_exptl_crystal_grow_comp.conc 
_exptl_crystal_grow_comp.details 
1 1 1 WATER           ? ? ? 
1 2 1 'NA CACODYLATE' ? ? ? 
# 
_diffrn.id                     1 
_diffrn.ambient_temp           100.00 
_diffrn.ambient_temp_details   ? 
_diffrn.crystal_id             1 
# 
_diffrn_detector.diffrn_id              1 
_diffrn_detector.detector               'IMAGE PLATE' 
_diffrn_detector.type                   'RIGAKU RAXIS IIC' 
_diffrn_detector.pdbx_collection_date   1995-03-29 
_diffrn_detector.details                ? 
# 
_diffrn_radiation.diffrn_id                        1 
_diffrn_radiation.wavelength_id                    1 
_diffrn_radiation.pdbx_monochromatic_or_laue_m_l   M 
_diffrn_radiation.monochromator                    GRAPHITE 
_diffrn_radiation.pdbx_diffrn_protocol             ? 
_diffrn_radiation.pdbx_scattering_type             x-ray 
# 
_diffrn_radiation_wavelength.id           1 
_diffrn_radiation_wavelength.wavelength   . 
_diffrn_radiation_wavelength.wt           1.0 
# 
_diffrn_source.diffrn_id                   1 
_diffrn_source.source                      'ROTATING ANODE' 
_diffrn_source.type                        'RIGAKU RU200' 
_diffrn_source.pdbx_synchrotron_site       ? 
_diffrn_source.pdbx_synchrotron_beamline   ? 
_diffrn_source.pdbx_wavelength             ? 
_diffrn_source.pdbx_wavelength_list        ? 
# 
_reflns.entry_id                     271D 
_reflns.observed_criterion_sigma_I   ? 
_reflns.observed_criterion_sigma_F   ? 
_reflns.d_resolution_low             39.800 
_reflns.d_resolution_high            2.020 
_reflns.number_obs                   13706 
_reflns.number_all                   ? 
_reflns.percent_possible_obs         ? 
_reflns.pdbx_Rmerge_I_obs            0.0704000 
_reflns.pdbx_Rsym_value              ? 
_reflns.pdbx_netI_over_sigmaI        ? 
_reflns.B_iso_Wilson_estimate        ? 
_reflns.pdbx_redundancy              ? 
_reflns.pdbx_ordinal                 1 
_reflns.pdbx_diffrn_id               1 
_reflns.R_free_details               ? 
_reflns.pdbx_chi_squared             ? 
_reflns.pdbx_scaling_rejects         ? 
# 
_refine.entry_id                                 271D 
_refine.ls_number_reflns_obs                     4473 
_refine.ls_number_reflns_all                     ? 
_refine.pdbx_ls_sigma_I                          ? 
_refine.pdbx_ls_sigma_F                          4.000 
_refine.pdbx_data_cutoff_high_absF               ? 
_refine.pdbx_data_cutoff_low_absF                ? 
_refine.pdbx_data_cutoff_high_rms_absF           ? 
_refine.ls_d_res_low                             ? 
_refine.ls_d_res_high                            2.020 
_refine.ls_percent_reflns_obs                    92.900 
_refine.ls_R_factor_obs                          0.1760000 
_refine.ls_R_factor_all                          ? 
_refine.ls_R_factor_R_work                       ? 
_refine.ls_R_factor_R_free                       ? 
_refine.ls_R_factor_R_free_error                 ? 
_refine.ls_R_factor_R_free_error_details         ? 
_refine.ls_percent_reflns_R_free                 ? 
_refine.ls_number_reflns_R_free                  ? 
_refine.ls_number_parameters                     ? 
_refine.ls_number_restraints                     ? 
_refine.occupancy_min                            ? 
_refine.occupancy_max                            ? 
_refine.B_iso_mean                               ? 
_refine.aniso_B[1][1]                            ? 
_refine.aniso_B[2][2]                            ? 
_refine.aniso_B[3][3]                            ? 
_refine.aniso_B[1][2]                            ? 
_refine.aniso_B[1][3]                            ? 
_refine.aniso_B[2][3]                            ? 
_refine.solvent_model_details                    ? 
_refine.solvent_model_param_ksol                 ? 
_refine.solvent_model_param_bsol                 ? 
_refine.pdbx_ls_cross_valid_method               ? 
_refine.details                                  
;STANDARD R-FACTOR = 17.6% ERROR R-FACTOR = 3.8% WEIGHTED R-FACTOR = 17.3% NUMBER OF REFLECTIONS INCLUDED = 13706 AVERAGE |FO-FC| DISCREPANCY = 26.29 AVERAGE WEIGHTED |FO-FC| DISCREPANCY = -0.03 CORRELATION COEFFICIENT = 100.4% RESOLUTION BREAKDOWN "ALL" R FACTOR = 18.4%
;
_refine.pdbx_starting_model                      ? 
_refine.pdbx_method_to_determine_struct          MIR 
_refine.pdbx_isotropic_thermal_model             ? 
_refine.pdbx_stereochemistry_target_values       ? 
_refine.pdbx_stereochem_target_val_spec_case     ? 
_refine.pdbx_R_Free_selection_details            ? 
_refine.pdbx_overall_ESU_R                       ? 
_refine.pdbx_overall_ESU_R_Free                  ? 
_refine.overall_SU_ML                            ? 
_refine.overall_SU_B                             ? 
_refine.pdbx_refine_id                           'X-RAY DIFFRACTION' 
_refine.pdbx_diffrn_id                           1 
_refine.ls_redundancy_reflns_obs                 ? 
_refine.pdbx_overall_phase_error                 ? 
_refine.correlation_coeff_Fo_to_Fc               ? 
_refine.correlation_coeff_Fo_to_Fc_free          ? 
_refine.pdbx_solvent_vdw_probe_radii             ? 
_refine.pdbx_solvent_ion_probe_radii             ? 
_refine.pdbx_solvent_shrinkage_radii             ? 
_refine.overall_SU_R_Cruickshank_DPI             ? 
_refine.overall_SU_R_free                        ? 
_refine.ls_wR_factor_R_free                      ? 
_refine.ls_wR_factor_R_work                      ? 
_refine.overall_FOM_free_R_set                   ? 
_refine.overall_FOM_work_R_set                   ? 
_refine.pdbx_TLS_residual_ADP_flag               ? 
_refine.pdbx_overall_SU_R_free_Cruickshank_DPI   ? 
_refine.pdbx_overall_SU_R_Blow_DPI               ? 
_refine.pdbx_overall_SU_R_free_Blow_DPI          ? 
# 
_refine_hist.pdbx_refine_id                   'X-RAY DIFFRACTION' 
_refine_hist.cycle_id                         LAST 
_refine_hist.pdbx_number_atoms_protein        0 
_refine_hist.pdbx_number_atoms_nucleic_acid   482 
_refine_hist.pdbx_number_atoms_ligand         1 
_refine_hist.number_atoms_solvent             125 
_refine_hist.number_atoms_total               608 
_refine_hist.d_res_high                       2.020 
_refine_hist.d_res_low                        . 
# 
loop_
_refine_ls_restr.type 
_refine_ls_restr.dev_ideal 
_refine_ls_restr.dev_ideal_target 
_refine_ls_restr.weight 
_refine_ls_restr.number 
_refine_ls_restr.pdbx_refine_id 
_refine_ls_restr.pdbx_restraint_function 
n_bond_d               0.030  0.015 ? ? 'X-RAY DIFFRACTION' ? 
n_angle_d              0.053  0.025 ? ? 'X-RAY DIFFRACTION' ? 
n_planar_d             ?      ?     ? ? 'X-RAY DIFFRACTION' ? 
n_hb_or_metal_coord    ?      ?     ? ? 'X-RAY DIFFRACTION' ? 
n_sugar_bond_it        8.764  7.500 ? ? 'X-RAY DIFFRACTION' ? 
n_sugar_angle_it       10.030 7.500 ? ? 'X-RAY DIFFRACTION' ? 
n_phos_bond_it         11.116 7.500 ? ? 'X-RAY DIFFRACTION' ? 
n_phos_angle_it        10.215 7.500 ? ? 'X-RAY DIFFRACTION' ? 
n_bond_angle_restr     ?      ?     ? ? 'X-RAY DIFFRACTION' ? 
n_dihedral_angle_restr ?      ?     ? ? 'X-RAY DIFFRACTION' ? 
n_impr_tor             ?      ?     ? ? 'X-RAY DIFFRACTION' ? 
n_sugar_bond_d         ?      ?     ? ? 'X-RAY DIFFRACTION' ? 
n_sugar_bond_angle_d   ?      ?     ? ? 'X-RAY DIFFRACTION' ? 
n_phos_bond_d          0.041  0.015 ? ? 'X-RAY DIFFRACTION' ? 
n_phos_bond_angle_d    0.063  0.025 ? ? 'X-RAY DIFFRACTION' ? 
n_plane_restr          0.033  0.015 ? ? 'X-RAY DIFFRACTION' ? 
n_chiral_restr         0.067  0.040 ? ? 'X-RAY DIFFRACTION' ? 
n_singtor_nbd          0.154  0.063 ? ? 'X-RAY DIFFRACTION' ? 
n_multtor_nbd          0.241  0.063 ? ? 'X-RAY DIFFRACTION' ? 
n_xhyhbond_nbd         0.388  0.063 ? ? 'X-RAY DIFFRACTION' ? 
# 
_struct.entry_id                  271D 
_struct.title                     'STRUCTURAL STUDIES ON NUCLEIC ACIDS' 
_struct.pdbx_model_details        ? 
_struct.pdbx_CASP_flag            ? 
_struct.pdbx_model_type_details   ? 
# 
_struct_keywords.entry_id        271D 
_struct_keywords.pdbx_keywords   DNA 
_struct_keywords.text            'B-DNA, DOUBLE HELIX, DNA' 
# 
loop_
_struct_asym.id 
_struct_asym.pdbx_blank_PDB_chainid_flag 
_struct_asym.pdbx_modified 
_struct_asym.entity_id 
_struct_asym.details 
A N N 1 ? 
B N N 1 ? 
C N N 2 ? 
D N N 3 ? 
E N N 3 ? 
# 
_struct_ref.id                         1 
_struct_ref.entity_id                  1 
_struct_ref.db_name                    PDB 
_struct_ref.db_code                    271D 
_struct_ref.pdbx_db_accession          271D 
_struct_ref.pdbx_align_begin           ? 
_struct_ref.pdbx_seq_one_letter_code   ? 
_struct_ref.pdbx_db_isoform            ? 
# 
loop_
_struct_ref_seq.align_id 
_struct_ref_seq.ref_id 
_struct_ref_seq.pdbx_PDB_id_code 
_struct_ref_seq.pdbx_strand_id 
_struct_ref_seq.seq_align_beg 
_struct_ref_seq.pdbx_seq_align_beg_ins_code 
_struct_ref_seq.seq_align_end 
_struct_ref_seq.pdbx_seq_align_end_ins_code 
_struct_ref_seq.pdbx_db_accession 
_struct_ref_seq.db_align_beg 
_struct_ref_seq.pdbx_db_align_beg_ins_code 
_struct_ref_seq.db_align_end 
_struct_ref_seq.pdbx_db_align_end_ins_code 
_struct_ref_seq.pdbx_auth_seq_align_beg 
_struct_ref_seq.pdbx_auth_seq_align_end 
1 1 271D A 1 ? 12 ? 271D 1  ? 12 ? 1  12 
2 1 271D B 1 ? 12 ? 271D 13 ? 24 ? 13 24 
# 
_pdbx_struct_assembly.id                   1 
_pdbx_struct_assembly.details              author_defined_assembly 
_pdbx_struct_assembly.method_details       ? 
_pdbx_struct_assembly.oligomeric_details   dimeric 
_pdbx_struct_assembly.oligomeric_count     2 
# 
_pdbx_struct_assembly_gen.assembly_id       1 
_pdbx_struct_assembly_gen.oper_expression   1 
_pdbx_struct_assembly_gen.asym_id_list      A,B,C,D,E 
# 
_pdbx_struct_oper_list.id                   1 
_pdbx_struct_oper_list.type                 'identity operation' 
_pdbx_struct_oper_list.name                 1_555 
_pdbx_struct_oper_list.symmetry_operation   x,y,z 
_pdbx_struct_oper_list.matrix[1][1]         1.0000000000 
_pdbx_struct_oper_list.matrix[1][2]         0.0000000000 
_pdbx_struct_oper_list.matrix[1][3]         0.0000000000 
_pdbx_struct_oper_list.vector[1]            0.0000000000 
_pdbx_struct_oper_list.matrix[2][1]         0.0000000000 
_pdbx_struct_oper_list.matrix[2][2]         1.0000000000 
_pdbx_struct_oper_list.matrix[2][3]         0.0000000000 
_pdbx_struct_oper_list.vector[2]            0.0000000000 
_pdbx_struct_oper_list.matrix[3][1]         0.0000000000 
_pdbx_struct_oper_list.matrix[3][2]         0.0000000000 
_pdbx_struct_oper_list.matrix[3][3]         1.0000000000 
_pdbx_struct_oper_list.vector[3]            0.0000000000 
# 
_struct_biol.id        1 
_struct_biol.details   ? 
# 
loop_
_struct_conn.id 
_struct_conn.conn_type_id 
_struct_conn.pdbx_leaving_atom_flag 
_struct_conn.pdbx_PDB_id 
_struct_conn.ptnr1_label_asym_id 
_struct_conn.ptnr1_label_comp_id 
_struct_conn.ptnr1_label_seq_id 
_struct_conn.ptnr1_label_atom_id 
_struct_conn.pdbx_ptnr1_label_alt_id 
_struct_conn.pdbx_ptnr1_PDB_ins_code 
_struct_conn.pdbx_ptnr1_standard_comp_id 
_struct_conn.ptnr1_symmetry 
_struct_conn.ptnr2_label_asym_id 
_struct_conn.ptnr2_label_comp_id 
_struct_conn.ptnr2_label_seq_id 
_struct_conn.ptnr2_label_atom_id 
_struct_conn.pdbx_ptnr2_label_alt_id 
_struct_conn.pdbx_ptnr2_PDB_ins_code 
_struct_conn.ptnr1_auth_asym_id 
_struct_conn.ptnr1_auth_comp_id 
_struct_conn.ptnr1_auth_seq_id 
_struct_conn.ptnr2_auth_asym_id 
_struct_conn.ptnr2_auth_comp_id 
_struct_conn.ptnr2_auth_seq_id 
_struct_conn.ptnr2_symmetry 
_struct_conn.pdbx_ptnr3_label_atom_id 
_struct_conn.pdbx_ptnr3_label_seq_id 
_struct_conn.pdbx_ptnr3_label_comp_id 
_struct_conn.pdbx_ptnr3_label_asym_id 
_struct_conn.pdbx_ptnr3_label_alt_id 
_struct_conn.pdbx_ptnr3_PDB_ins_code 
_struct_conn.details 
_struct_conn.pdbx_dist_value 
_struct_conn.pdbx_value_order 
_struct_conn.pdbx_role 
metalc1  metalc ? ? C MG .  MG ? ? ? 1_555 D HOH .  O  ? ? A MG 25 A HOH 145 1_555 ? ? ? ? ? ? ?            1.973 ? ? 
metalc2  metalc ? ? C MG .  MG ? ? ? 1_555 D HOH .  O  ? ? A MG 25 A HOH 147 1_555 ? ? ? ? ? ? ?            1.999 ? ? 
metalc3  metalc ? ? C MG .  MG ? ? ? 1_555 D HOH .  O  ? ? A MG 25 A HOH 149 1_555 ? ? ? ? ? ? ?            2.000 ? ? 
metalc4  metalc ? ? C MG .  MG ? ? ? 1_555 E HOH .  O  ? ? A MG 25 B HOH 146 1_555 ? ? ? ? ? ? ?            1.988 ? ? 
metalc5  metalc ? ? C MG .  MG ? ? ? 1_555 E HOH .  O  ? ? A MG 25 B HOH 148 1_555 ? ? ? ? ? ? ?            2.041 ? ? 
metalc6  metalc ? ? C MG .  MG ? ? ? 1_555 E HOH .  O  ? ? A MG 25 B HOH 150 1_555 ? ? ? ? ? ? ?            2.000 ? ? 
hydrog1  hydrog ? ? A DC 1  N3 ? ? ? 1_555 B DG  12 N1 ? ? A DC 1  B DG  24  1_555 ? ? ? ? ? ? WATSON-CRICK ?     ? ? 
hydrog2  hydrog ? ? A DC 1  N4 ? ? ? 1_555 B DG  12 O6 ? ? A DC 1  B DG  24  1_555 ? ? ? ? ? ? WATSON-CRICK ?     ? ? 
hydrog3  hydrog ? ? A DC 1  O2 ? ? ? 1_555 B DG  12 N2 ? ? A DC 1  B DG  24  1_555 ? ? ? ? ? ? WATSON-CRICK ?     ? ? 
hydrog4  hydrog ? ? A DG 2  N1 ? ? ? 1_555 B DC  11 N3 ? ? A DG 2  B DC  23  1_555 ? ? ? ? ? ? WATSON-CRICK ?     ? ? 
hydrog5  hydrog ? ? A DG 2  N2 ? ? ? 1_555 B DC  11 O2 ? ? A DG 2  B DC  23  1_555 ? ? ? ? ? ? WATSON-CRICK ?     ? ? 
hydrog6  hydrog ? ? A DG 2  O6 ? ? ? 1_555 B DC  11 N4 ? ? A DG 2  B DC  23  1_555 ? ? ? ? ? ? WATSON-CRICK ?     ? ? 
hydrog7  hydrog ? ? A DC 3  N3 ? ? ? 1_555 B DG  10 N1 ? ? A DC 3  B DG  22  1_555 ? ? ? ? ? ? WATSON-CRICK ?     ? ? 
hydrog8  hydrog ? ? A DC 3  N4 ? ? ? 1_555 B DG  10 O6 ? ? A DC 3  B DG  22  1_555 ? ? ? ? ? ? WATSON-CRICK ?     ? ? 
hydrog9  hydrog ? ? A DC 3  O2 ? ? ? 1_555 B DG  10 N2 ? ? A DC 3  B DG  22  1_555 ? ? ? ? ? ? WATSON-CRICK ?     ? ? 
hydrog10 hydrog ? ? A DG 4  N1 ? ? ? 1_555 B DC  9  N3 ? ? A DG 4  B DC  21  1_555 ? ? ? ? ? ? WATSON-CRICK ?     ? ? 
hydrog11 hydrog ? ? A DG 4  N2 ? ? ? 1_555 B DC  9  O2 ? ? A DG 4  B DC  21  1_555 ? ? ? ? ? ? WATSON-CRICK ?     ? ? 
hydrog12 hydrog ? ? A DG 4  O6 ? ? ? 1_555 B DC  9  N4 ? ? A DG 4  B DC  21  1_555 ? ? ? ? ? ? WATSON-CRICK ?     ? ? 
hydrog13 hydrog ? ? A DA 5  N1 ? ? ? 1_555 B DU  8  N3 ? ? A DA 5  B DU  20  1_555 ? ? ? ? ? ? WATSON-CRICK ?     ? ? 
hydrog14 hydrog ? ? A DA 5  N6 ? ? ? 1_555 B DU  8  O4 ? ? A DA 5  B DU  20  1_555 ? ? ? ? ? ? WATSON-CRICK ?     ? ? 
hydrog15 hydrog ? ? A DA 6  N1 ? ? ? 1_555 B DU  7  N3 ? ? A DA 6  B DU  19  1_555 ? ? ? ? ? ? WATSON-CRICK ?     ? ? 
hydrog16 hydrog ? ? A DA 6  N6 ? ? ? 1_555 B DU  7  O4 ? ? A DA 6  B DU  19  1_555 ? ? ? ? ? ? WATSON-CRICK ?     ? ? 
hydrog17 hydrog ? ? A DU 7  N3 ? ? ? 1_555 B DA  6  N1 ? ? A DU 7  B DA  18  1_555 ? ? ? ? ? ? WATSON-CRICK ?     ? ? 
hydrog18 hydrog ? ? A DU 7  O4 ? ? ? 1_555 B DA  6  N6 ? ? A DU 7  B DA  18  1_555 ? ? ? ? ? ? WATSON-CRICK ?     ? ? 
hydrog19 hydrog ? ? A DU 8  N3 ? ? ? 1_555 B DA  5  N1 ? ? A DU 8  B DA  17  1_555 ? ? ? ? ? ? WATSON-CRICK ?     ? ? 
hydrog20 hydrog ? ? A DU 8  O4 ? ? ? 1_555 B DA  5  N6 ? ? A DU 8  B DA  17  1_555 ? ? ? ? ? ? WATSON-CRICK ?     ? ? 
hydrog21 hydrog ? ? A DC 9  N3 ? ? ? 1_555 B DG  4  N1 ? ? A DC 9  B DG  16  1_555 ? ? ? ? ? ? WATSON-CRICK ?     ? ? 
hydrog22 hydrog ? ? A DC 9  N4 ? ? ? 1_555 B DG  4  O6 ? ? A DC 9  B DG  16  1_555 ? ? ? ? ? ? WATSON-CRICK ?     ? ? 
hydrog23 hydrog ? ? A DC 9  O2 ? ? ? 1_555 B DG  4  N2 ? ? A DC 9  B DG  16  1_555 ? ? ? ? ? ? WATSON-CRICK ?     ? ? 
hydrog24 hydrog ? ? A DG 10 N1 ? ? ? 1_555 B DC  3  N3 ? ? A DG 10 B DC  15  1_555 ? ? ? ? ? ? WATSON-CRICK ?     ? ? 
hydrog25 hydrog ? ? A DG 10 N2 ? ? ? 1_555 B DC  3  O2 ? ? A DG 10 B DC  15  1_555 ? ? ? ? ? ? WATSON-CRICK ?     ? ? 
hydrog26 hydrog ? ? A DG 10 O6 ? ? ? 1_555 B DC  3  N4 ? ? A DG 10 B DC  15  1_555 ? ? ? ? ? ? WATSON-CRICK ?     ? ? 
hydrog27 hydrog ? ? A DC 11 N3 ? ? ? 1_555 B DG  2  N1 ? ? A DC 11 B DG  14  1_555 ? ? ? ? ? ? WATSON-CRICK ?     ? ? 
hydrog28 hydrog ? ? A DC 11 N4 ? ? ? 1_555 B DG  2  O6 ? ? A DC 11 B DG  14  1_555 ? ? ? ? ? ? WATSON-CRICK ?     ? ? 
hydrog29 hydrog ? ? A DC 11 O2 ? ? ? 1_555 B DG  2  N2 ? ? A DC 11 B DG  14  1_555 ? ? ? ? ? ? WATSON-CRICK ?     ? ? 
hydrog30 hydrog ? ? A DG 12 N1 ? ? ? 1_555 B DC  1  N3 ? ? A DG 12 B DC  13  1_555 ? ? ? ? ? ? WATSON-CRICK ?     ? ? 
hydrog31 hydrog ? ? A DG 12 N2 ? ? ? 1_555 B DC  1  O2 ? ? A DG 12 B DC  13  1_555 ? ? ? ? ? ? WATSON-CRICK ?     ? ? 
hydrog32 hydrog ? ? A DG 12 O6 ? ? ? 1_555 B DC  1  N4 ? ? A DG 12 B DC  13  1_555 ? ? ? ? ? ? WATSON-CRICK ?     ? ? 
# 
loop_
_struct_conn_type.id 
_struct_conn_type.criteria 
_struct_conn_type.reference 
metalc ? ? 
hydrog ? ? 
# 
loop_
_pdbx_struct_conn_angle.id 
_pdbx_struct_conn_angle.ptnr1_label_atom_id 
_pdbx_struct_conn_angle.ptnr1_label_alt_id 
_pdbx_struct_conn_angle.ptnr1_label_asym_id 
_pdbx_struct_conn_angle.ptnr1_label_comp_id 
_pdbx_struct_conn_angle.ptnr1_label_seq_id 
_pdbx_struct_conn_angle.ptnr1_auth_atom_id 
_pdbx_struct_conn_angle.ptnr1_auth_asym_id 
_pdbx_struct_conn_angle.ptnr1_auth_comp_id 
_pdbx_struct_conn_angle.ptnr1_auth_seq_id 
_pdbx_struct_conn_angle.ptnr1_PDB_ins_code 
_pdbx_struct_conn_angle.ptnr1_symmetry 
_pdbx_struct_conn_angle.ptnr2_label_atom_id 
_pdbx_struct_conn_angle.ptnr2_label_alt_id 
_pdbx_struct_conn_angle.ptnr2_label_asym_id 
_pdbx_struct_conn_angle.ptnr2_label_comp_id 
_pdbx_struct_conn_angle.ptnr2_label_seq_id 
_pdbx_struct_conn_angle.ptnr2_auth_atom_id 
_pdbx_struct_conn_angle.ptnr2_auth_asym_id 
_pdbx_struct_conn_angle.ptnr2_auth_comp_id 
_pdbx_struct_conn_angle.ptnr2_auth_seq_id 
_pdbx_struct_conn_angle.ptnr2_PDB_ins_code 
_pdbx_struct_conn_angle.ptnr2_symmetry 
_pdbx_struct_conn_angle.ptnr3_label_atom_id 
_pdbx_struct_conn_angle.ptnr3_label_alt_id 
_pdbx_struct_conn_angle.ptnr3_label_asym_id 
_pdbx_struct_conn_angle.ptnr3_label_comp_id 
_pdbx_struct_conn_angle.ptnr3_label_seq_id 
_pdbx_struct_conn_angle.ptnr3_auth_atom_id 
_pdbx_struct_conn_angle.ptnr3_auth_asym_id 
_pdbx_struct_conn_angle.ptnr3_auth_comp_id 
_pdbx_struct_conn_angle.ptnr3_auth_seq_id 
_pdbx_struct_conn_angle.ptnr3_PDB_ins_code 
_pdbx_struct_conn_angle.ptnr3_symmetry 
_pdbx_struct_conn_angle.value 
_pdbx_struct_conn_angle.value_esd 
1  O ? D HOH . ? A HOH 145 ? 1_555 MG ? C MG . ? A MG 25 ? 1_555 O ? D HOH . ? A HOH 147 ? 1_555 89.0  ? 
2  O ? D HOH . ? A HOH 145 ? 1_555 MG ? C MG . ? A MG 25 ? 1_555 O ? D HOH . ? A HOH 149 ? 1_555 86.1  ? 
3  O ? D HOH . ? A HOH 147 ? 1_555 MG ? C MG . ? A MG 25 ? 1_555 O ? D HOH . ? A HOH 149 ? 1_555 92.6  ? 
4  O ? D HOH . ? A HOH 145 ? 1_555 MG ? C MG . ? A MG 25 ? 1_555 O ? E HOH . ? B HOH 146 ? 1_555 174.7 ? 
5  O ? D HOH . ? A HOH 147 ? 1_555 MG ? C MG . ? A MG 25 ? 1_555 O ? E HOH . ? B HOH 146 ? 1_555 88.5  ? 
6  O ? D HOH . ? A HOH 149 ? 1_555 MG ? C MG . ? A MG 25 ? 1_555 O ? E HOH . ? B HOH 146 ? 1_555 89.4  ? 
7  O ? D HOH . ? A HOH 145 ? 1_555 MG ? C MG . ? A MG 25 ? 1_555 O ? E HOH . ? B HOH 148 ? 1_555 94.7  ? 
8  O ? D HOH . ? A HOH 147 ? 1_555 MG ? C MG . ? A MG 25 ? 1_555 O ? E HOH . ? B HOH 148 ? 1_555 175.6 ? 
9  O ? D HOH . ? A HOH 149 ? 1_555 MG ? C MG . ? A MG 25 ? 1_555 O ? E HOH . ? B HOH 148 ? 1_555 85.2  ? 
10 O ? E HOH . ? B HOH 146 ? 1_555 MG ? C MG . ? A MG 25 ? 1_555 O ? E HOH . ? B HOH 148 ? 1_555 87.6  ? 
11 O ? D HOH . ? A HOH 145 ? 1_555 MG ? C MG . ? A MG 25 ? 1_555 O ? E HOH . ? B HOH 150 ? 1_555 95.1  ? 
12 O ? D HOH . ? A HOH 147 ? 1_555 MG ? C MG . ? A MG 25 ? 1_555 O ? E HOH . ? B HOH 150 ? 1_555 89.6  ? 
13 O ? D HOH . ? A HOH 149 ? 1_555 MG ? C MG . ? A MG 25 ? 1_555 O ? E HOH . ? B HOH 150 ? 1_555 177.5 ? 
14 O ? E HOH . ? B HOH 146 ? 1_555 MG ? C MG . ? A MG 25 ? 1_555 O ? E HOH . ? B HOH 150 ? 1_555 89.6  ? 
15 O ? E HOH . ? B HOH 148 ? 1_555 MG ? C MG . ? A MG 25 ? 1_555 O ? E HOH . ? B HOH 150 ? 1_555 92.5  ? 
# 
_struct_site.id                   AC1 
_struct_site.pdbx_evidence_code   Software 
_struct_site.pdbx_auth_asym_id    A 
_struct_site.pdbx_auth_comp_id    MG 
_struct_site.pdbx_auth_seq_id     25 
_struct_site.pdbx_auth_ins_code   ? 
_struct_site.pdbx_num_residues    6 
_struct_site.details              'BINDING SITE FOR RESIDUE MG A 25' 
# 
loop_
_struct_site_gen.id 
_struct_site_gen.site_id 
_struct_site_gen.pdbx_num_res 
_struct_site_gen.label_comp_id 
_struct_site_gen.label_asym_id 
_struct_site_gen.label_seq_id 
_struct_site_gen.pdbx_auth_ins_code 
_struct_site_gen.auth_comp_id 
_struct_site_gen.auth_asym_id 
_struct_site_gen.auth_seq_id 
_struct_site_gen.label_atom_id 
_struct_site_gen.label_alt_id 
_struct_site_gen.symmetry 
_struct_site_gen.details 
1 AC1 6 HOH D . ? HOH A 145 . ? 1_555 ? 
2 AC1 6 HOH D . ? HOH A 147 . ? 1_555 ? 
3 AC1 6 HOH D . ? HOH A 149 . ? 1_555 ? 
4 AC1 6 HOH E . ? HOH B 146 . ? 1_555 ? 
5 AC1 6 HOH E . ? HOH B 148 . ? 1_555 ? 
6 AC1 6 HOH E . ? HOH B 150 . ? 1_555 ? 
# 
loop_
_pdbx_validate_close_contact.id 
_pdbx_validate_close_contact.PDB_model_num 
_pdbx_validate_close_contact.auth_atom_id_1 
_pdbx_validate_close_contact.auth_asym_id_1 
_pdbx_validate_close_contact.auth_comp_id_1 
_pdbx_validate_close_contact.auth_seq_id_1 
_pdbx_validate_close_contact.PDB_ins_code_1 
_pdbx_validate_close_contact.label_alt_id_1 
_pdbx_validate_close_contact.auth_atom_id_2 
_pdbx_validate_close_contact.auth_asym_id_2 
_pdbx_validate_close_contact.auth_comp_id_2 
_pdbx_validate_close_contact.auth_seq_id_2 
_pdbx_validate_close_contact.PDB_ins_code_2 
_pdbx_validate_close_contact.label_alt_id_2 
_pdbx_validate_close_contact.dist 
1 1 O  A HOH 90 ? ? O A HOH 99 ? ? 2.12 
2 1 N6 B DA  18 ? ? O B HOH 51 ? ? 2.18 
# 
_pdbx_validate_symm_contact.id                1 
_pdbx_validate_symm_contact.PDB_model_num     1 
_pdbx_validate_symm_contact.auth_atom_id_1    O 
_pdbx_validate_symm_contact.auth_asym_id_1    A 
_pdbx_validate_symm_contact.auth_comp_id_1    HOH 
_pdbx_validate_symm_contact.auth_seq_id_1     66 
_pdbx_validate_symm_contact.PDB_ins_code_1    ? 
_pdbx_validate_symm_contact.label_alt_id_1    ? 
_pdbx_validate_symm_contact.site_symmetry_1   1_555 
_pdbx_validate_symm_contact.auth_atom_id_2    O 
_pdbx_validate_symm_contact.auth_asym_id_2    A 
_pdbx_validate_symm_contact.auth_comp_id_2    HOH 
_pdbx_validate_symm_contact.auth_seq_id_2     81 
_pdbx_validate_symm_contact.PDB_ins_code_2    ? 
_pdbx_validate_symm_contact.label_alt_id_2    ? 
_pdbx_validate_symm_contact.site_symmetry_2   3_645 
_pdbx_validate_symm_contact.dist              2.17 
# 
loop_
_pdbx_validate_rmsd_bond.id 
_pdbx_validate_rmsd_bond.PDB_model_num 
_pdbx_validate_rmsd_bond.auth_atom_id_1 
_pdbx_validate_rmsd_bond.auth_asym_id_1 
_pdbx_validate_rmsd_bond.auth_comp_id_1 
_pdbx_validate_rmsd_bond.auth_seq_id_1 
_pdbx_validate_rmsd_bond.PDB_ins_code_1 
_pdbx_validate_rmsd_bond.label_alt_id_1 
_pdbx_validate_rmsd_bond.auth_atom_id_2 
_pdbx_validate_rmsd_bond.auth_asym_id_2 
_pdbx_validate_rmsd_bond.auth_comp_id_2 
_pdbx_validate_rmsd_bond.auth_seq_id_2 
_pdbx_validate_rmsd_bond.PDB_ins_code_2 
_pdbx_validate_rmsd_bond.label_alt_id_2 
_pdbx_validate_rmsd_bond.bond_value 
_pdbx_validate_rmsd_bond.bond_target_value 
_pdbx_validate_rmsd_bond.bond_deviation 
_pdbx_validate_rmsd_bond.bond_standard_deviation 
_pdbx_validate_rmsd_bond.linker_flag 
1  1 C2    A DC 1  ? ? O2    A DC 1  ? ? 1.179 1.240 -0.061 0.009 N 
2  1 "O4'" A DG 2  ? ? "C4'" A DG 2  ? ? 1.386 1.446 -0.060 0.010 N 
3  1 "O3'" A DG 2  ? ? "C3'" A DG 2  ? ? 1.372 1.419 -0.047 0.006 N 
4  1 N7    A DG 2  ? ? C8    A DG 2  ? ? 1.351 1.305 0.046  0.006 N 
5  1 N9    A DG 2  ? ? C4    A DG 2  ? ? 1.435 1.375 0.060  0.008 N 
6  1 P     A DC 3  ? ? "O5'" A DC 3  ? ? 1.670 1.593 0.077  0.010 N 
7  1 "O3'" A DC 3  ? ? "C3'" A DC 3  ? ? 1.381 1.419 -0.038 0.006 N 
8  1 C4    A DC 3  ? ? N4    A DC 3  ? ? 1.401 1.335 0.066  0.009 N 
9  1 N1    A DC 3  ? ? C2    A DC 3  ? ? 1.325 1.397 -0.072 0.010 N 
10 1 N1    A DC 3  ? ? C6    A DC 3  ? ? 1.413 1.367 0.046  0.006 N 
11 1 C4    A DC 3  ? ? C5    A DC 3  ? ? 1.359 1.425 -0.066 0.008 N 
12 1 N7    A DA 5  ? ? C8    A DA 5  ? ? 1.377 1.311 0.066  0.007 N 
13 1 "O4'" A DA 6  ? ? "C1'" A DA 6  ? ? 1.487 1.420 0.067  0.011 N 
14 1 N3    A DA 6  ? ? C4    A DA 6  ? ? 1.386 1.344 0.042  0.006 N 
15 1 C4    A DA 6  ? ? C5    A DA 6  ? ? 1.327 1.383 -0.056 0.007 N 
16 1 C5    A DA 6  ? ? C6    A DA 6  ? ? 1.471 1.406 0.065  0.009 N 
17 1 C5    A DA 6  ? ? N7    A DA 6  ? ? 1.424 1.388 0.036  0.006 N 
18 1 N9    A DA 6  ? ? C4    A DA 6  ? ? 1.437 1.374 0.063  0.006 N 
19 1 "C2'" A DU 7  ? ? "C1'" A DU 7  ? ? 1.582 1.519 0.063  0.010 N 
20 1 C2    A DU 8  ? ? O2    A DU 8  ? ? 1.312 1.219 0.093  0.009 N 
21 1 P     A DC 9  ? ? "O5'" A DC 9  ? ? 1.532 1.593 -0.061 0.010 N 
22 1 "O4'" A DC 9  ? ? "C4'" A DC 9  ? ? 1.368 1.446 -0.078 0.010 N 
23 1 "O3'" A DC 9  ? ? "C3'" A DC 9  ? ? 1.378 1.419 -0.041 0.006 N 
24 1 N1    A DC 9  ? ? C6    A DC 9  ? ? 1.404 1.367 0.037  0.006 N 
25 1 C5    A DC 9  ? ? C6    A DC 9  ? ? 1.410 1.339 0.071  0.008 N 
26 1 C6    A DG 10 ? ? N1    A DG 10 ? ? 1.344 1.391 -0.047 0.007 N 
27 1 N7    A DG 10 ? ? C8    A DG 10 ? ? 1.263 1.305 -0.042 0.006 N 
28 1 C8    A DG 10 ? ? N9    A DG 10 ? ? 1.328 1.374 -0.046 0.007 N 
29 1 "O3'" A DG 10 ? ? P     A DC 11 ? ? 1.692 1.607 0.085  0.012 Y 
30 1 "O4'" A DC 11 ? ? "C4'" A DC 11 ? ? 1.361 1.446 -0.085 0.010 N 
31 1 N1    A DC 11 ? ? C6    A DC 11 ? ? 1.429 1.367 0.062  0.006 N 
32 1 P     A DG 12 ? ? "O5'" A DG 12 ? ? 1.659 1.593 0.066  0.010 N 
33 1 "O4'" A DG 12 ? ? "C1'" A DG 12 ? ? 1.533 1.420 0.113  0.011 N 
34 1 "O4'" B DG 14 ? ? "C1'" B DG 14 ? ? 1.488 1.420 0.068  0.011 N 
35 1 "O3'" B DG 14 ? ? "C3'" B DG 14 ? ? 1.373 1.419 -0.046 0.006 N 
36 1 N1    B DG 14 ? ? C2    B DG 14 ? ? 1.316 1.373 -0.057 0.008 N 
37 1 C2    B DG 14 ? ? N3    B DG 14 ? ? 1.374 1.323 0.051  0.008 N 
38 1 "O4'" B DC 15 ? ? "C1'" B DC 15 ? ? 1.529 1.420 0.109  0.011 N 
39 1 C2    B DA 17 ? ? N3    B DA 17 ? ? 1.395 1.331 0.064  0.009 N 
40 1 N7    B DA 17 ? ? C8    B DA 17 ? ? 1.353 1.311 0.042  0.007 N 
41 1 N9    B DA 17 ? ? C4    B DA 17 ? ? 1.326 1.374 -0.048 0.006 N 
42 1 "O4'" B DA 18 ? ? "C4'" B DA 18 ? ? 1.377 1.446 -0.069 0.010 N 
43 1 N7    B DA 18 ? ? C8    B DA 18 ? ? 1.383 1.311 0.072  0.007 N 
44 1 N9    B DA 18 ? ? C4    B DA 18 ? ? 1.463 1.374 0.089  0.006 N 
45 1 "O4'" B DU 19 ? ? "C1'" B DU 19 ? ? 1.505 1.420 0.085  0.011 N 
46 1 "O4'" B DU 19 ? ? "C4'" B DU 19 ? ? 1.380 1.446 -0.066 0.010 N 
47 1 P     B DU 20 ? ? "O5'" B DU 20 ? ? 1.705 1.593 0.112  0.010 N 
48 1 "O4'" B DU 20 ? ? "C1'" B DU 20 ? ? 1.496 1.420 0.076  0.011 N 
49 1 "O4'" B DU 20 ? ? "C4'" B DU 20 ? ? 1.352 1.446 -0.094 0.010 N 
50 1 P     B DC 21 ? ? "O5'" B DC 21 ? ? 1.657 1.593 0.064  0.010 N 
51 1 "O4'" B DC 21 ? ? "C4'" B DC 21 ? ? 1.373 1.446 -0.073 0.010 N 
52 1 N1    B DC 21 ? ? C6    B DC 21 ? ? 1.451 1.367 0.084  0.006 N 
53 1 C4    B DG 22 ? ? C5    B DG 22 ? ? 1.428 1.379 0.049  0.007 N 
54 1 N7    B DG 22 ? ? C8    B DG 22 ? ? 1.360 1.305 0.055  0.006 N 
55 1 "O3'" B DC 23 ? ? P     B DG 24 ? ? 1.699 1.607 0.092  0.012 Y 
56 1 C5    B DG 24 ? ? N7    B DG 24 ? ? 1.457 1.388 0.069  0.006 N 
# 
loop_
_pdbx_validate_rmsd_angle.id 
_pdbx_validate_rmsd_angle.PDB_model_num 
_pdbx_validate_rmsd_angle.auth_atom_id_1 
_pdbx_validate_rmsd_angle.auth_asym_id_1 
_pdbx_validate_rmsd_angle.auth_comp_id_1 
_pdbx_validate_rmsd_angle.auth_seq_id_1 
_pdbx_validate_rmsd_angle.PDB_ins_code_1 
_pdbx_validate_rmsd_angle.label_alt_id_1 
_pdbx_validate_rmsd_angle.auth_atom_id_2 
_pdbx_validate_rmsd_angle.auth_asym_id_2 
_pdbx_validate_rmsd_angle.auth_comp_id_2 
_pdbx_validate_rmsd_angle.auth_seq_id_2 
_pdbx_validate_rmsd_angle.PDB_ins_code_2 
_pdbx_validate_rmsd_angle.label_alt_id_2 
_pdbx_validate_rmsd_angle.auth_atom_id_3 
_pdbx_validate_rmsd_angle.auth_asym_id_3 
_pdbx_validate_rmsd_angle.auth_comp_id_3 
_pdbx_validate_rmsd_angle.auth_seq_id_3 
_pdbx_validate_rmsd_angle.PDB_ins_code_3 
_pdbx_validate_rmsd_angle.label_alt_id_3 
_pdbx_validate_rmsd_angle.angle_value 
_pdbx_validate_rmsd_angle.angle_target_value 
_pdbx_validate_rmsd_angle.angle_deviation 
_pdbx_validate_rmsd_angle.angle_standard_deviation 
_pdbx_validate_rmsd_angle.linker_flag 
1   1 "O5'" A DC 1  ? ? "C5'" A DC 1  ? ? "C4'" A DC 1  ? ? 102.43 109.40 -6.97  0.80 N 
2   1 "O4'" A DC 1  ? ? "C1'" A DC 1  ? ? N1    A DC 1  ? ? 110.93 108.30 2.63   0.30 N 
3   1 N3    A DC 1  ? ? C4    A DC 1  ? ? C5    A DC 1  ? ? 118.47 121.90 -3.43  0.40 N 
4   1 C4    A DC 1  ? ? C5    A DC 1  ? ? C6    A DC 1  ? ? 120.68 117.40 3.28   0.50 N 
5   1 N1    A DC 1  ? ? C2    A DC 1  ? ? O2    A DC 1  ? ? 122.54 118.90 3.64   0.60 N 
6   1 N3    A DC 1  ? ? C2    A DC 1  ? ? O2    A DC 1  ? ? 117.50 121.90 -4.40  0.70 N 
7   1 "C3'" A DC 1  ? ? "O3'" A DC 1  ? ? P     A DG 2  ? ? 138.79 119.70 19.09  1.20 Y 
8   1 "O5'" A DG 2  ? ? "C5'" A DG 2  ? ? "C4'" A DG 2  ? ? 103.87 109.40 -5.53  0.80 N 
9   1 "O4'" A DG 2  ? ? "C4'" A DG 2  ? ? "C3'" A DG 2  ? ? 101.32 104.50 -3.18  0.40 N 
10  1 "C5'" A DG 2  ? ? "C4'" A DG 2  ? ? "O4'" A DG 2  ? ? 117.40 109.80 7.60   1.10 N 
11  1 "C1'" A DG 2  ? ? "O4'" A DG 2  ? ? "C4'" A DG 2  ? ? 116.93 110.30 6.63   0.70 N 
12  1 "O4'" A DG 2  ? ? "C1'" A DG 2  ? ? N9    A DG 2  ? ? 114.98 108.30 6.68   0.30 N 
13  1 C6    A DG 2  ? ? N1    A DG 2  ? ? C2    A DG 2  ? ? 118.54 125.10 -6.56  0.60 N 
14  1 N1    A DG 2  ? ? C2    A DG 2  ? ? N3    A DG 2  ? ? 129.79 123.90 5.89   0.60 N 
15  1 C5    A DG 2  ? ? C6    A DG 2  ? ? N1    A DG 2  ? ? 116.67 111.50 5.17   0.50 N 
16  1 N7    A DG 2  ? ? C8    A DG 2  ? ? N9    A DG 2  ? ? 116.38 113.10 3.28   0.50 N 
17  1 C8    A DG 2  ? ? N9    A DG 2  ? ? C4    A DG 2  ? ? 103.27 106.40 -3.13  0.40 N 
18  1 N3    A DG 2  ? ? C2    A DG 2  ? ? N2    A DG 2  ? ? 112.70 119.90 -7.20  0.70 N 
19  1 N1    A DG 2  ? ? C6    A DG 2  ? ? O6    A DG 2  ? ? 115.21 119.90 -4.69  0.60 N 
20  1 C8    A DG 2  ? ? N9    A DG 2  ? ? "C1'" A DG 2  ? ? 136.19 127.00 9.19   1.30 N 
21  1 "C3'" A DG 2  ? ? "O3'" A DG 2  ? ? P     A DC 3  ? ? 132.73 119.70 13.03  1.20 Y 
22  1 C2    A DC 3  ? ? N3    A DC 3  ? ? C4    A DC 3  ? ? 123.57 119.90 3.67   0.50 N 
23  1 N3    A DC 3  ? ? C4    A DC 3  ? ? N4    A DC 3  ? ? 112.60 118.00 -5.40  0.70 N 
24  1 C5    A DC 3  ? ? C4    A DC 3  ? ? N4    A DC 3  ? ? 125.96 120.20 5.76   0.70 N 
25  1 "C3'" A DC 3  ? ? "O3'" A DC 3  ? ? P     A DG 4  ? ? 128.33 119.70 8.63   1.20 Y 
26  1 "O5'" A DG 4  ? ? "C5'" A DG 4  ? ? "C4'" A DG 4  ? ? 100.32 109.40 -9.08  0.80 N 
27  1 P     A DG 4  ? ? "O5'" A DG 4  ? ? "C5'" A DG 4  ? ? 108.90 120.90 -12.00 1.60 N 
28  1 "C3'" A DG 4  ? ? "C2'" A DG 4  ? ? "C1'" A DG 4  ? ? 96.82  102.40 -5.58  0.80 N 
29  1 "O4'" A DG 4  ? ? "C1'" A DG 4  ? ? "C2'" A DG 4  ? ? 112.02 106.80 5.22   0.50 N 
30  1 C6    A DG 4  ? ? N1    A DG 4  ? ? C2    A DG 4  ? ? 120.30 125.10 -4.80  0.60 N 
31  1 C5    A DG 4  ? ? C6    A DG 4  ? ? N1    A DG 4  ? ? 114.52 111.50 3.02   0.50 N 
32  1 C4    A DG 4  ? ? C5    A DG 4  ? ? N7    A DG 4  ? ? 108.40 110.80 -2.40  0.40 N 
33  1 N3    A DG 4  ? ? C2    A DG 4  ? ? N2    A DG 4  ? ? 114.01 119.90 -5.89  0.70 N 
34  1 N1    A DG 4  ? ? C6    A DG 4  ? ? O6    A DG 4  ? ? 115.17 119.90 -4.73  0.60 N 
35  1 "C3'" A DG 4  ? ? "O3'" A DG 4  ? ? P     A DA 5  ? ? 128.62 119.70 8.92   1.20 Y 
36  1 "O4'" A DA 5  ? ? "C1'" A DA 5  ? ? "C2'" A DA 5  ? ? 100.22 105.90 -5.68  0.80 N 
37  1 C6    A DA 5  ? ? N1    A DA 5  ? ? C2    A DA 5  ? ? 125.56 118.60 6.96   0.60 N 
38  1 N1    A DA 5  ? ? C2    A DA 5  ? ? N3    A DA 5  ? ? 123.61 129.30 -5.69  0.50 N 
39  1 C5    A DA 5  ? ? C6    A DA 5  ? ? N1    A DA 5  ? ? 113.28 117.70 -4.42  0.50 N 
40  1 N9    A DA 5  ? ? C4    A DA 5  ? ? C5    A DA 5  ? ? 108.43 105.80 2.63   0.40 N 
41  1 "C3'" A DA 5  ? ? "O3'" A DA 5  ? ? P     A DA 6  ? ? 135.55 119.70 15.85  1.20 Y 
42  1 OP1   A DA 6  ? ? P     A DA 6  ? ? OP2   A DA 6  ? ? 108.99 119.60 -10.61 1.50 N 
43  1 "O5'" A DA 6  ? ? P     A DA 6  ? ? OP2   A DA 6  ? ? 123.49 110.70 12.79  1.20 N 
44  1 "O5'" A DA 6  ? ? "C5'" A DA 6  ? ? "C4'" A DA 6  ? ? 103.17 109.40 -6.23  0.80 N 
45  1 C6    A DA 6  ? ? N1    A DA 6  ? ? C2    A DA 6  ? ? 128.24 118.60 9.64   0.60 N 
46  1 N1    A DA 6  ? ? C2    A DA 6  ? ? N3    A DA 6  ? ? 123.51 129.30 -5.79  0.50 N 
47  1 N3    A DA 6  ? ? C4    A DA 6  ? ? C5    A DA 6  ? ? 131.07 126.80 4.27   0.70 N 
48  1 C5    A DA 6  ? ? C6    A DA 6  ? ? N1    A DA 6  ? ? 111.29 117.70 -6.41  0.50 N 
49  1 C4    A DA 6  ? ? C5    A DA 6  ? ? N7    A DA 6  ? ? 114.16 110.70 3.46   0.50 N 
50  1 C5    A DA 6  ? ? N7    A DA 6  ? ? C8    A DA 6  ? ? 99.67  103.90 -4.23  0.50 N 
51  1 N7    A DA 6  ? ? C8    A DA 6  ? ? N9    A DA 6  ? ? 117.31 113.80 3.51   0.50 N 
52  1 N1    A DA 6  ? ? C6    A DA 6  ? ? N6    A DA 6  ? ? 127.82 118.60 9.22   0.60 N 
53  1 "C3'" A DA 6  ? ? "O3'" A DA 6  ? ? P     A DU 7  ? ? 127.57 119.70 7.87   1.20 Y 
54  1 "O3'" A DA 6  ? ? P     A DU 7  ? ? OP1   A DU 7  ? ? 118.11 110.50 7.61   1.10 Y 
55  1 OP1   A DU 7  ? ? P     A DU 7  ? ? OP2   A DU 7  ? ? 102.14 119.60 -17.46 1.50 N 
56  1 "O5'" A DU 7  ? ? "C5'" A DU 7  ? ? "C4'" A DU 7  ? ? 97.58  109.40 -11.82 0.80 N 
57  1 N3    A DU 7  ? ? C4    A DU 7  ? ? C5    A DU 7  ? ? 119.08 114.60 4.48   0.60 N 
58  1 C4    A DU 7  ? ? C5    A DU 7  ? ? C6    A DU 7  ? ? 114.20 119.70 -5.50  0.60 N 
59  1 N3    A DU 7  ? ? C4    A DU 7  ? ? O4    A DU 7  ? ? 113.07 119.40 -6.33  0.70 N 
60  1 OP1   A DU 8  ? ? P     A DU 8  ? ? OP2   A DU 8  ? ? 108.67 119.60 -10.93 1.50 N 
61  1 "O5'" A DU 8  ? ? "C5'" A DU 8  ? ? "C4'" A DU 8  ? ? 102.83 109.40 -6.57  0.80 N 
62  1 N1    A DU 8  ? ? C2    A DU 8  ? ? N3    A DU 8  ? ? 122.53 114.90 7.63   0.60 N 
63  1 C2    A DU 8  ? ? N3    A DU 8  ? ? C4    A DU 8  ? ? 116.82 127.00 -10.18 0.60 N 
64  1 N3    A DU 8  ? ? C4    A DU 8  ? ? C5    A DU 8  ? ? 121.44 114.60 6.84   0.60 N 
65  1 N3    A DU 8  ? ? C2    A DU 8  ? ? O2    A DU 8  ? ? 117.86 122.20 -4.34  0.70 N 
66  1 N3    A DU 8  ? ? C4    A DU 8  ? ? O4    A DU 8  ? ? 112.35 119.40 -7.05  0.70 N 
67  1 OP1   A DC 9  ? ? P     A DC 9  ? ? OP2   A DC 9  ? ? 105.89 119.60 -13.71 1.50 N 
68  1 "O5'" A DC 9  ? ? P     A DC 9  ? ? OP1   A DC 9  ? ? 130.04 110.70 19.34  1.20 N 
69  1 "O5'" A DC 9  ? ? P     A DC 9  ? ? OP2   A DC 9  ? ? 99.77  105.70 -5.93  0.90 N 
70  1 "O5'" A DC 9  ? ? "C5'" A DC 9  ? ? "C4'" A DC 9  ? ? 102.43 109.40 -6.97  0.80 N 
71  1 "O4'" A DC 9  ? ? "C1'" A DC 9  ? ? N1    A DC 9  ? ? 102.56 108.00 -5.44  0.70 N 
72  1 C5    A DC 9  ? ? C6    A DC 9  ? ? N1    A DC 9  ? ? 117.87 121.00 -3.13  0.50 N 
73  1 "C3'" A DC 9  ? ? "O3'" A DC 9  ? ? P     A DG 10 ? ? 139.02 119.70 19.32  1.20 Y 
74  1 "O5'" A DG 10 ? ? P     A DG 10 ? ? OP2   A DG 10 ? ? 123.05 110.70 12.35  1.20 N 
75  1 "O5'" A DG 10 ? ? "C5'" A DG 10 ? ? "C4'" A DG 10 ? ? 101.73 109.40 -7.67  0.80 N 
76  1 "C3'" A DG 10 ? ? "C2'" A DG 10 ? ? "C1'" A DG 10 ? ? 92.03  102.40 -10.37 0.80 N 
77  1 C5    A DG 10 ? ? C6    A DG 10 ? ? O6    A DG 10 ? ? 123.02 128.60 -5.58  0.60 N 
78  1 C5    A DC 11 ? ? C6    A DC 11 ? ? N1    A DC 11 ? ? 117.56 121.00 -3.44  0.50 N 
79  1 "C3'" A DC 11 ? ? "O3'" A DC 11 ? ? P     A DG 12 ? ? 131.28 119.70 11.58  1.20 Y 
80  1 "O5'" A DG 12 ? ? "C5'" A DG 12 ? ? "C4'" A DG 12 ? ? 97.71  109.40 -11.69 0.80 N 
81  1 "C1'" A DG 12 ? ? "O4'" A DG 12 ? ? "C4'" A DG 12 ? ? 102.29 110.10 -7.81  1.00 N 
82  1 "O4'" A DG 12 ? ? "C1'" A DG 12 ? ? N9    A DG 12 ? ? 101.76 108.00 -6.24  0.70 N 
83  1 C6    A DG 12 ? ? N1    A DG 12 ? ? C2    A DG 12 ? ? 120.84 125.10 -4.26  0.60 N 
84  1 C5    A DG 12 ? ? C6    A DG 12 ? ? N1    A DG 12 ? ? 115.34 111.50 3.84   0.50 N 
85  1 C5    A DG 12 ? ? C6    A DG 12 ? ? O6    A DG 12 ? ? 124.05 128.60 -4.55  0.60 N 
86  1 "O5'" B DC 13 ? ? "C5'" B DC 13 ? ? "C4'" B DC 13 ? ? 104.13 109.40 -5.27  0.80 N 
87  1 "C3'" B DC 13 ? ? "C2'" B DC 13 ? ? "C1'" B DC 13 ? ? 95.33  102.40 -7.07  0.80 N 
88  1 "O4'" B DC 13 ? ? "C1'" B DC 13 ? ? N1    B DC 13 ? ? 113.97 108.30 5.67   0.30 N 
89  1 N1    B DC 13 ? ? C2    B DC 13 ? ? O2    B DC 13 ? ? 122.96 118.90 4.06   0.60 N 
90  1 "O5'" B DG 14 ? ? "C5'" B DG 14 ? ? "C4'" B DG 14 ? ? 98.96  109.40 -10.44 0.80 N 
91  1 N3    B DG 14 ? ? C2    B DG 14 ? ? N2    B DG 14 ? ? 113.29 119.90 -6.61  0.70 N 
92  1 N1    B DG 14 ? ? C6    B DG 14 ? ? O6    B DG 14 ? ? 124.94 119.90 5.04   0.60 N 
93  1 C5    B DG 14 ? ? C6    B DG 14 ? ? O6    B DG 14 ? ? 120.82 128.60 -7.78  0.60 N 
94  1 "O5'" B DC 15 ? ? "C5'" B DC 15 ? ? "C4'" B DC 15 ? ? 100.49 109.40 -8.91  0.80 N 
95  1 "C1'" B DC 15 ? ? "O4'" B DC 15 ? ? "C4'" B DC 15 ? ? 102.09 110.10 -8.01  1.00 N 
96  1 "O4'" B DC 15 ? ? "C1'" B DC 15 ? ? "C2'" B DC 15 ? ? 110.96 106.80 4.16   0.50 N 
97  1 "O4'" B DC 15 ? ? "C1'" B DC 15 ? ? N1    B DC 15 ? ? 102.28 108.00 -5.72  0.70 N 
98  1 N1    B DC 15 ? ? C2    B DC 15 ? ? O2    B DC 15 ? ? 110.89 118.90 -8.01  0.60 N 
99  1 N3    B DC 15 ? ? C2    B DC 15 ? ? O2    B DC 15 ? ? 130.24 121.90 8.34   0.70 N 
100 1 N3    B DC 15 ? ? C4    B DC 15 ? ? N4    B DC 15 ? ? 125.41 118.00 7.41   0.70 N 
101 1 C5    B DC 15 ? ? C4    B DC 15 ? ? N4    B DC 15 ? ? 113.56 120.20 -6.64  0.70 N 
102 1 "O3'" B DC 15 ? ? P     B DG 16 ? ? OP1   B DG 16 ? ? 117.67 110.50 7.17   1.10 Y 
103 1 OP1   B DG 16 ? ? P     B DG 16 ? ? OP2   B DG 16 ? ? 110.40 119.60 -9.20  1.50 N 
104 1 "O5'" B DG 16 ? ? "C5'" B DG 16 ? ? "C4'" B DG 16 ? ? 101.00 109.40 -8.40  0.80 N 
105 1 P     B DG 16 ? ? "O5'" B DG 16 ? ? "C5'" B DG 16 ? ? 107.06 120.90 -13.84 1.60 N 
106 1 "C3'" B DG 16 ? ? "C2'" B DG 16 ? ? "C1'" B DG 16 ? ? 95.13  102.40 -7.27  0.80 N 
107 1 "O4'" B DG 16 ? ? "C1'" B DG 16 ? ? N9    B DG 16 ? ? 116.09 108.30 7.79   0.30 N 
108 1 C6    B DG 16 ? ? N1    B DG 16 ? ? C2    B DG 16 ? ? 120.58 125.10 -4.52  0.60 N 
109 1 N1    B DG 16 ? ? C2    B DG 16 ? ? N3    B DG 16 ? ? 128.04 123.90 4.14   0.60 N 
110 1 N1    B DG 16 ? ? C2    B DG 16 ? ? N2    B DG 16 ? ? 110.49 116.20 -5.71  0.90 N 
111 1 N1    B DG 16 ? ? C6    B DG 16 ? ? O6    B DG 16 ? ? 114.94 119.90 -4.96  0.60 N 
112 1 "C3'" B DG 16 ? ? "O3'" B DG 16 ? ? P     B DA 17 ? ? 136.96 119.70 17.26  1.20 Y 
113 1 "O5'" B DA 17 ? ? P     B DA 17 ? ? OP1   B DA 17 ? ? 124.92 110.70 14.22  1.20 N 
114 1 "O4'" B DA 17 ? ? "C1'" B DA 17 ? ? N9    B DA 17 ? ? 98.02  108.00 -9.98  0.70 N 
115 1 C2    B DA 17 ? ? N3    B DA 17 ? ? C4    B DA 17 ? ? 105.76 110.60 -4.84  0.50 N 
116 1 N3    B DA 17 ? ? C4    B DA 17 ? ? C5    B DA 17 ? ? 131.41 126.80 4.61   0.70 N 
117 1 C5    B DA 17 ? ? N7    B DA 17 ? ? C8    B DA 17 ? ? 100.15 103.90 -3.75  0.50 N 
118 1 N3    B DA 17 ? ? C4    B DA 17 ? ? N9    B DA 17 ? ? 122.05 127.40 -5.35  0.80 N 
119 1 N1    B DA 17 ? ? C6    B DA 17 ? ? N6    B DA 17 ? ? 123.27 118.60 4.67   0.60 N 
120 1 "O5'" B DA 18 ? ? P     B DA 18 ? ? OP1   B DA 18 ? ? 120.71 110.70 10.01  1.20 N 
121 1 "O4'" B DA 18 ? ? "C1'" B DA 18 ? ? N9    B DA 18 ? ? 110.57 108.30 2.27   0.30 N 
122 1 C6    B DA 18 ? ? N1    B DA 18 ? ? C2    B DA 18 ? ? 122.69 118.60 4.09   0.60 N 
123 1 N1    B DA 18 ? ? C6    B DA 18 ? ? N6    B DA 18 ? ? 122.37 118.60 3.77   0.60 N 
124 1 "O5'" B DU 19 ? ? P     B DU 19 ? ? OP2   B DU 19 ? ? 121.57 110.70 10.87  1.20 N 
125 1 "C1'" B DU 19 ? ? "O4'" B DU 19 ? ? "C4'" B DU 19 ? ? 100.81 110.10 -9.29  1.00 N 
126 1 "O4'" B DU 19 ? ? "C1'" B DU 19 ? ? "C2'" B DU 19 ? ? 110.98 106.80 4.18   0.50 N 
127 1 "O4'" B DU 19 ? ? "C1'" B DU 19 ? ? N1    B DU 19 ? ? 102.42 108.00 -5.58  0.70 N 
128 1 C2    B DU 19 ? ? N3    B DU 19 ? ? C4    B DU 19 ? ? 120.79 127.00 -6.21  0.60 N 
129 1 N3    B DU 19 ? ? C4    B DU 19 ? ? C5    B DU 19 ? ? 121.35 114.60 6.75   0.60 N 
130 1 N1    B DU 19 ? ? C2    B DU 19 ? ? O2    B DU 19 ? ? 115.74 122.80 -7.06  0.70 N 
131 1 C5    B DU 19 ? ? C4    B DU 19 ? ? O4    B DU 19 ? ? 116.12 125.90 -9.78  0.60 N 
132 1 OP1   B DU 20 ? ? P     B DU 20 ? ? OP2   B DU 20 ? ? 133.50 119.60 13.90  1.50 N 
133 1 "O5'" B DU 20 ? ? "C5'" B DU 20 ? ? "C4'" B DU 20 ? ? 101.65 109.40 -7.75  0.80 N 
134 1 "C5'" B DU 20 ? ? "C4'" B DU 20 ? ? "O4'" B DU 20 ? ? 117.66 109.80 7.86   1.10 N 
135 1 "O4'" B DU 20 ? ? "C1'" B DU 20 ? ? "C2'" B DU 20 ? ? 99.20  105.90 -6.70  0.80 N 
136 1 C2    B DU 20 ? ? N3    B DU 20 ? ? C4    B DU 20 ? ? 121.28 127.00 -5.72  0.60 N 
137 1 N3    B DU 20 ? ? C4    B DU 20 ? ? C5    B DU 20 ? ? 119.77 114.60 5.17   0.60 N 
138 1 C4    B DU 20 ? ? C5    B DU 20 ? ? C6    B DU 20 ? ? 115.33 119.70 -4.37  0.60 N 
139 1 C5    B DU 20 ? ? C4    B DU 20 ? ? O4    B DU 20 ? ? 121.86 125.90 -4.04  0.60 N 
140 1 "C3'" B DU 20 ? ? "O3'" B DU 20 ? ? P     B DC 21 ? ? 131.96 119.70 12.26  1.20 Y 
141 1 P     B DC 21 ? ? "O5'" B DC 21 ? ? "C5'" B DC 21 ? ? 104.94 120.90 -15.96 1.60 N 
142 1 "O4'" B DC 21 ? ? "C4'" B DC 21 ? ? "C3'" B DC 21 ? ? 100.65 104.50 -3.85  0.40 N 
143 1 "C5'" B DC 21 ? ? "C4'" B DC 21 ? ? "O4'" B DC 21 ? ? 117.77 109.80 7.97   1.10 N 
144 1 "C4'" B DC 21 ? ? "C3'" B DC 21 ? ? "C2'" B DC 21 ? ? 109.92 103.10 6.82   0.90 N 
145 1 "O4'" B DC 21 ? ? "C1'" B DC 21 ? ? "C2'" B DC 21 ? ? 99.91  105.90 -5.99  0.80 N 
146 1 "O5'" B DG 22 ? ? P     B DG 22 ? ? OP1   B DG 22 ? ? 119.56 110.70 8.86   1.20 N 
147 1 "O5'" B DG 22 ? ? P     B DG 22 ? ? OP2   B DG 22 ? ? 100.21 105.70 -5.49  0.90 N 
148 1 "C3'" B DG 22 ? ? "C2'" B DG 22 ? ? "C1'" B DG 22 ? ? 92.22  102.40 -10.18 0.80 N 
149 1 "O4'" B DG 22 ? ? "C1'" B DG 22 ? ? N9    B DG 22 ? ? 114.03 108.30 5.73   0.30 N 
150 1 C6    B DG 22 ? ? N1    B DG 22 ? ? C2    B DG 22 ? ? 120.62 125.10 -4.48  0.60 N 
151 1 C5    B DG 22 ? ? C6    B DG 22 ? ? N1    B DG 22 ? ? 116.69 111.50 5.19   0.50 N 
152 1 C8    B DG 22 ? ? N9    B DG 22 ? ? C4    B DG 22 ? ? 109.53 106.40 3.13   0.40 N 
153 1 N3    B DG 22 ? ? C4    B DG 22 ? ? N9    B DG 22 ? ? 129.60 126.00 3.60   0.60 N 
154 1 N1    B DG 22 ? ? C2    B DG 22 ? ? N2    B DG 22 ? ? 109.17 116.20 -7.03  0.90 N 
155 1 N3    B DG 22 ? ? C2    B DG 22 ? ? N2    B DG 22 ? ? 124.44 119.90 4.54   0.70 N 
156 1 C5    B DG 22 ? ? C6    B DG 22 ? ? O6    B DG 22 ? ? 123.78 128.60 -4.82  0.60 N 
157 1 "O4'" B DC 23 ? ? "C1'" B DC 23 ? ? N1    B DC 23 ? ? 102.43 108.00 -5.57  0.70 N 
158 1 N3    B DC 23 ? ? C4    B DC 23 ? ? C5    B DC 23 ? ? 119.31 121.90 -2.59  0.40 N 
159 1 C5    B DC 23 ? ? C4    B DC 23 ? ? N4    B DC 23 ? ? 124.74 120.20 4.54   0.70 N 
160 1 C6    B DC 23 ? ? N1    B DC 23 ? ? "C1'" B DC 23 ? ? 128.66 120.80 7.86   1.20 N 
161 1 C2    B DC 23 ? ? N1    B DC 23 ? ? "C1'" B DC 23 ? ? 110.63 118.80 -8.17  1.10 N 
162 1 "O5'" B DG 24 ? ? "C5'" B DG 24 ? ? "C4'" B DG 24 ? ? 100.75 109.40 -8.65  0.80 N 
163 1 C6    B DG 24 ? ? N1    B DG 24 ? ? C2    B DG 24 ? ? 120.02 125.10 -5.08  0.60 N 
164 1 N1    B DG 24 ? ? C2    B DG 24 ? ? N3    B DG 24 ? ? 129.53 123.90 5.63   0.60 N 
165 1 C2    B DG 24 ? ? N3    B DG 24 ? ? C4    B DG 24 ? ? 108.11 111.90 -3.79  0.50 N 
166 1 C5    B DG 24 ? ? N7    B DG 24 ? ? C8    B DG 24 ? ? 100.06 104.30 -4.24  0.50 N 
167 1 N3    B DG 24 ? ? C2    B DG 24 ? ? N2    B DG 24 ? ? 111.57 119.90 -8.33  0.70 N 
168 1 C5    B DG 24 ? ? C6    B DG 24 ? ? O6    B DG 24 ? ? 122.57 128.60 -6.03  0.60 N 
# 
loop_
_chem_comp_atom.comp_id 
_chem_comp_atom.atom_id 
_chem_comp_atom.type_symbol 
_chem_comp_atom.pdbx_aromatic_flag 
_chem_comp_atom.pdbx_stereo_config 
_chem_comp_atom.pdbx_ordinal 
DA  OP3    O  N N 1   
DA  P      P  N N 2   
DA  OP1    O  N N 3   
DA  OP2    O  N N 4   
DA  "O5'"  O  N N 5   
DA  "C5'"  C  N N 6   
DA  "C4'"  C  N R 7   
DA  "O4'"  O  N N 8   
DA  "C3'"  C  N S 9   
DA  "O3'"  O  N N 10  
DA  "C2'"  C  N N 11  
DA  "C1'"  C  N R 12  
DA  N9     N  Y N 13  
DA  C8     C  Y N 14  
DA  N7     N  Y N 15  
DA  C5     C  Y N 16  
DA  C6     C  Y N 17  
DA  N6     N  N N 18  
DA  N1     N  Y N 19  
DA  C2     C  Y N 20  
DA  N3     N  Y N 21  
DA  C4     C  Y N 22  
DA  HOP3   H  N N 23  
DA  HOP2   H  N N 24  
DA  "H5'"  H  N N 25  
DA  "H5''" H  N N 26  
DA  "H4'"  H  N N 27  
DA  "H3'"  H  N N 28  
DA  "HO3'" H  N N 29  
DA  "H2'"  H  N N 30  
DA  "H2''" H  N N 31  
DA  "H1'"  H  N N 32  
DA  H8     H  N N 33  
DA  H61    H  N N 34  
DA  H62    H  N N 35  
DA  H2     H  N N 36  
DC  OP3    O  N N 37  
DC  P      P  N N 38  
DC  OP1    O  N N 39  
DC  OP2    O  N N 40  
DC  "O5'"  O  N N 41  
DC  "C5'"  C  N N 42  
DC  "C4'"  C  N R 43  
DC  "O4'"  O  N N 44  
DC  "C3'"  C  N S 45  
DC  "O3'"  O  N N 46  
DC  "C2'"  C  N N 47  
DC  "C1'"  C  N R 48  
DC  N1     N  N N 49  
DC  C2     C  N N 50  
DC  O2     O  N N 51  
DC  N3     N  N N 52  
DC  C4     C  N N 53  
DC  N4     N  N N 54  
DC  C5     C  N N 55  
DC  C6     C  N N 56  
DC  HOP3   H  N N 57  
DC  HOP2   H  N N 58  
DC  "H5'"  H  N N 59  
DC  "H5''" H  N N 60  
DC  "H4'"  H  N N 61  
DC  "H3'"  H  N N 62  
DC  "HO3'" H  N N 63  
DC  "H2'"  H  N N 64  
DC  "H2''" H  N N 65  
DC  "H1'"  H  N N 66  
DC  H41    H  N N 67  
DC  H42    H  N N 68  
DC  H5     H  N N 69  
DC  H6     H  N N 70  
DG  OP3    O  N N 71  
DG  P      P  N N 72  
DG  OP1    O  N N 73  
DG  OP2    O  N N 74  
DG  "O5'"  O  N N 75  
DG  "C5'"  C  N N 76  
DG  "C4'"  C  N R 77  
DG  "O4'"  O  N N 78  
DG  "C3'"  C  N S 79  
DG  "O3'"  O  N N 80  
DG  "C2'"  C  N N 81  
DG  "C1'"  C  N R 82  
DG  N9     N  Y N 83  
DG  C8     C  Y N 84  
DG  N7     N  Y N 85  
DG  C5     C  Y N 86  
DG  C6     C  N N 87  
DG  O6     O  N N 88  
DG  N1     N  N N 89  
DG  C2     C  N N 90  
DG  N2     N  N N 91  
DG  N3     N  N N 92  
DG  C4     C  Y N 93  
DG  HOP3   H  N N 94  
DG  HOP2   H  N N 95  
DG  "H5'"  H  N N 96  
DG  "H5''" H  N N 97  
DG  "H4'"  H  N N 98  
DG  "H3'"  H  N N 99  
DG  "HO3'" H  N N 100 
DG  "H2'"  H  N N 101 
DG  "H2''" H  N N 102 
DG  "H1'"  H  N N 103 
DG  H8     H  N N 104 
DG  H1     H  N N 105 
DG  H21    H  N N 106 
DG  H22    H  N N 107 
DU  OP3    O  N N 108 
DU  P      P  N N 109 
DU  OP1    O  N N 110 
DU  OP2    O  N N 111 
DU  "O5'"  O  N N 112 
DU  "C5'"  C  N N 113 
DU  "C4'"  C  N R 114 
DU  "O4'"  O  N N 115 
DU  "C3'"  C  N S 116 
DU  "O3'"  O  N N 117 
DU  "C2'"  C  N N 118 
DU  "C1'"  C  N R 119 
DU  N1     N  N N 120 
DU  C2     C  N N 121 
DU  O2     O  N N 122 
DU  N3     N  N N 123 
DU  C4     C  N N 124 
DU  O4     O  N N 125 
DU  C5     C  N N 126 
DU  C6     C  N N 127 
DU  HOP3   H  N N 128 
DU  HOP2   H  N N 129 
DU  "H5'"  H  N N 130 
DU  "H5''" H  N N 131 
DU  "H4'"  H  N N 132 
DU  "H3'"  H  N N 133 
DU  "HO3'" H  N N 134 
DU  "H2'"  H  N N 135 
DU  "H2''" H  N N 136 
DU  "H1'"  H  N N 137 
DU  H3     H  N N 138 
DU  H5     H  N N 139 
DU  H6     H  N N 140 
HOH O      O  N N 141 
HOH H1     H  N N 142 
HOH H2     H  N N 143 
MG  MG     MG N N 144 
# 
loop_
_chem_comp_bond.comp_id 
_chem_comp_bond.atom_id_1 
_chem_comp_bond.atom_id_2 
_chem_comp_bond.value_order 
_chem_comp_bond.pdbx_aromatic_flag 
_chem_comp_bond.pdbx_stereo_config 
_chem_comp_bond.pdbx_ordinal 
DA  OP3   P      sing N N 1   
DA  OP3   HOP3   sing N N 2   
DA  P     OP1    doub N N 3   
DA  P     OP2    sing N N 4   
DA  P     "O5'"  sing N N 5   
DA  OP2   HOP2   sing N N 6   
DA  "O5'" "C5'"  sing N N 7   
DA  "C5'" "C4'"  sing N N 8   
DA  "C5'" "H5'"  sing N N 9   
DA  "C5'" "H5''" sing N N 10  
DA  "C4'" "O4'"  sing N N 11  
DA  "C4'" "C3'"  sing N N 12  
DA  "C4'" "H4'"  sing N N 13  
DA  "O4'" "C1'"  sing N N 14  
DA  "C3'" "O3'"  sing N N 15  
DA  "C3'" "C2'"  sing N N 16  
DA  "C3'" "H3'"  sing N N 17  
DA  "O3'" "HO3'" sing N N 18  
DA  "C2'" "C1'"  sing N N 19  
DA  "C2'" "H2'"  sing N N 20  
DA  "C2'" "H2''" sing N N 21  
DA  "C1'" N9     sing N N 22  
DA  "C1'" "H1'"  sing N N 23  
DA  N9    C8     sing Y N 24  
DA  N9    C4     sing Y N 25  
DA  C8    N7     doub Y N 26  
DA  C8    H8     sing N N 27  
DA  N7    C5     sing Y N 28  
DA  C5    C6     sing Y N 29  
DA  C5    C4     doub Y N 30  
DA  C6    N6     sing N N 31  
DA  C6    N1     doub Y N 32  
DA  N6    H61    sing N N 33  
DA  N6    H62    sing N N 34  
DA  N1    C2     sing Y N 35  
DA  C2    N3     doub Y N 36  
DA  C2    H2     sing N N 37  
DA  N3    C4     sing Y N 38  
DC  OP3   P      sing N N 39  
DC  OP3   HOP3   sing N N 40  
DC  P     OP1    doub N N 41  
DC  P     OP2    sing N N 42  
DC  P     "O5'"  sing N N 43  
DC  OP2   HOP2   sing N N 44  
DC  "O5'" "C5'"  sing N N 45  
DC  "C5'" "C4'"  sing N N 46  
DC  "C5'" "H5'"  sing N N 47  
DC  "C5'" "H5''" sing N N 48  
DC  "C4'" "O4'"  sing N N 49  
DC  "C4'" "C3'"  sing N N 50  
DC  "C4'" "H4'"  sing N N 51  
DC  "O4'" "C1'"  sing N N 52  
DC  "C3'" "O3'"  sing N N 53  
DC  "C3'" "C2'"  sing N N 54  
DC  "C3'" "H3'"  sing N N 55  
DC  "O3'" "HO3'" sing N N 56  
DC  "C2'" "C1'"  sing N N 57  
DC  "C2'" "H2'"  sing N N 58  
DC  "C2'" "H2''" sing N N 59  
DC  "C1'" N1     sing N N 60  
DC  "C1'" "H1'"  sing N N 61  
DC  N1    C2     sing N N 62  
DC  N1    C6     sing N N 63  
DC  C2    O2     doub N N 64  
DC  C2    N3     sing N N 65  
DC  N3    C4     doub N N 66  
DC  C4    N4     sing N N 67  
DC  C4    C5     sing N N 68  
DC  N4    H41    sing N N 69  
DC  N4    H42    sing N N 70  
DC  C5    C6     doub N N 71  
DC  C5    H5     sing N N 72  
DC  C6    H6     sing N N 73  
DG  OP3   P      sing N N 74  
DG  OP3   HOP3   sing N N 75  
DG  P     OP1    doub N N 76  
DG  P     OP2    sing N N 77  
DG  P     "O5'"  sing N N 78  
DG  OP2   HOP2   sing N N 79  
DG  "O5'" "C5'"  sing N N 80  
DG  "C5'" "C4'"  sing N N 81  
DG  "C5'" "H5'"  sing N N 82  
DG  "C5'" "H5''" sing N N 83  
DG  "C4'" "O4'"  sing N N 84  
DG  "C4'" "C3'"  sing N N 85  
DG  "C4'" "H4'"  sing N N 86  
DG  "O4'" "C1'"  sing N N 87  
DG  "C3'" "O3'"  sing N N 88  
DG  "C3'" "C2'"  sing N N 89  
DG  "C3'" "H3'"  sing N N 90  
DG  "O3'" "HO3'" sing N N 91  
DG  "C2'" "C1'"  sing N N 92  
DG  "C2'" "H2'"  sing N N 93  
DG  "C2'" "H2''" sing N N 94  
DG  "C1'" N9     sing N N 95  
DG  "C1'" "H1'"  sing N N 96  
DG  N9    C8     sing Y N 97  
DG  N9    C4     sing Y N 98  
DG  C8    N7     doub Y N 99  
DG  C8    H8     sing N N 100 
DG  N7    C5     sing Y N 101 
DG  C5    C6     sing N N 102 
DG  C5    C4     doub Y N 103 
DG  C6    O6     doub N N 104 
DG  C6    N1     sing N N 105 
DG  N1    C2     sing N N 106 
DG  N1    H1     sing N N 107 
DG  C2    N2     sing N N 108 
DG  C2    N3     doub N N 109 
DG  N2    H21    sing N N 110 
DG  N2    H22    sing N N 111 
DG  N3    C4     sing N N 112 
DU  OP3   P      sing N N 113 
DU  OP3   HOP3   sing N N 114 
DU  P     OP1    doub N N 115 
DU  P     OP2    sing N N 116 
DU  P     "O5'"  sing N N 117 
DU  OP2   HOP2   sing N N 118 
DU  "O5'" "C5'"  sing N N 119 
DU  "C5'" "C4'"  sing N N 120 
DU  "C5'" "H5'"  sing N N 121 
DU  "C5'" "H5''" sing N N 122 
DU  "C4'" "O4'"  sing N N 123 
DU  "C4'" "C3'"  sing N N 124 
DU  "C4'" "H4'"  sing N N 125 
DU  "O4'" "C1'"  sing N N 126 
DU  "C3'" "O3'"  sing N N 127 
DU  "C3'" "C2'"  sing N N 128 
DU  "C3'" "H3'"  sing N N 129 
DU  "O3'" "HO3'" sing N N 130 
DU  "C2'" "C1'"  sing N N 131 
DU  "C2'" "H2'"  sing N N 132 
DU  "C2'" "H2''" sing N N 133 
DU  "C1'" N1     sing N N 134 
DU  "C1'" "H1'"  sing N N 135 
DU  N1    C2     sing N N 136 
DU  N1    C6     sing N N 137 
DU  C2    O2     doub N N 138 
DU  C2    N3     sing N N 139 
DU  N3    C4     sing N N 140 
DU  N3    H3     sing N N 141 
DU  C4    O4     doub N N 142 
DU  C4    C5     sing N N 143 
DU  C5    C6     doub N N 144 
DU  C5    H5     sing N N 145 
DU  C6    H6     sing N N 146 
HOH O     H1     sing N N 147 
HOH O     H2     sing N N 148 
# 
_ndb_struct_conf_na.entry_id   271D 
_ndb_struct_conf_na.feature    'b-form double helix' 
# 
loop_
_ndb_struct_na_base_pair.model_number 
_ndb_struct_na_base_pair.i_label_asym_id 
_ndb_struct_na_base_pair.i_label_comp_id 
_ndb_struct_na_base_pair.i_label_seq_id 
_ndb_struct_na_base_pair.i_symmetry 
_ndb_struct_na_base_pair.j_label_asym_id 
_ndb_struct_na_base_pair.j_label_comp_id 
_ndb_struct_na_base_pair.j_label_seq_id 
_ndb_struct_na_base_pair.j_symmetry 
_ndb_struct_na_base_pair.shear 
_ndb_struct_na_base_pair.stretch 
_ndb_struct_na_base_pair.stagger 
_ndb_struct_na_base_pair.buckle 
_ndb_struct_na_base_pair.propeller 
_ndb_struct_na_base_pair.opening 
_ndb_struct_na_base_pair.pair_number 
_ndb_struct_na_base_pair.pair_name 
_ndb_struct_na_base_pair.i_auth_asym_id 
_ndb_struct_na_base_pair.i_auth_seq_id 
_ndb_struct_na_base_pair.i_PDB_ins_code 
_ndb_struct_na_base_pair.j_auth_asym_id 
_ndb_struct_na_base_pair.j_auth_seq_id 
_ndb_struct_na_base_pair.j_PDB_ins_code 
_ndb_struct_na_base_pair.hbond_type_28 
_ndb_struct_na_base_pair.hbond_type_12 
1 A DC 1  1_555 B DG 12 1_555 0.367  -0.198 0.021  7.525   -23.019 -1.391 1  A_DC1:DG24_B  A 1  ? B 24 ? 19 1 
1 A DG 2  1_555 B DC 11 1_555 -0.312 -0.185 0.748  8.866   -14.957 -4.397 2  A_DG2:DC23_B  A 2  ? B 23 ? 19 1 
1 A DC 3  1_555 B DG 10 1_555 0.073  -0.307 0.200  -3.080  -8.218  0.023  3  A_DC3:DG22_B  A 3  ? B 22 ? 19 1 
1 A DG 4  1_555 B DC 9  1_555 -0.169 -0.314 -0.425 10.310  -10.541 3.359  4  A_DG4:DC21_B  A 4  ? B 21 ? 19 1 
1 A DA 5  1_555 B DU 8  1_555 0.290  -0.127 0.015  7.293   -11.673 3.501  5  A_DA5:DU20_B  A 5  ? B 20 ? 20 1 
1 A DA 6  1_555 B DU 7  1_555 0.103  -0.284 0.066  3.224   -15.244 1.719  6  A_DA6:DU19_B  A 6  ? B 19 ? 20 1 
1 A DU 7  1_555 B DA 6  1_555 0.036  -0.260 0.049  -10.450 -23.343 -0.619 7  A_DU7:DA18_B  A 7  ? B 18 ? 20 1 
1 A DU 8  1_555 B DA 5  1_555 -0.101 -0.192 -0.106 -8.449  -9.951  -0.833 8  A_DU8:DA17_B  A 8  ? B 17 ? 20 1 
1 A DC 9  1_555 B DG 4  1_555 0.302  -0.104 0.012  -10.286 -3.030  -0.054 9  A_DC9:DG16_B  A 9  ? B 16 ? 19 1 
1 A DG 10 1_555 B DC 3  1_555 0.191  -0.247 0.330  6.213   -5.885  0.470  10 A_DG10:DC15_B A 10 ? B 15 ? 19 1 
1 A DC 11 1_555 B DG 2  1_555 -0.012 -0.361 0.205  4.365   -15.631 -5.768 11 A_DC11:DG14_B A 11 ? B 14 ? 19 1 
1 A DG 12 1_555 B DC 1  1_555 -0.023 -0.269 0.638  14.047  -3.032  -5.322 12 A_DG12:DC13_B A 12 ? B 13 ? 19 1 
# 
loop_
_ndb_struct_na_base_pair_step.model_number 
_ndb_struct_na_base_pair_step.i_label_asym_id_1 
_ndb_struct_na_base_pair_step.i_label_comp_id_1 
_ndb_struct_na_base_pair_step.i_label_seq_id_1 
_ndb_struct_na_base_pair_step.i_symmetry_1 
_ndb_struct_na_base_pair_step.j_label_asym_id_1 
_ndb_struct_na_base_pair_step.j_label_comp_id_1 
_ndb_struct_na_base_pair_step.j_label_seq_id_1 
_ndb_struct_na_base_pair_step.j_symmetry_1 
_ndb_struct_na_base_pair_step.i_label_asym_id_2 
_ndb_struct_na_base_pair_step.i_label_comp_id_2 
_ndb_struct_na_base_pair_step.i_label_seq_id_2 
_ndb_struct_na_base_pair_step.i_symmetry_2 
_ndb_struct_na_base_pair_step.j_label_asym_id_2 
_ndb_struct_na_base_pair_step.j_label_comp_id_2 
_ndb_struct_na_base_pair_step.j_label_seq_id_2 
_ndb_struct_na_base_pair_step.j_symmetry_2 
_ndb_struct_na_base_pair_step.shift 
_ndb_struct_na_base_pair_step.slide 
_ndb_struct_na_base_pair_step.rise 
_ndb_struct_na_base_pair_step.tilt 
_ndb_struct_na_base_pair_step.roll 
_ndb_struct_na_base_pair_step.twist 
_ndb_struct_na_base_pair_step.x_displacement 
_ndb_struct_na_base_pair_step.y_displacement 
_ndb_struct_na_base_pair_step.helical_rise 
_ndb_struct_na_base_pair_step.inclination 
_ndb_struct_na_base_pair_step.tip 
_ndb_struct_na_base_pair_step.helical_twist 
_ndb_struct_na_base_pair_step.step_number 
_ndb_struct_na_base_pair_step.step_name 
_ndb_struct_na_base_pair_step.i_auth_asym_id_1 
_ndb_struct_na_base_pair_step.i_auth_seq_id_1 
_ndb_struct_na_base_pair_step.i_PDB_ins_code_1 
_ndb_struct_na_base_pair_step.j_auth_asym_id_1 
_ndb_struct_na_base_pair_step.j_auth_seq_id_1 
_ndb_struct_na_base_pair_step.j_PDB_ins_code_1 
_ndb_struct_na_base_pair_step.i_auth_asym_id_2 
_ndb_struct_na_base_pair_step.i_auth_seq_id_2 
_ndb_struct_na_base_pair_step.i_PDB_ins_code_2 
_ndb_struct_na_base_pair_step.j_auth_asym_id_2 
_ndb_struct_na_base_pair_step.j_auth_seq_id_2 
_ndb_struct_na_base_pair_step.j_PDB_ins_code_2 
1 A DC 1  1_555 B DG 12 1_555 A DG 2  1_555 B DC 11 1_555 -0.258 0.106  3.244 -7.619 7.854   34.139 -0.965 -0.683 3.174 12.972  
12.584  35.800 1  AA_DC1DG2:DC23DG24_BB   A 1  ? B 24 ? A 2  ? B 23 ? 
1 A DG 2  1_555 B DC 11 1_555 A DC 3  1_555 B DG 10 1_555 0.406  0.340  3.682 3.790  -8.133  41.716 1.388  -0.130 3.579 -11.264 
-5.250  42.628 2  AA_DG2DC3:DG22DC23_BB   A 2  ? B 23 ? A 3  ? B 22 ? 
1 A DC 3  1_555 B DG 10 1_555 A DG 4  1_555 B DC 9  1_555 -0.140 0.845  3.080 6.839  8.928   27.632 -0.181 1.670  3.078 17.788  
-13.625 29.792 3  AA_DC3DG4:DC21DG22_BB   A 3  ? B 22 ? A 4  ? B 21 ? 
1 A DG 4  1_555 B DC 9  1_555 A DA 5  1_555 B DU 8  1_555 0.168  -0.250 3.282 -4.275 3.803   36.828 -0.894 -0.828 3.203 5.975   
6.717   37.254 4  AA_DG4DA5:DU20DC21_BB   A 4  ? B 21 ? A 5  ? B 20 ? 
1 A DA 5  1_555 B DU 8  1_555 A DA 6  1_555 B DU 7  1_555 0.078  -0.339 3.274 1.268  1.940   37.044 -0.791 0.047  3.254 3.050   
-1.993  37.114 5  AA_DA5DA6:DU19DU20_BB   A 5  ? B 20 ? A 6  ? B 19 ? 
1 A DA 6  1_555 B DU 7  1_555 A DU 7  1_555 B DA 6  1_555 -0.121 -0.577 3.437 1.467  -0.300  32.016 -0.988 0.496  3.433 -0.543  
-2.657  32.050 6  AA_DA6DU7:DA18DU19_BB   A 6  ? B 19 ? A 7  ? B 18 ? 
1 A DU 7  1_555 B DA 6  1_555 A DU 8  1_555 B DA 5  1_555 -0.051 -0.509 3.103 0.785  -1.081  33.084 -0.721 0.216  3.116 -1.898  
-1.378  33.110 7  AA_DU7DU8:DA17DA18_BB   A 7  ? B 18 ? A 8  ? B 17 ? 
1 A DU 8  1_555 B DA 5  1_555 A DC 9  1_555 B DG 4  1_555 -0.101 -0.323 3.259 -0.610 -0.607  42.961 -0.381 0.077  3.264 -0.828  
0.833   42.969 8  AA_DU8DC9:DG16DA17_BB   A 8  ? B 17 ? A 9  ? B 16 ? 
1 A DC 9  1_555 B DG 4  1_555 A DG 10 1_555 B DC 3  1_555 0.369  0.684  3.039 -3.629 3.208   28.301 0.706  -1.507 3.026 6.501   
7.354   28.704 9  AA_DC9DG10:DC15DG16_BB  A 9  ? B 16 ? A 10 ? B 15 ? 
1 A DG 10 1_555 B DC 3  1_555 A DC 11 1_555 B DG 2  1_555 -1.291 0.426  3.421 -1.885 -11.252 38.533 1.954  1.659  3.234 -16.611 
2.783   40.124 10 AA_DG10DC11:DG14DC15_BB A 10 ? B 15 ? A 11 ? B 14 ? 
1 A DC 11 1_555 B DG 2  1_555 A DG 12 1_555 B DC 1  1_555 0.572  0.444  3.028 -2.565 0.297   38.002 0.646  -1.175 2.988 0.456   
3.933   38.087 11 AA_DC11DG12:DC13DG14_BB A 11 ? B 14 ? A 12 ? B 13 ? 
# 
_atom_sites.entry_id                    271D 
_atom_sites.fract_transf_matrix[1][1]   -0.01933927 
_atom_sites.fract_transf_matrix[1][2]   -0.02946195 
_atom_sites.fract_transf_matrix[1][3]   0.01745502 
_atom_sites.fract_transf_matrix[2][1]   0.01724922 
_atom_sites.fract_transf_matrix[2][2]   -0.00047287 
_atom_sites.fract_transf_matrix[2][3]   0.01831166 
_atom_sites.fract_transf_matrix[3][1]   -0.00822712 
_atom_sites.fract_transf_matrix[3][2]   0.01014710 
_atom_sites.fract_transf_matrix[3][3]   0.00801098 
_atom_sites.fract_transf_vector[1]      0.580576 
_atom_sites.fract_transf_vector[2]      0.524062 
_atom_sites.fract_transf_vector[3]      0.134295 
# 
loop_
_atom_type.symbol 
C  
MG 
N  
O  
P  
# 
loop_
_atom_site.group_PDB 
_atom_site.id 
_atom_site.type_symbol 
_atom_site.label_atom_id 
_atom_site.label_alt_id 
_atom_site.label_comp_id 
_atom_site.label_asym_id 
_atom_site.label_entity_id 
_atom_site.label_seq_id 
_atom_site.pdbx_PDB_ins_code 
_atom_site.Cartn_x 
_atom_site.Cartn_y 
_atom_site.Cartn_z 
_atom_site.occupancy 
_atom_site.B_iso_or_equiv 
_atom_site.pdbx_formal_charge 
_atom_site.auth_seq_id 
_atom_site.auth_comp_id 
_atom_site.auth_asym_id 
_atom_site.auth_atom_id 
_atom_site.pdbx_PDB_model_num 
ATOM   1   O  "O5'" . DC  A 1 1  ? -1.400  5.263   19.931  1.00 25.19 ? 1   DC  A "O5'" 1 
ATOM   2   C  "C5'" . DC  A 1 1  ? -2.086  6.365   19.142  1.00 10.41 ? 1   DC  A "C5'" 1 
ATOM   3   C  "C4'" . DC  A 1 1  ? -3.373  5.667   18.644  1.00 16.93 ? 1   DC  A "C4'" 1 
ATOM   4   O  "O4'" . DC  A 1 1  ? -4.045  6.565   17.825  1.00 19.52 ? 1   DC  A "O4'" 1 
ATOM   5   C  "C3'" . DC  A 1 1  ? -3.164  4.369   17.780  1.00 15.86 ? 1   DC  A "C3'" 1 
ATOM   6   O  "O3'" . DC  A 1 1  ? -4.143  3.379   17.928  1.00 32.74 ? 1   DC  A "O3'" 1 
ATOM   7   C  "C2'" . DC  A 1 1  ? -3.073  4.977   16.328  1.00 24.65 ? 1   DC  A "C2'" 1 
ATOM   8   C  "C1'" . DC  A 1 1  ? -4.153  6.076   16.461  1.00 14.49 ? 1   DC  A "C1'" 1 
ATOM   9   N  N1    . DC  A 1 1  ? -4.010  7.162   15.508  1.00 11.07 ? 1   DC  A N1    1 
ATOM   10  C  C2    . DC  A 1 1  ? -5.281  7.696   15.087  1.00 10.77 ? 1   DC  A C2    1 
ATOM   11  O  O2    . DC  A 1 1  ? -6.309  7.208   15.398  1.00 21.43 ? 1   DC  A O2    1 
ATOM   12  N  N3    . DC  A 1 1  ? -5.324  8.795   14.310  1.00 13.66 ? 1   DC  A N3    1 
ATOM   13  C  C4    . DC  A 1 1  ? -4.177  9.392   13.872  1.00 12.08 ? 1   DC  A C4    1 
ATOM   14  N  N4    . DC  A 1 1  ? -4.285  10.434  12.990  1.00 15.53 ? 1   DC  A N4    1 
ATOM   15  C  C5    . DC  A 1 1  ? -2.912  8.809   14.249  1.00 11.91 ? 1   DC  A C5    1 
ATOM   16  C  C6    . DC  A 1 1  ? -2.861  7.777   15.108  1.00 9.80  ? 1   DC  A C6    1 
ATOM   17  P  P     . DG  A 1 2  ? -4.496  1.927   17.333  1.00 33.95 ? 2   DG  A P     1 
ATOM   18  O  OP1   . DG  A 1 2  ? -4.978  1.195   18.538  1.00 36.00 ? 2   DG  A OP1   1 
ATOM   19  O  OP2   . DG  A 1 2  ? -3.254  1.385   16.723  1.00 24.56 ? 2   DG  A OP2   1 
ATOM   20  O  "O5'" . DG  A 1 2  ? -5.582  2.068   16.224  1.00 30.98 ? 2   DG  A "O5'" 1 
ATOM   21  C  "C5'" . DG  A 1 2  ? -6.990  2.199   16.500  1.00 29.15 ? 2   DG  A "C5'" 1 
ATOM   22  C  "C4'" . DG  A 1 2  ? -7.648  1.918   15.168  1.00 29.13 ? 2   DG  A "C4'" 1 
ATOM   23  O  "O4'" . DG  A 1 2  ? -7.570  2.905   14.198  1.00 33.52 ? 2   DG  A "O4'" 1 
ATOM   24  C  "C3'" . DG  A 1 2  ? -6.914  0.755   14.474  1.00 18.34 ? 2   DG  A "C3'" 1 
ATOM   25  O  "O3'" . DG  A 1 2  ? -7.970  0.116   13.875  1.00 42.08 ? 2   DG  A "O3'" 1 
ATOM   26  C  "C2'" . DG  A 1 2  ? -5.888  1.468   13.614  1.00 8.66  ? 2   DG  A "C2'" 1 
ATOM   27  C  "C1'" . DG  A 1 2  ? -6.618  2.714   13.159  1.00 10.11 ? 2   DG  A "C1'" 1 
ATOM   28  N  N9    . DG  A 1 2  ? -5.748  3.883   12.883  1.00 10.54 ? 2   DG  A N9    1 
ATOM   29  C  C8    . DG  A 1 2  ? -4.442  4.171   13.010  1.00 15.57 ? 2   DG  A C8    1 
ATOM   30  N  N7    . DG  A 1 2  ? -4.025  5.327   12.449  1.00 17.00 ? 2   DG  A N7    1 
ATOM   31  C  C5    . DG  A 1 2  ? -5.192  5.817   11.852  1.00 10.73 ? 2   DG  A C5    1 
ATOM   32  C  C6    . DG  A 1 2  ? -5.450  7.039   11.188  1.00 3.27  ? 2   DG  A C6    1 
ATOM   33  O  O6    . DG  A 1 2  ? -4.651  7.979   10.957  1.00 10.25 ? 2   DG  A O6    1 
ATOM   34  N  N1    . DG  A 1 2  ? -6.718  7.234   10.738  1.00 6.68  ? 2   DG  A N1    1 
ATOM   35  C  C2    . DG  A 1 2  ? -7.662  6.282   11.012  1.00 2.00  ? 2   DG  A C2    1 
ATOM   36  N  N2    . DG  A 1 2  ? -8.878  6.473   10.531  1.00 5.98  ? 2   DG  A N2    1 
ATOM   37  N  N3    . DG  A 1 2  ? -7.545  5.132   11.665  1.00 16.25 ? 2   DG  A N3    1 
ATOM   38  C  C4    . DG  A 1 2  ? -6.252  4.977   12.103  1.00 14.34 ? 2   DG  A C4    1 
ATOM   39  P  P     . DC  A 1 3  ? -8.096  -1.262  13.106  1.00 26.83 ? 3   DC  A P     1 
ATOM   40  O  OP1   . DC  A 1 3  ? -9.139  -2.081  13.833  1.00 49.62 ? 3   DC  A OP1   1 
ATOM   41  O  OP2   . DC  A 1 3  ? -6.822  -1.957  12.887  1.00 34.96 ? 3   DC  A OP2   1 
ATOM   42  O  "O5'" . DC  A 1 3  ? -8.693  -0.751  11.633  1.00 27.93 ? 3   DC  A "O5'" 1 
ATOM   43  C  "C5'" . DC  A 1 3  ? -9.961  -0.055  11.672  1.00 19.85 ? 3   DC  A "C5'" 1 
ATOM   44  C  "C4'" . DC  A 1 3  ? -10.059 0.690   10.341  1.00 9.14  ? 3   DC  A "C4'" 1 
ATOM   45  O  "O4'" . DC  A 1 3  ? -9.094  1.713   10.486  1.00 16.34 ? 3   DC  A "O4'" 1 
ATOM   46  C  "C3'" . DC  A 1 3  ? -9.692  0.039   8.996   1.00 7.05  ? 3   DC  A "C3'" 1 
ATOM   47  O  "O3'" . DC  A 1 3  ? -10.789 -0.426  8.297   1.00 49.07 ? 3   DC  A "O3'" 1 
ATOM   48  C  "C2'" . DC  A 1 3  ? -9.116  1.191   8.165   1.00 11.11 ? 3   DC  A "C2'" 1 
ATOM   49  C  "C1'" . DC  A 1 3  ? -8.870  2.293   9.170   1.00 10.17 ? 3   DC  A "C1'" 1 
ATOM   50  N  N1    . DC  A 1 3  ? -7.497  2.769   9.178   1.00 12.54 ? 3   DC  A N1    1 
ATOM   51  C  C2    . DC  A 1 3  ? -7.232  3.944   8.624   1.00 15.78 ? 3   DC  A C2    1 
ATOM   52  O  O2    . DC  A 1 3  ? -8.141  4.613   8.128   1.00 15.87 ? 3   DC  A O2    1 
ATOM   53  N  N3    . DC  A 1 3  ? -5.902  4.307   8.605   1.00 17.44 ? 3   DC  A N3    1 
ATOM   54  C  C4    . DC  A 1 3  ? -4.935  3.601   9.194   1.00 2.54  ? 3   DC  A C4    1 
ATOM   55  N  N4    . DC  A 1 3  ? -3.679  4.213   9.085   1.00 16.16 ? 3   DC  A N4    1 
ATOM   56  C  C5    . DC  A 1 3  ? -5.185  2.383   9.743   1.00 8.86  ? 3   DC  A C5    1 
ATOM   57  C  C6    . DC  A 1 3  ? -6.477  1.951   9.714   1.00 8.68  ? 3   DC  A C6    1 
ATOM   58  P  P     . DG  A 1 4  ? -10.820 -1.464  7.044   1.00 29.72 ? 4   DG  A P     1 
ATOM   59  O  OP1   . DG  A 1 4  ? -12.060 -2.223  7.345   1.00 33.07 ? 4   DG  A OP1   1 
ATOM   60  O  OP2   . DG  A 1 4  ? -9.387  -2.047  7.109   1.00 18.34 ? 4   DG  A OP2   1 
ATOM   61  O  "O5'" . DG  A 1 4  ? -11.082 -0.579  5.767   1.00 30.80 ? 4   DG  A "O5'" 1 
ATOM   62  C  "C5'" . DG  A 1 4  ? -11.473 0.759   6.192   1.00 33.03 ? 4   DG  A "C5'" 1 
ATOM   63  C  "C4'" . DG  A 1 4  ? -11.528 1.458   4.864   1.00 30.23 ? 4   DG  A "C4'" 1 
ATOM   64  O  "O4'" . DG  A 1 4  ? -10.479 2.425   4.791   1.00 18.87 ? 4   DG  A "O4'" 1 
ATOM   65  C  "C3'" . DG  A 1 4  ? -11.344 0.590   3.604   1.00 31.16 ? 4   DG  A "C3'" 1 
ATOM   66  O  "O3'" . DG  A 1 4  ? -12.044 1.205   2.532   1.00 41.57 ? 4   DG  A "O3'" 1 
ATOM   67  C  "C2'" . DG  A 1 4  ? -9.842  0.528   3.405   1.00 19.51 ? 4   DG  A "C2'" 1 
ATOM   68  C  "C1'" . DG  A 1 4  ? -9.528  1.969   3.910   1.00 24.69 ? 4   DG  A "C1'" 1 
ATOM   69  N  N9    . DG  A 1 4  ? -8.244  1.868   4.620   1.00 17.17 ? 4   DG  A N9    1 
ATOM   70  C  C8    . DG  A 1 4  ? -7.703  0.798   5.258   1.00 17.83 ? 4   DG  A C8    1 
ATOM   71  N  N7    . DG  A 1 4  ? -6.545  1.029   5.756   1.00 18.48 ? 4   DG  A N7    1 
ATOM   72  C  C5    . DG  A 1 4  ? -6.266  2.370   5.430   1.00 12.54 ? 4   DG  A C5    1 
ATOM   73  C  C6    . DG  A 1 4  ? -5.152  3.176   5.652   1.00 8.79  ? 4   DG  A C6    1 
ATOM   74  O  O6    . DG  A 1 4  ? -4.124  2.941   6.257   1.00 14.32 ? 4   DG  A O6    1 
ATOM   75  N  N1    . DG  A 1 4  ? -5.289  4.462   5.219   1.00 12.98 ? 4   DG  A N1    1 
ATOM   76  C  C2    . DG  A 1 4  ? -6.439  4.855   4.527   1.00 10.76 ? 4   DG  A C2    1 
ATOM   77  N  N2    . DG  A 1 4  ? -6.490  6.097   4.023   1.00 14.86 ? 4   DG  A N2    1 
ATOM   78  N  N3    . DG  A 1 4  ? -7.499  4.130   4.268   1.00 18.90 ? 4   DG  A N3    1 
ATOM   79  C  C4    . DG  A 1 4  ? -7.360  2.898   4.798   1.00 10.40 ? 4   DG  A C4    1 
ATOM   80  P  P     . DA  A 1 5  ? -12.002 0.832   0.936   1.00 38.93 ? 5   DA  A P     1 
ATOM   81  O  OP1   . DA  A 1 5  ? -13.440 1.114   0.540   1.00 35.91 ? 5   DA  A OP1   1 
ATOM   82  O  OP2   . DA  A 1 5  ? -11.388 -0.505  0.853   1.00 57.30 ? 5   DA  A OP2   1 
ATOM   83  O  "O5'" . DA  A 1 5  ? -11.018 1.976   0.263   1.00 36.78 ? 5   DA  A "O5'" 1 
ATOM   84  C  "C5'" . DA  A 1 5  ? -11.179 3.350   0.653   1.00 24.14 ? 5   DA  A "C5'" 1 
ATOM   85  C  "C4'" . DA  A 1 5  ? -10.111 4.170   0.049   1.00 25.43 ? 5   DA  A "C4'" 1 
ATOM   86  O  "O4'" . DA  A 1 5  ? -8.921  4.092   0.810   1.00 32.26 ? 5   DA  A "O4'" 1 
ATOM   87  C  "C3'" . DA  A 1 5  ? -9.789  3.697   -1.391  1.00 30.38 ? 5   DA  A "C3'" 1 
ATOM   88  O  "O3'" . DA  A 1 5  ? -9.807  4.828   -2.257  1.00 10.66 ? 5   DA  A "O3'" 1 
ATOM   89  C  "C2'" . DA  A 1 5  ? -8.489  2.976   -1.116  1.00 15.03 ? 5   DA  A "C2'" 1 
ATOM   90  C  "C1'" . DA  A 1 5  ? -7.787  3.666   0.043   1.00 18.43 ? 5   DA  A "C1'" 1 
ATOM   91  N  N9    . DA  A 1 5  ? -6.935  2.791   0.851   1.00 10.52 ? 5   DA  A N9    1 
ATOM   92  C  C8    . DA  A 1 5  ? -7.249  1.515   1.298   1.00 6.96  ? 5   DA  A C8    1 
ATOM   93  N  N7    . DA  A 1 5  ? -6.281  0.973   2.115   1.00 17.12 ? 5   DA  A N7    1 
ATOM   94  C  C5    . DA  A 1 5  ? -5.276  1.944   2.106   1.00 8.02  ? 5   DA  A C5    1 
ATOM   95  C  C6    . DA  A 1 5  ? -4.034  2.013   2.744   1.00 6.32  ? 5   DA  A C6    1 
ATOM   96  N  N6    . DA  A 1 5  ? -3.452  1.092   3.560   1.00 9.85  ? 5   DA  A N6    1 
ATOM   97  N  N1    . DA  A 1 5  ? -3.380  3.148   2.503   1.00 11.82 ? 5   DA  A N1    1 
ATOM   98  C  C2    . DA  A 1 5  ? -3.846  4.177   1.782   1.00 10.05 ? 5   DA  A C2    1 
ATOM   99  N  N3    . DA  A 1 5  ? -5.070  4.204   1.227   1.00 12.59 ? 5   DA  A N3    1 
ATOM   100 C  C4    . DA  A 1 5  ? -5.718  3.075   1.404   1.00 12.40 ? 5   DA  A C4    1 
ATOM   101 P  P     . DA  A 1 6  ? -9.256  5.152   -3.712  1.00 20.36 ? 6   DA  A P     1 
ATOM   102 O  OP1   . DA  A 1 6  ? -9.838  6.400   -4.366  1.00 18.05 ? 6   DA  A OP1   1 
ATOM   103 O  OP2   . DA  A 1 6  ? -9.768  3.937   -4.434  1.00 16.33 ? 6   DA  A OP2   1 
ATOM   104 O  "O5'" . DA  A 1 6  ? -7.706  5.455   -3.488  1.00 12.34 ? 6   DA  A "O5'" 1 
ATOM   105 C  "C5'" . DA  A 1 6  ? -7.124  6.722   -3.260  1.00 10.46 ? 6   DA  A "C5'" 1 
ATOM   106 C  "C4'" . DA  A 1 6  ? -5.628  6.433   -3.318  1.00 14.43 ? 6   DA  A "C4'" 1 
ATOM   107 O  "O4'" . DA  A 1 6  ? -5.362  5.319   -2.483  1.00 16.11 ? 6   DA  A "O4'" 1 
ATOM   108 C  "C3'" . DA  A 1 6  ? -5.114  6.027   -4.659  1.00 7.91  ? 6   DA  A "C3'" 1 
ATOM   109 O  "O3'" . DA  A 1 6  ? -4.443  7.168   -5.190  1.00 12.90 ? 6   DA  A "O3'" 1 
ATOM   110 C  "C2'" . DA  A 1 6  ? -4.126  4.860   -4.451  1.00 19.69 ? 6   DA  A "C2'" 1 
ATOM   111 C  "C1'" . DA  A 1 6  ? -4.074  4.724   -2.926  1.00 7.30  ? 6   DA  A "C1'" 1 
ATOM   112 N  N9    . DA  A 1 6  ? -4.008  3.409   -2.305  1.00 7.20  ? 6   DA  A N9    1 
ATOM   113 C  C8    . DA  A 1 6  ? -4.888  2.403   -2.322  1.00 2.43  ? 6   DA  A C8    1 
ATOM   114 N  N7    . DA  A 1 6  ? -4.638  1.367   -1.541  1.00 7.86  ? 6   DA  A N7    1 
ATOM   115 C  C5    . DA  A 1 6  ? -3.390  1.778   -0.991  1.00 2.00  ? 6   DA  A C5    1 
ATOM   116 C  C6    . DA  A 1 6  ? -2.476  1.018   -0.124  1.00 2.51  ? 6   DA  A C6    1 
ATOM   117 N  N6    . DA  A 1 6  ? -2.811  -0.156  0.331   1.00 6.07  ? 6   DA  A N6    1 
ATOM   118 N  N1    . DA  A 1 6  ? -1.393  1.723   0.169   1.00 6.18  ? 6   DA  A N1    1 
ATOM   119 C  C2    . DA  A 1 6  ? -1.050  2.945   -0.277  1.00 11.67 ? 6   DA  A C2    1 
ATOM   120 N  N3    . DA  A 1 6  ? -1.827  3.684   -1.125  1.00 10.64 ? 6   DA  A N3    1 
ATOM   121 C  C4    . DA  A 1 6  ? -2.994  2.981   -1.383  1.00 2.00  ? 6   DA  A C4    1 
ATOM   122 P  P     . DU  A 1 7  ? -3.460  7.220   -6.432  1.00 16.42 ? 7   DU  A P     1 
ATOM   123 O  OP1   . DU  A 1 7  ? -3.220  8.538   -7.082  1.00 16.27 ? 7   DU  A OP1   1 
ATOM   124 O  OP2   . DU  A 1 7  ? -4.131  6.408   -7.578  1.00 14.93 ? 7   DU  A OP2   1 
ATOM   125 O  "O5'" . DU  A 1 7  ? -2.113  6.514   -5.839  1.00 19.23 ? 7   DU  A "O5'" 1 
ATOM   126 C  "C5'" . DU  A 1 7  ? -1.266  7.417   -4.954  1.00 19.46 ? 7   DU  A "C5'" 1 
ATOM   127 C  "C4'" . DU  A 1 7  ? -0.187  6.388   -4.589  1.00 7.28  ? 7   DU  A "C4'" 1 
ATOM   128 O  "O4'" . DU  A 1 7  ? -0.790  5.214   -4.132  1.00 16.43 ? 7   DU  A "O4'" 1 
ATOM   129 C  "C3'" . DU  A 1 7  ? 0.707   5.941   -5.775  1.00 15.75 ? 7   DU  A "C3'" 1 
ATOM   130 O  "O3'" . DU  A 1 7  ? 1.860   6.760   -5.567  1.00 23.24 ? 7   DU  A "O3'" 1 
ATOM   131 C  "C2'" . DU  A 1 7  ? 0.825   4.430   -5.701  1.00 7.39  ? 7   DU  A "C2'" 1 
ATOM   132 C  "C1'" . DU  A 1 7  ? 0.239   4.198   -4.249  1.00 10.69 ? 7   DU  A "C1'" 1 
ATOM   133 N  N1    . DU  A 1 7  ? -0.424  2.933   -3.951  1.00 14.38 ? 7   DU  A N1    1 
ATOM   134 C  C2    . DU  A 1 7  ? 0.265   2.055   -3.105  1.00 15.45 ? 7   DU  A C2    1 
ATOM   135 O  O2    . DU  A 1 7  ? 1.332   2.330   -2.570  1.00 13.34 ? 7   DU  A O2    1 
ATOM   136 N  N3    . DU  A 1 7  ? -0.298  0.822   -2.946  1.00 12.55 ? 7   DU  A N3    1 
ATOM   137 C  C4    . DU  A 1 7  ? -1.465  0.402   -3.511  1.00 7.89  ? 7   DU  A C4    1 
ATOM   138 O  O4    . DU  A 1 7  ? -1.830  -0.709  -3.103  1.00 17.74 ? 7   DU  A O4    1 
ATOM   139 C  C5    . DU  A 1 7  ? -2.168  1.288   -4.420  1.00 15.41 ? 7   DU  A C5    1 
ATOM   140 C  C6    . DU  A 1 7  ? -1.582  2.522   -4.570  1.00 10.38 ? 7   DU  A C6    1 
ATOM   141 P  P     . DU  A 1 8  ? 3.071   6.570   -6.555  1.00 21.49 ? 8   DU  A P     1 
ATOM   142 O  OP1   . DU  A 1 8  ? 3.885   7.768   -6.685  1.00 12.99 ? 8   DU  A OP1   1 
ATOM   143 O  OP2   . DU  A 1 8  ? 2.474   6.243   -7.901  1.00 24.03 ? 8   DU  A OP2   1 
ATOM   144 O  "O5'" . DU  A 1 8  ? 3.979   5.381   -5.950  1.00 22.47 ? 8   DU  A "O5'" 1 
ATOM   145 C  "C5'" . DU  A 1 8  ? 4.670   5.605   -4.700  1.00 14.70 ? 8   DU  A "C5'" 1 
ATOM   146 C  "C4'" . DU  A 1 8  ? 5.201   4.213   -4.352  1.00 25.12 ? 8   DU  A "C4'" 1 
ATOM   147 O  "O4'" . DU  A 1 8  ? 4.218   3.228   -4.200  1.00 28.09 ? 8   DU  A "O4'" 1 
ATOM   148 C  "C3'" . DU  A 1 8  ? 6.214   3.640   -5.430  1.00 15.38 ? 8   DU  A "C3'" 1 
ATOM   149 O  "O3'" . DU  A 1 8  ? 7.463   3.781   -4.751  1.00 17.28 ? 8   DU  A "O3'" 1 
ATOM   150 C  "C2'" . DU  A 1 8  ? 5.614   2.328   -5.783  1.00 4.28  ? 8   DU  A "C2'" 1 
ATOM   151 C  "C1'" . DU  A 1 8  ? 4.654   1.941   -4.670  1.00 14.51 ? 8   DU  A "C1'" 1 
ATOM   152 N  N1    . DU  A 1 8  ? 3.415   1.136   -4.983  1.00 21.14 ? 8   DU  A N1    1 
ATOM   153 C  C2    . DU  A 1 8  ? 3.362   -0.052  -4.319  1.00 5.86  ? 8   DU  A C2    1 
ATOM   154 O  O2    . DU  A 1 8  ? 4.311   -0.360  -3.468  1.00 13.15 ? 8   DU  A O2    1 
ATOM   155 N  N3    . DU  A 1 8  ? 2.305   -0.932  -4.454  1.00 8.77  ? 8   DU  A N3    1 
ATOM   156 C  C4    . DU  A 1 8  ? 1.296   -0.573  -5.357  1.00 7.09  ? 8   DU  A C4    1 
ATOM   157 O  O4    . DU  A 1 8  ? 0.380   -1.447  -5.428  1.00 17.83 ? 8   DU  A O4    1 
ATOM   158 C  C5    . DU  A 1 8  ? 1.373   0.604   -6.109  1.00 2.26  ? 8   DU  A C5    1 
ATOM   159 C  C6    . DU  A 1 8  ? 2.407   1.451   -5.870  1.00 9.68  ? 8   DU  A C6    1 
ATOM   160 P  P     . DC  A 1 9  ? 8.775   2.889   -5.169  1.00 26.94 ? 9   DC  A P     1 
ATOM   161 O  OP1   . DC  A 1 9  ? 9.862   3.826   -5.203  1.00 27.59 ? 9   DC  A OP1   1 
ATOM   162 O  OP2   . DC  A 1 9  ? 8.543   2.455   -6.643  1.00 33.01 ? 9   DC  A OP2   1 
ATOM   163 O  "O5'" . DC  A 1 9  ? 8.669   1.527   -4.477  1.00 19.18 ? 9   DC  A "O5'" 1 
ATOM   164 C  "C5'" . DC  A 1 9  ? 8.765   1.256   -3.061  1.00 22.55 ? 9   DC  A "C5'" 1 
ATOM   165 C  "C4'" . DC  A 1 9  ? 8.744   -0.285  -3.016  1.00 30.04 ? 9   DC  A "C4'" 1 
ATOM   166 O  "O4'" . DC  A 1 9  ? 7.627   -0.880  -3.535  1.00 19.92 ? 9   DC  A "O4'" 1 
ATOM   167 C  "C3'" . DC  A 1 9  ? 9.905   -0.980  -3.827  1.00 21.79 ? 9   DC  A "C3'" 1 
ATOM   168 O  "O3'" . DC  A 1 9  ? 10.593  -1.595  -2.803  1.00 28.07 ? 9   DC  A "O3'" 1 
ATOM   169 C  "C2'" . DC  A 1 9  ? 9.227   -1.848  -4.909  1.00 15.64 ? 9   DC  A "C2'" 1 
ATOM   170 C  "C1'" . DC  A 1 9  ? 7.890   -2.132  -4.263  1.00 27.03 ? 9   DC  A "C1'" 1 
ATOM   171 N  N1    . DC  A 1 9  ? 6.699   -2.270  -5.100  1.00 13.28 ? 9   DC  A N1    1 
ATOM   172 C  C2    . DC  A 1 9  ? 5.852   -3.355  -4.969  1.00 5.80  ? 9   DC  A C2    1 
ATOM   173 O  O2    . DC  A 1 9  ? 6.183   -4.292  -4.191  1.00 14.70 ? 9   DC  A O2    1 
ATOM   174 N  N3    . DC  A 1 9  ? 4.733   -3.434  -5.719  1.00 8.69  ? 9   DC  A N3    1 
ATOM   175 C  C4    . DC  A 1 9  ? 4.443   -2.423  -6.572  1.00 2.00  ? 9   DC  A C4    1 
ATOM   176 N  N4    . DC  A 1 9  ? 3.365   -2.540  -7.307  1.00 4.52  ? 9   DC  A N4    1 
ATOM   177 C  C5    . DC  A 1 9  ? 5.261   -1.290  -6.768  1.00 18.55 ? 9   DC  A C5    1 
ATOM   178 C  C6    . DC  A 1 9  ? 6.429   -1.211  -5.982  1.00 8.35  ? 9   DC  A C6    1 
ATOM   179 P  P     . DG  A 1 10 ? 11.969  -2.404  -2.575  1.00 27.96 ? 10  DG  A P     1 
ATOM   180 O  OP1   . DG  A 1 10 ? 12.178  -2.568  -1.055  1.00 26.19 ? 10  DG  A OP1   1 
ATOM   181 O  OP2   . DG  A 1 10 ? 12.931  -1.539  -3.181  1.00 22.95 ? 10  DG  A OP2   1 
ATOM   182 O  "O5'" . DG  A 1 10 ? 11.491  -3.768  -3.236  1.00 14.92 ? 10  DG  A "O5'" 1 
ATOM   183 C  "C5'" . DG  A 1 10 ? 10.891  -4.817  -2.462  1.00 7.77  ? 10  DG  A "C5'" 1 
ATOM   184 C  "C4'" . DG  A 1 10 ? 10.720  -5.931  -3.522  1.00 33.93 ? 10  DG  A "C4'" 1 
ATOM   185 O  "O4'" . DG  A 1 10 ? 9.634   -5.496  -4.289  1.00 43.37 ? 10  DG  A "O4'" 1 
ATOM   186 C  "C3'" . DG  A 1 10 ? 11.817  -6.251  -4.574  1.00 24.04 ? 10  DG  A "C3'" 1 
ATOM   187 O  "O3'" . DG  A 1 10 ? 11.912  -7.655  -4.770  1.00 30.61 ? 10  DG  A "O3'" 1 
ATOM   188 C  "C2'" . DG  A 1 10 ? 11.386  -5.471  -5.818  1.00 14.62 ? 10  DG  A "C2'" 1 
ATOM   189 C  "C1'" . DG  A 1 10 ? 9.949   -5.891  -5.650  1.00 20.23 ? 10  DG  A "C1'" 1 
ATOM   190 N  N9    . DG  A 1 10 ? 9.017   -5.219  -6.573  1.00 14.00 ? 10  DG  A N9    1 
ATOM   191 C  C8    . DG  A 1 10 ? 9.196   -4.088  -7.247  1.00 6.21  ? 10  DG  A C8    1 
ATOM   192 N  N7    . DG  A 1 10 ? 8.273   -3.793  -8.057  1.00 8.24  ? 10  DG  A N7    1 
ATOM   193 C  C5    . DG  A 1 10 ? 7.310   -4.817  -7.849  1.00 9.46  ? 10  DG  A C5    1 
ATOM   194 C  C6    . DG  A 1 10 ? 6.026   -5.060  -8.360  1.00 3.03  ? 10  DG  A C6    1 
ATOM   195 O  O6    . DG  A 1 10 ? 5.491   -4.339  -9.236  1.00 11.32 ? 10  DG  A O6    1 
ATOM   196 N  N1    . DG  A 1 10 ? 5.466   -6.205  -7.934  1.00 2.62  ? 10  DG  A N1    1 
ATOM   197 C  C2    . DG  A 1 10 ? 6.007   -7.019  -7.034  1.00 6.81  ? 10  DG  A C2    1 
ATOM   198 N  N2    . DG  A 1 10 ? 5.336   -8.104  -6.649  1.00 8.90  ? 10  DG  A N2    1 
ATOM   199 N  N3    . DG  A 1 10 ? 7.202   -6.868  -6.522  1.00 11.87 ? 10  DG  A N3    1 
ATOM   200 C  C4    . DG  A 1 10 ? 7.800   -5.720  -6.975  1.00 5.54  ? 10  DG  A C4    1 
ATOM   201 P  P     . DC  A 1 11 ? 12.894  -8.592  -3.760  1.00 31.75 ? 11  DC  A P     1 
ATOM   202 O  OP1   . DC  A 1 11 ? 13.036  -7.798  -2.425  1.00 34.80 ? 11  DC  A OP1   1 
ATOM   203 O  OP2   . DC  A 1 11 ? 14.011  -8.886  -4.601  1.00 25.76 ? 11  DC  A OP2   1 
ATOM   204 O  "O5'" . DC  A 1 11 ? 12.007  -9.851  -3.388  1.00 14.36 ? 11  DC  A "O5'" 1 
ATOM   205 C  "C5'" . DC  A 1 11 ? 10.824  -9.702  -2.657  1.00 20.23 ? 11  DC  A "C5'" 1 
ATOM   206 C  "C4'" . DC  A 1 11 ? 9.795   -10.650 -3.214  1.00 23.60 ? 11  DC  A "C4'" 1 
ATOM   207 O  "O4'" . DC  A 1 11 ? 9.180   -10.191 -4.338  1.00 19.97 ? 11  DC  A "O4'" 1 
ATOM   208 C  "C3'" . DC  A 1 11 ? 10.419  -12.015 -3.652  1.00 27.39 ? 11  DC  A "C3'" 1 
ATOM   209 O  "O3'" . DC  A 1 11 ? 9.472   -12.866 -3.097  1.00 27.53 ? 11  DC  A "O3'" 1 
ATOM   210 C  "C2'" . DC  A 1 11 ? 10.562  -11.939 -5.149  1.00 31.17 ? 11  DC  A "C2'" 1 
ATOM   211 C  "C1'" . DC  A 1 11 ? 9.313   -11.144 -5.465  1.00 24.24 ? 11  DC  A "C1'" 1 
ATOM   212 N  N1    . DC  A 1 11 ? 9.320   -10.294 -6.662  1.00 15.76 ? 11  DC  A N1    1 
ATOM   213 C  C2    . DC  A 1 11 ? 8.114   -10.175 -7.364  1.00 5.46  ? 11  DC  A C2    1 
ATOM   214 O  O2    . DC  A 1 11 ? 7.164   -10.925 -7.001  1.00 11.86 ? 11  DC  A O2    1 
ATOM   215 N  N3    . DC  A 1 11 ? 8.068   -9.358  -8.408  1.00 17.27 ? 11  DC  A N3    1 
ATOM   216 C  C4    . DC  A 1 11 ? 9.129   -8.555  -8.747  1.00 10.41 ? 11  DC  A C4    1 
ATOM   217 N  N4    . DC  A 1 11 ? 8.939   -7.733  -9.770  1.00 10.39 ? 11  DC  A N4    1 
ATOM   218 C  C5    . DC  A 1 11 ? 10.330  -8.569  -7.984  1.00 15.42 ? 11  DC  A C5    1 
ATOM   219 C  C6    . DC  A 1 11 ? 10.428  -9.428  -6.919  1.00 3.26  ? 11  DC  A C6    1 
ATOM   220 P  P     . DG  A 1 12 ? 9.455   -14.424 -2.926  1.00 35.05 ? 12  DG  A P     1 
ATOM   221 O  OP1   . DG  A 1 12 ? 8.353   -14.726 -1.890  1.00 20.98 ? 12  DG  A OP1   1 
ATOM   222 O  OP2   . DG  A 1 12 ? 10.808  -14.936 -2.586  1.00 43.31 ? 12  DG  A OP2   1 
ATOM   223 O  "O5'" . DG  A 1 12 ? 9.083   -14.960 -4.451  1.00 19.07 ? 12  DG  A "O5'" 1 
ATOM   224 C  "C5'" . DG  A 1 12 ? 7.587   -15.168 -4.626  1.00 11.36 ? 12  DG  A "C5'" 1 
ATOM   225 C  "C4'" . DG  A 1 12 ? 7.618   -15.674 -6.039  1.00 20.64 ? 12  DG  A "C4'" 1 
ATOM   226 O  "O4'" . DG  A 1 12 ? 8.035   -14.530 -6.735  1.00 15.22 ? 12  DG  A "O4'" 1 
ATOM   227 C  "C3'" . DG  A 1 12 ? 8.644   -16.796 -6.357  1.00 17.54 ? 12  DG  A "C3'" 1 
ATOM   228 O  "O3'" . DG  A 1 12 ? 8.013   -18.125 -6.359  1.00 17.82 ? 12  DG  A "O3'" 1 
ATOM   229 C  "C2'" . DG  A 1 12 ? 9.305   -16.322 -7.667  1.00 13.67 ? 12  DG  A "C2'" 1 
ATOM   230 C  "C1'" . DG  A 1 12 ? 8.537   -15.118 -8.059  1.00 30.80 ? 12  DG  A "C1'" 1 
ATOM   231 N  N9    . DG  A 1 12 ? 9.212   -13.989 -8.643  1.00 21.39 ? 12  DG  A N9    1 
ATOM   232 C  C8    . DG  A 1 12 ? 10.473  -13.544 -8.301  1.00 14.68 ? 12  DG  A C8    1 
ATOM   233 N  N7    . DG  A 1 12 ? 10.821  -12.481 -8.990  1.00 23.11 ? 12  DG  A N7    1 
ATOM   234 C  C5    . DG  A 1 12 ? 9.740   -12.188 -9.809  1.00 22.22 ? 12  DG  A C5    1 
ATOM   235 C  C6    . DG  A 1 12 ? 9.505   -11.157 -10.746 1.00 13.28 ? 12  DG  A C6    1 
ATOM   236 O  O6    . DG  A 1 12 ? 10.329  -10.289 -11.036 1.00 11.86 ? 12  DG  A O6    1 
ATOM   237 N  N1    . DG  A 1 12 ? 8.314   -11.248 -11.440 1.00 13.76 ? 12  DG  A N1    1 
ATOM   238 C  C2    . DG  A 1 12 ? 7.459   -12.239 -11.201 1.00 4.13  ? 12  DG  A C2    1 
ATOM   239 N  N2    . DG  A 1 12 ? 6.304   -12.251 -11.911 1.00 9.93  ? 12  DG  A N2    1 
ATOM   240 N  N3    . DG  A 1 12 ? 7.601   -13.194 -10.272 1.00 6.51  ? 12  DG  A N3    1 
ATOM   241 C  C4    . DG  A 1 12 ? 8.789   -13.165 -9.675  1.00 12.24 ? 12  DG  A C4    1 
ATOM   242 O  "O5'" . DC  B 1 1  ? 5.776   -6.908  -19.296 1.00 46.95 ? 13  DC  B "O5'" 1 
ATOM   243 C  "C5'" . DC  B 1 1  ? 5.434   -8.281  -19.654 1.00 49.53 ? 13  DC  B "C5'" 1 
ATOM   244 C  "C4'" . DC  B 1 1  ? 4.860   -8.857  -18.392 1.00 22.15 ? 13  DC  B "C4'" 1 
ATOM   245 O  "O4'" . DC  B 1 1  ? 5.979   -9.174  -17.515 1.00 36.06 ? 13  DC  B "O4'" 1 
ATOM   246 C  "C3'" . DC  B 1 1  ? 3.995   -7.959  -17.596 1.00 27.98 ? 13  DC  B "C3'" 1 
ATOM   247 O  "O3'" . DC  B 1 1  ? 2.893   -8.582  -16.990 1.00 45.86 ? 13  DC  B "O3'" 1 
ATOM   248 C  "C2'" . DC  B 1 1  ? 4.844   -7.465  -16.375 1.00 33.69 ? 13  DC  B "C2'" 1 
ATOM   249 C  "C1'" . DC  B 1 1  ? 5.584   -8.790  -16.172 1.00 34.43 ? 13  DC  B "C1'" 1 
ATOM   250 N  N1    . DC  B 1 1  ? 6.693   -8.582  -15.272 1.00 23.12 ? 13  DC  B N1    1 
ATOM   251 C  C2    . DC  B 1 1  ? 6.749   -9.391  -14.128 1.00 22.74 ? 13  DC  B C2    1 
ATOM   252 O  O2    . DC  B 1 1  ? 5.909   -10.218 -13.867 1.00 27.59 ? 13  DC  B O2    1 
ATOM   253 N  N3    . DC  B 1 1  ? 7.790   -9.253  -13.271 1.00 15.96 ? 13  DC  B N3    1 
ATOM   254 C  C4    . DC  B 1 1  ? 8.740   -8.293  -13.486 1.00 25.20 ? 13  DC  B C4    1 
ATOM   255 N  N4    . DC  B 1 1  ? 9.733   -8.226  -12.600 1.00 51.80 ? 13  DC  B N4    1 
ATOM   256 C  C5    . DC  B 1 1  ? 8.703   -7.491  -14.653 1.00 45.21 ? 13  DC  B C5    1 
ATOM   257 C  C6    . DC  B 1 1  ? 7.662   -7.656  -15.500 1.00 25.32 ? 13  DC  B C6    1 
ATOM   258 P  P     . DG  B 1 2  ? 1.427   -7.982  -17.407 1.00 60.53 ? 14  DG  B P     1 
ATOM   259 O  OP1   . DG  B 1 2  ? 1.160   -8.434  -18.832 1.00 37.74 ? 14  DG  B OP1   1 
ATOM   260 O  OP2   . DG  B 1 2  ? 1.571   -6.542  -17.162 1.00 38.45 ? 14  DG  B OP2   1 
ATOM   261 O  "O5'" . DG  B 1 2  ? 0.585   -8.747  -16.279 1.00 26.12 ? 14  DG  B "O5'" 1 
ATOM   262 C  "C5'" . DG  B 1 2  ? 0.620   -10.199 -16.366 1.00 31.33 ? 14  DG  B "C5'" 1 
ATOM   263 C  "C4'" . DG  B 1 2  ? 0.650   -10.522 -14.889 1.00 14.24 ? 14  DG  B "C4'" 1 
ATOM   264 O  "O4'" . DG  B 1 2  ? 1.910   -10.155 -14.347 1.00 36.73 ? 14  DG  B "O4'" 1 
ATOM   265 C  "C3'" . DG  B 1 2  ? -0.390  -9.736  -14.119 1.00 9.19  ? 14  DG  B "C3'" 1 
ATOM   266 O  "O3'" . DG  B 1 2  ? -1.384  -10.604 -13.740 1.00 12.28 ? 14  DG  B "O3'" 1 
ATOM   267 C  "C2'" . DG  B 1 2  ? 0.390   -9.155  -12.917 1.00 31.38 ? 14  DG  B "C2'" 1 
ATOM   268 C  "C1'" . DG  B 1 2  ? 1.703   -9.833  -12.909 1.00 22.44 ? 14  DG  B "C1'" 1 
ATOM   269 N  N9    . DG  B 1 2  ? 2.815   -8.988  -12.526 1.00 17.15 ? 14  DG  B N9    1 
ATOM   270 C  C8    . DG  B 1 2  ? 3.181   -7.817  -13.158 1.00 4.01  ? 14  DG  B C8    1 
ATOM   271 N  N7    . DG  B 1 2  ? 4.286   -7.287  -12.705 1.00 15.76 ? 14  DG  B N7    1 
ATOM   272 C  C5    . DG  B 1 2  ? 4.671   -8.129  -11.680 1.00 7.00  ? 14  DG  B C5    1 
ATOM   273 C  C6    . DG  B 1 2  ? 5.766   -8.069  -10.770 1.00 8.02  ? 14  DG  B C6    1 
ATOM   274 O  O6    . DG  B 1 2  ? 6.602   -7.143  -10.836 1.00 12.56 ? 14  DG  B O6    1 
ATOM   275 N  N1    . DG  B 1 2  ? 5.865   -9.168  -9.937  1.00 5.82  ? 14  DG  B N1    1 
ATOM   276 C  C2    . DG  B 1 2  ? 4.999   -10.159 -9.922  1.00 2.00  ? 14  DG  B C2    1 
ATOM   277 N  N2    . DG  B 1 2  ? 5.105   -11.157 -9.049  1.00 4.63  ? 14  DG  B N2    1 
ATOM   278 N  N3    . DG  B 1 2  ? 3.882   -10.249 -10.718 1.00 15.82 ? 14  DG  B N3    1 
ATOM   279 C  C4    . DG  B 1 2  ? 3.788   -9.182  -11.553 1.00 9.13  ? 14  DG  B C4    1 
ATOM   280 P  P     . DC  B 1 3  ? -2.541  -10.204 -12.640 1.00 25.85 ? 15  DC  B P     1 
ATOM   281 O  OP1   . DC  B 1 3  ? -3.618  -11.245 -12.864 1.00 23.06 ? 15  DC  B OP1   1 
ATOM   282 O  OP2   . DC  B 1 3  ? -2.674  -8.779  -12.997 1.00 16.54 ? 15  DC  B OP2   1 
ATOM   283 O  "O5'" . DC  B 1 3  ? -1.879  -10.389 -11.177 1.00 22.81 ? 15  DC  B "O5'" 1 
ATOM   284 C  "C5'" . DC  B 1 3  ? -1.809  -11.699 -10.544 1.00 12.58 ? 15  DC  B "C5'" 1 
ATOM   285 C  "C4'" . DC  B 1 3  ? -0.693  -11.461 -9.536  1.00 24.32 ? 15  DC  B "C4'" 1 
ATOM   286 O  "O4'" . DC  B 1 3  ? 0.289   -10.573 -9.979  1.00 19.11 ? 15  DC  B "O4'" 1 
ATOM   287 C  "C3'" . DC  B 1 3  ? -1.212  -10.773 -8.233  1.00 9.64  ? 15  DC  B "C3'" 1 
ATOM   288 O  "O3'" . DC  B 1 3  ? -2.017  -11.665 -7.530  1.00 8.54  ? 15  DC  B "O3'" 1 
ATOM   289 C  "C2'" . DC  B 1 3  ? 0.075   -10.455 -7.526  1.00 10.66 ? 15  DC  B "C2'" 1 
ATOM   290 C  "C1'" . DC  B 1 3  ? 0.930   -10.123 -8.666  1.00 11.03 ? 15  DC  B "C1'" 1 
ATOM   291 N  N1    . DC  B 1 3  ? 1.254   -8.727  -8.940  1.00 17.47 ? 15  DC  B N1    1 
ATOM   292 C  C2    . DC  B 1 3  ? 2.498   -8.311  -8.366  1.00 11.78 ? 15  DC  B C2    1 
ATOM   293 O  O2    . DC  B 1 3  ? 2.916   -9.159  -7.536  1.00 12.47 ? 15  DC  B O2    1 
ATOM   294 N  N3    . DC  B 1 3  ? 2.970   -7.087  -8.670  1.00 10.74 ? 15  DC  B N3    1 
ATOM   295 C  C4    . DC  B 1 3  ? 2.295   -6.267  -9.513  1.00 3.90  ? 15  DC  B C4    1 
ATOM   296 N  N4    . DC  B 1 3  ? 2.663   -5.043  -9.850  1.00 7.25  ? 15  DC  B N4    1 
ATOM   297 C  C5    . DC  B 1 3  ? 1.044   -6.685  -10.120 1.00 14.05 ? 15  DC  B C5    1 
ATOM   298 C  C6    . DC  B 1 3  ? 0.580   -7.921  -9.793  1.00 11.69 ? 15  DC  B C6    1 
ATOM   299 P  P     . DG  B 1 4  ? -2.903  -11.274 -6.325  1.00 29.08 ? 16  DG  B P     1 
ATOM   300 O  OP1   . DG  B 1 4  ? -3.979  -12.244 -5.904  1.00 40.80 ? 16  DG  B OP1   1 
ATOM   301 O  OP2   . DG  B 1 4  ? -3.518  -10.005 -6.855  1.00 37.67 ? 16  DG  B OP2   1 
ATOM   302 O  "O5'" . DG  B 1 4  ? -1.818  -10.992 -5.144  1.00 21.56 ? 16  DG  B "O5'" 1 
ATOM   303 C  "C5'" . DG  B 1 4  ? -1.385  -12.313 -4.625  1.00 15.88 ? 16  DG  B "C5'" 1 
ATOM   304 C  "C4'" . DG  B 1 4  ? -0.369  -11.909 -3.644  1.00 7.95  ? 16  DG  B "C4'" 1 
ATOM   305 O  "O4'" . DG  B 1 4  ? 0.529   -10.957 -4.116  1.00 20.53 ? 16  DG  B "O4'" 1 
ATOM   306 C  "C3'" . DG  B 1 4  ? -1.112  -11.187 -2.450  1.00 44.97 ? 16  DG  B "C3'" 1 
ATOM   307 O  "O3'" . DG  B 1 4  ? -0.419  -11.497 -1.272  1.00 47.76 ? 16  DG  B "O3'" 1 
ATOM   308 C  "C2'" . DG  B 1 4  ? -1.176  -9.747  -3.041  1.00 22.60 ? 16  DG  B "C2'" 1 
ATOM   309 C  "C1'" . DG  B 1 4  ? 0.304   -9.711  -3.478  1.00 17.87 ? 16  DG  B "C1'" 1 
ATOM   310 N  N9    . DG  B 1 4  ? 0.365   -8.556  -4.315  1.00 9.43  ? 16  DG  B N9    1 
ATOM   311 C  C8    . DG  B 1 4  ? -0.604  -8.165  -5.144  1.00 16.60 ? 16  DG  B C8    1 
ATOM   312 N  N7    . DG  B 1 4  ? -0.321  -7.087  -5.820  1.00 15.78 ? 16  DG  B N7    1 
ATOM   313 C  C5    . DG  B 1 4  ? 0.968   -6.769  -5.448  1.00 13.26 ? 16  DG  B C5    1 
ATOM   314 C  C6    . DG  B 1 4  ? 1.816   -5.726  -5.848  1.00 2.00  ? 16  DG  B C6    1 
ATOM   315 O  O6    . DG  B 1 4  ? 1.644   -4.801  -6.635  1.00 12.54 ? 16  DG  B O6    1 
ATOM   316 N  N1    . DG  B 1 4  ? 3.083   -5.760  -5.241  1.00 3.44  ? 16  DG  B N1    1 
ATOM   317 C  C2    . DG  B 1 4  ? 3.392   -6.726  -4.350  1.00 5.56  ? 16  DG  B C2    1 
ATOM   318 N  N2    . DG  B 1 4  ? 4.655   -6.577  -3.914  1.00 9.20  ? 16  DG  B N2    1 
ATOM   319 N  N3    . DG  B 1 4  ? 2.643   -7.734  -3.954  1.00 13.75 ? 16  DG  B N3    1 
ATOM   320 C  C4    . DG  B 1 4  ? 1.423   -7.686  -4.519  1.00 18.66 ? 16  DG  B C4    1 
ATOM   321 P  P     . DA  B 1 5  ? -0.279  -10.875 0.219   1.00 23.49 ? 17  DA  B P     1 
ATOM   322 O  OP1   . DA  B 1 5  ? -0.459  -12.011 1.162   1.00 27.57 ? 17  DA  B OP1   1 
ATOM   323 O  OP2   . DA  B 1 5  ? -1.404  -9.906  0.195   1.00 22.14 ? 17  DA  B OP2   1 
ATOM   324 O  "O5'" . DA  B 1 5  ? 1.067   -10.033 0.049   1.00 21.45 ? 17  DA  B "O5'" 1 
ATOM   325 C  "C5'" . DA  B 1 5  ? 2.342   -10.497 -0.313  1.00 12.16 ? 17  DA  B "C5'" 1 
ATOM   326 C  "C4'" . DA  B 1 5  ? 3.416   -9.493  -0.059  1.00 8.12  ? 17  DA  B "C4'" 1 
ATOM   327 O  "O4'" . DA  B 1 5  ? 3.166   -8.349  -0.803  1.00 17.66 ? 17  DA  B "O4'" 1 
ATOM   328 C  "C3'" . DA  B 1 5  ? 3.469   -9.010  1.395   1.00 24.68 ? 17  DA  B "C3'" 1 
ATOM   329 O  "O3'" . DA  B 1 5  ? 4.781   -8.742  1.864   1.00 51.27 ? 17  DA  B "O3'" 1 
ATOM   330 C  "C2'" . DA  B 1 5  ? 2.722   -7.678  1.411   1.00 21.99 ? 17  DA  B "C2'" 1 
ATOM   331 C  "C1'" . DA  B 1 5  ? 3.051   -7.150  0.045   1.00 28.81 ? 17  DA  B "C1'" 1 
ATOM   332 N  N9    . DA  B 1 5  ? 2.058   -6.421  -0.764  1.00 10.18 ? 17  DA  B N9    1 
ATOM   333 C  C8    . DA  B 1 5  ? 0.754   -6.802  -0.983  1.00 3.44  ? 17  DA  B C8    1 
ATOM   334 N  N7    . DA  B 1 5  ? 0.116   -6.090  -1.941  1.00 7.31  ? 17  DA  B N7    1 
ATOM   335 C  C5    . DA  B 1 5  ? 1.080   -5.144  -2.224  1.00 3.30  ? 17  DA  B C5    1 
ATOM   336 C  C6    . DA  B 1 5  ? 1.067   -4.025  -3.106  1.00 6.71  ? 17  DA  B C6    1 
ATOM   337 N  N6    . DA  B 1 5  ? -0.032  -3.729  -3.848  1.00 11.93 ? 17  DA  B N6    1 
ATOM   338 N  N1    . DA  B 1 5  ? 2.240   -3.336  -3.199  1.00 13.15 ? 17  DA  B N1    1 
ATOM   339 C  C2    . DA  B 1 5  ? 3.322   -3.665  -2.469  1.00 7.75  ? 17  DA  B C2    1 
ATOM   340 N  N3    . DA  B 1 5  ? 3.476   -4.706  -1.554  1.00 3.60  ? 17  DA  B N3    1 
ATOM   341 C  C4    . DA  B 1 5  ? 2.251   -5.323  -1.481  1.00 8.61  ? 17  DA  B C4    1 
ATOM   342 P  P     . DA  B 1 6  ? 5.118   -8.005  3.275   1.00 30.57 ? 18  DA  B P     1 
ATOM   343 O  OP1   . DA  B 1 6  ? 6.135   -8.734  4.019   1.00 52.87 ? 18  DA  B OP1   1 
ATOM   344 O  OP2   . DA  B 1 6  ? 3.725   -7.976  3.905   1.00 49.36 ? 18  DA  B OP2   1 
ATOM   345 O  "O5'" . DA  B 1 6  ? 5.367   -6.525  2.816   1.00 29.77 ? 18  DA  B "O5'" 1 
ATOM   346 C  "C5'" . DA  B 1 6  ? 6.514   -6.008  2.154   1.00 28.45 ? 18  DA  B "C5'" 1 
ATOM   347 C  "C4'" . DA  B 1 6  ? 6.266   -4.491  2.038   1.00 34.36 ? 18  DA  B "C4'" 1 
ATOM   348 O  "O4'" . DA  B 1 6  ? 5.175   -4.106  1.291   1.00 20.81 ? 18  DA  B "O4'" 1 
ATOM   349 C  "C3'" . DA  B 1 6  ? 6.043   -3.945  3.475   1.00 25.21 ? 18  DA  B "C3'" 1 
ATOM   350 O  "O3'" . DA  B 1 6  ? 7.206   -3.183  3.656   1.00 31.16 ? 18  DA  B "O3'" 1 
ATOM   351 C  "C2'" . DA  B 1 6  ? 4.627   -3.323  3.393   1.00 16.24 ? 18  DA  B "C2'" 1 
ATOM   352 C  "C1'" . DA  B 1 6  ? 4.384   -3.059  1.937   1.00 26.14 ? 18  DA  B "C1'" 1 
ATOM   353 N  N9    . DA  B 1 6  ? 2.972   -3.107  1.470   1.00 13.81 ? 18  DA  B N9    1 
ATOM   354 C  C8    . DA  B 1 6  ? 1.911   -3.834  1.887   1.00 5.76  ? 18  DA  B C8    1 
ATOM   355 N  N7    . DA  B 1 6  ? 0.788   -3.593  1.117   1.00 8.99  ? 18  DA  B N7    1 
ATOM   356 C  C5    . DA  B 1 6  ? 1.178   -2.543  0.262   1.00 8.65  ? 18  DA  B C5    1 
ATOM   357 C  C6    . DA  B 1 6  ? 0.442   -1.789  -0.723  1.00 4.50  ? 18  DA  B C6    1 
ATOM   358 N  N6    . DA  B 1 6  ? -0.838  -2.123  -1.055  1.00 3.70  ? 18  DA  B N6    1 
ATOM   359 N  N1    . DA  B 1 6  ? 1.121   -0.867  -1.371  1.00 2.00  ? 18  DA  B N1    1 
ATOM   360 C  C2    . DA  B 1 6  ? 2.419   -0.659  -1.174  1.00 10.34 ? 18  DA  B C2    1 
ATOM   361 N  N3    . DA  B 1 6  ? 3.213   -1.259  -0.261  1.00 7.21  ? 18  DA  B N3    1 
ATOM   362 C  C4    . DA  B 1 6  ? 2.486   -2.210  0.422   1.00 11.43 ? 18  DA  B C4    1 
ATOM   363 P  P     . DU  B 1 7  ? 7.399   -1.949  4.761   1.00 21.72 ? 19  DU  B P     1 
ATOM   364 O  OP1   . DU  B 1 7  ? 8.891   -1.737  4.715   1.00 19.50 ? 19  DU  B OP1   1 
ATOM   365 O  OP2   . DU  B 1 7  ? 6.767   -2.662  5.829   1.00 22.85 ? 19  DU  B OP2   1 
ATOM   366 O  "O5'" . DU  B 1 7  ? 6.711   -0.757  4.069   1.00 12.85 ? 19  DU  B "O5'" 1 
ATOM   367 C  "C5'" . DU  B 1 7  ? 7.297   -0.043  2.968   1.00 12.47 ? 19  DU  B "C5'" 1 
ATOM   368 C  "C4'" . DU  B 1 7  ? 6.209   0.908   2.405   1.00 23.59 ? 19  DU  B "C4'" 1 
ATOM   369 O  "O4'" . DU  B 1 7  ? 4.998   0.271   2.231   1.00 20.81 ? 19  DU  B "O4'" 1 
ATOM   370 C  "C3'" . DU  B 1 7  ? 6.007   2.111   3.409   1.00 24.37 ? 19  DU  B "C3'" 1 
ATOM   371 O  "O3'" . DU  B 1 7  ? 6.844   3.177   2.991   1.00 25.69 ? 19  DU  B "O3'" 1 
ATOM   372 C  "C2'" . DU  B 1 7  ? 4.492   2.341   3.470   1.00 12.78 ? 19  DU  B "C2'" 1 
ATOM   373 C  "C1'" . DU  B 1 7  ? 4.046   1.425   2.387   1.00 17.41 ? 19  DU  B "C1'" 1 
ATOM   374 N  N1    . DU  B 1 7  ? 2.752   0.751   2.524   1.00 16.14 ? 19  DU  B N1    1 
ATOM   375 C  C2    . DU  B 1 7  ? 1.757   1.288   1.646   1.00 9.35  ? 19  DU  B C2    1 
ATOM   376 O  O2    . DU  B 1 7  ? 2.081   2.335   1.028   1.00 12.20 ? 19  DU  B O2    1 
ATOM   377 N  N3    . DU  B 1 7  ? 0.522   0.700   1.647   1.00 8.79  ? 19  DU  B N3    1 
ATOM   378 C  C4    . DU  B 1 7  ? 0.251   -0.366  2.469   1.00 4.99  ? 19  DU  B C4    1 
ATOM   379 O  O4    . DU  B 1 7  ? -0.825  -0.949  2.452   1.00 12.20 ? 19  DU  B O4    1 
ATOM   380 C  C5    . DU  B 1 7  ? 1.296   -0.949  3.345   1.00 15.26 ? 19  DU  B C5    1 
ATOM   381 C  C6    . DU  B 1 7  ? 2.530   -0.364  3.283   1.00 11.22 ? 19  DU  B C6    1 
ATOM   382 P  P     . DU  B 1 8  ? 6.972   4.643   3.750   1.00 22.11 ? 20  DU  B P     1 
ATOM   383 O  OP1   . DU  B 1 8  ? 8.077   5.401   3.165   1.00 34.02 ? 20  DU  B OP1   1 
ATOM   384 O  OP2   . DU  B 1 8  ? 6.671   4.219   5.065   1.00 10.37 ? 20  DU  B OP2   1 
ATOM   385 O  "O5'" . DU  B 1 8  ? 5.514   5.234   3.091   1.00 18.30 ? 20  DU  B "O5'" 1 
ATOM   386 C  "C5'" . DU  B 1 8  ? 5.631   6.012   1.887   1.00 21.32 ? 20  DU  B "C5'" 1 
ATOM   387 C  "C4'" . DU  B 1 8  ? 4.187   6.277   1.555   1.00 9.35  ? 20  DU  B "C4'" 1 
ATOM   388 O  "O4'" . DU  B 1 8  ? 3.278   5.347   1.923   1.00 22.87 ? 20  DU  B "O4'" 1 
ATOM   389 C  "C3'" . DU  B 1 8  ? 3.786   7.500   2.440   1.00 16.20 ? 20  DU  B "C3'" 1 
ATOM   390 O  "O3'" . DU  B 1 8  ? 3.514   8.498   1.521   1.00 33.35 ? 20  DU  B "O3'" 1 
ATOM   391 C  "C2'" . DU  B 1 8  ? 2.626   7.051   3.252   1.00 24.00 ? 20  DU  B "C2'" 1 
ATOM   392 C  "C1'" . DU  B 1 8  ? 2.028   6.015   2.403   1.00 7.98  ? 20  DU  B "C1'" 1 
ATOM   393 N  N1    . DU  B 1 8  ? 1.280   4.943   3.042   1.00 7.34  ? 20  DU  B N1    1 
ATOM   394 C  C2    . DU  B 1 8  ? -0.053  4.759   2.643   1.00 8.84  ? 20  DU  B C2    1 
ATOM   395 O  O2    . DU  B 1 8  ? -0.545  5.528   1.761   1.00 13.65 ? 20  DU  B O2    1 
ATOM   396 N  N3    . DU  B 1 8  ? -0.716  3.678   3.119   1.00 6.69  ? 20  DU  B N3    1 
ATOM   397 C  C4    . DU  B 1 8  ? -0.159  2.863   4.086   1.00 5.07  ? 20  DU  B C4    1 
ATOM   398 O  O4    . DU  B 1 8  ? -0.826  1.877   4.476   1.00 10.14 ? 20  DU  B O4    1 
ATOM   399 C  C5    . DU  B 1 8  ? 1.221   3.063   4.490   1.00 11.93 ? 20  DU  B C5    1 
ATOM   400 C  C6    . DU  B 1 8  ? 1.858   4.088   3.883   1.00 2.57  ? 20  DU  B C6    1 
ATOM   401 P  P     . DC  B 1 9  ? 3.209   10.054  1.694   1.00 27.27 ? 21  DC  B P     1 
ATOM   402 O  OP1   . DC  B 1 9  ? 3.389   10.573  0.250   1.00 39.76 ? 21  DC  B OP1   1 
ATOM   403 O  OP2   . DC  B 1 9  ? 4.037   10.705  2.657   1.00 54.86 ? 21  DC  B OP2   1 
ATOM   404 O  "O5'" . DC  B 1 9  ? 1.637   9.902   2.195   1.00 27.67 ? 21  DC  B "O5'" 1 
ATOM   405 C  "C5'" . DC  B 1 9  ? 0.858   9.897   0.978   1.00 11.64 ? 21  DC  B "C5'" 1 
ATOM   406 C  "C4'" . DC  B 1 9  ? -0.590  9.789   1.324   1.00 16.34 ? 21  DC  B "C4'" 1 
ATOM   407 O  "O4'" . DC  B 1 9  ? -0.995  8.698   2.054   1.00 24.21 ? 21  DC  B "O4'" 1 
ATOM   408 C  "C3'" . DC  B 1 9  ? -0.957  10.927  2.289   1.00 11.37 ? 21  DC  B "C3'" 1 
ATOM   409 O  "O3'" . DC  B 1 9  ? -1.907  11.604  1.480   1.00 41.26 ? 21  DC  B "O3'" 1 
ATOM   410 C  "C2'" . DC  B 1 9  ? -1.479  10.362  3.568   1.00 9.96  ? 21  DC  B "C2'" 1 
ATOM   411 C  "C1'" . DC  B 1 9  ? -2.019  9.010   3.043   1.00 10.43 ? 21  DC  B "C1'" 1 
ATOM   412 N  N1    . DC  B 1 9  ? -2.045  7.863   3.955   1.00 16.66 ? 21  DC  B N1    1 
ATOM   413 C  C2    . DC  B 1 9  ? -3.074  6.978   4.006   1.00 12.69 ? 21  DC  B C2    1 
ATOM   414 O  O2    . DC  B 1 9  ? -4.074  7.255   3.328   1.00 21.68 ? 21  DC  B O2    1 
ATOM   415 N  N3    . DC  B 1 9  ? -3.003  5.908   4.835   1.00 9.82  ? 21  DC  B N3    1 
ATOM   416 C  C4    . DC  B 1 9  ? -1.867  5.609   5.531   1.00 7.26  ? 21  DC  B C4    1 
ATOM   417 N  N4    . DC  B 1 9  ? -1.819  4.568   6.327   1.00 14.03 ? 21  DC  B N4    1 
ATOM   418 C  C5    . DC  B 1 9  ? -0.764  6.530   5.575   1.00 10.42 ? 21  DC  B C5    1 
ATOM   419 C  C6    . DC  B 1 9  ? -0.852  7.632   4.748   1.00 15.11 ? 21  DC  B C6    1 
ATOM   420 P  P     . DG  B 1 10 ? -2.060  13.155  1.768   1.00 27.50 ? 22  DG  B P     1 
ATOM   421 O  OP1   . DG  B 1 10 ? -2.101  13.818  0.498   1.00 28.38 ? 22  DG  B OP1   1 
ATOM   422 O  OP2   . DG  B 1 10 ? -1.018  13.589  2.699   1.00 22.22 ? 22  DG  B OP2   1 
ATOM   423 O  "O5'" . DG  B 1 10 ? -3.369  13.209  2.752   1.00 33.03 ? 22  DG  B "O5'" 1 
ATOM   424 C  "C5'" . DG  B 1 10 ? -4.618  12.785  2.268   1.00 23.45 ? 22  DG  B "C5'" 1 
ATOM   425 C  "C4'" . DG  B 1 10 ? -5.596  12.473  3.356   1.00 20.32 ? 22  DG  B "C4'" 1 
ATOM   426 O  "O4'" . DG  B 1 10 ? -5.286  11.165  3.909   1.00 17.62 ? 22  DG  B "O4'" 1 
ATOM   427 C  "C3'" . DG  B 1 10 ? -5.642  13.389  4.559   1.00 20.63 ? 22  DG  B "C3'" 1 
ATOM   428 O  "O3'" . DG  B 1 10 ? -6.998  13.506  4.939   1.00 38.70 ? 22  DG  B "O3'" 1 
ATOM   429 C  "C2'" . DG  B 1 10 ? -4.736  12.691  5.610   1.00 13.57 ? 22  DG  B "C2'" 1 
ATOM   430 C  "C1'" . DG  B 1 10 ? -5.347  11.358  5.337   1.00 15.84 ? 22  DG  B "C1'" 1 
ATOM   431 N  N9    . DG  B 1 10 ? -4.568  10.409  6.091   1.00 7.89  ? 22  DG  B N9    1 
ATOM   432 C  C8    . DG  B 1 10 ? -3.257  10.538  6.450   1.00 10.38 ? 22  DG  B C8    1 
ATOM   433 N  N7    . DG  B 1 10 ? -2.812  9.442   7.122   1.00 15.22 ? 22  DG  B N7    1 
ATOM   434 C  C5    . DG  B 1 10 ? -3.930  8.646   7.220   1.00 7.48  ? 22  DG  B C5    1 
ATOM   435 C  C6    . DG  B 1 10 ? -4.098  7.341   7.737   1.00 17.69 ? 22  DG  B C6    1 
ATOM   436 O  O6    . DG  B 1 10 ? -3.221  6.732   8.375   1.00 13.35 ? 22  DG  B O6    1 
ATOM   437 N  N1    . DG  B 1 10 ? -5.371  6.798   7.656   1.00 10.14 ? 22  DG  B N1    1 
ATOM   438 C  C2    . DG  B 1 10 ? -6.359  7.429   6.927   1.00 10.09 ? 22  DG  B C2    1 
ATOM   439 N  N2    . DG  B 1 10 ? -7.441  6.680   6.927   1.00 10.89 ? 22  DG  B N2    1 
ATOM   440 N  N3    . DG  B 1 10 ? -6.270  8.637   6.338   1.00 16.32 ? 22  DG  B N3    1 
ATOM   441 C  C4    . DG  B 1 10 ? -5.036  9.193   6.500   1.00 9.23  ? 22  DG  B C4    1 
ATOM   442 P  P     . DC  B 1 11 ? -7.577  14.993  5.434   1.00 38.72 ? 23  DC  B P     1 
ATOM   443 O  OP1   . DC  B 1 11 ? -7.341  15.904  4.247   1.00 31.65 ? 23  DC  B OP1   1 
ATOM   444 O  OP2   . DC  B 1 11 ? -6.777  15.318  6.666   1.00 27.59 ? 23  DC  B OP2   1 
ATOM   445 O  "O5'" . DC  B 1 11 ? -9.104  14.641  5.707   1.00 33.65 ? 23  DC  B "O5'" 1 
ATOM   446 C  "C5'" . DC  B 1 11 ? -9.976  13.754  5.014   1.00 4.79  ? 23  DC  B "C5'" 1 
ATOM   447 C  "C4'" . DC  B 1 11 ? -10.498 12.535  5.746   1.00 14.10 ? 23  DC  B "C4'" 1 
ATOM   448 O  "O4'" . DC  B 1 11 ? -9.489  11.551  6.006   1.00 20.05 ? 23  DC  B "O4'" 1 
ATOM   449 C  "C3'" . DC  B 1 11 ? -11.090 12.835  7.116   1.00 15.99 ? 23  DC  B "C3'" 1 
ATOM   450 O  "O3'" . DC  B 1 11 ? -12.399 13.410  6.916   1.00 27.85 ? 23  DC  B "O3'" 1 
ATOM   451 C  "C2'" . DC  B 1 11 ? -11.043 11.477  7.773   1.00 15.86 ? 23  DC  B "C2'" 1 
ATOM   452 C  "C1'" . DC  B 1 11 ? -9.790  10.881  7.194   1.00 20.04 ? 23  DC  B "C1'" 1 
ATOM   453 N  N1    . DC  B 1 11 ? -8.499  11.000  7.970   1.00 10.22 ? 23  DC  B N1    1 
ATOM   454 C  C2    . DC  B 1 11 ? -8.310  9.881   8.783   1.00 7.95  ? 23  DC  B C2    1 
ATOM   455 O  O2    . DC  B 1 11 ? -9.205  8.997   8.872   1.00 15.42 ? 23  DC  B O2    1 
ATOM   456 N  N3    . DC  B 1 11 ? -7.187  9.844   9.560   1.00 10.13 ? 23  DC  B N3    1 
ATOM   457 C  C4    . DC  B 1 11 ? -6.277  10.846  9.537   1.00 10.42 ? 23  DC  B C4    1 
ATOM   458 N  N4    . DC  B 1 11 ? -5.126  10.617  10.248  1.00 17.66 ? 23  DC  B N4    1 
ATOM   459 C  C5    . DC  B 1 11 ? -6.497  11.970  8.687   1.00 15.85 ? 23  DC  B C5    1 
ATOM   460 C  C6    . DC  B 1 11 ? -7.568  11.977  7.914   1.00 7.65  ? 23  DC  B C6    1 
ATOM   461 P  P     . DG  B 1 12 ? -13.285 13.988  8.245   1.00 22.00 ? 24  DG  B P     1 
ATOM   462 O  OP1   . DG  B 1 12 ? -14.569 14.489  7.765   1.00 23.23 ? 24  DG  B OP1   1 
ATOM   463 O  OP2   . DG  B 1 12 ? -12.194 14.838  8.802   1.00 20.45 ? 24  DG  B OP2   1 
ATOM   464 O  "O5'" . DG  B 1 12 ? -13.652 12.726  9.056   1.00 5.78  ? 24  DG  B "O5'" 1 
ATOM   465 C  "C5'" . DG  B 1 12 ? -14.597 11.671  8.771   1.00 4.75  ? 24  DG  B "C5'" 1 
ATOM   466 C  "C4'" . DG  B 1 12 ? -14.283 10.692  9.910   1.00 14.08 ? 24  DG  B "C4'" 1 
ATOM   467 O  "O4'" . DG  B 1 12 ? -12.879 10.391  9.836   1.00 21.31 ? 24  DG  B "O4'" 1 
ATOM   468 C  "C3'" . DG  B 1 12 ? -14.467 11.118  11.378  1.00 22.57 ? 24  DG  B "C3'" 1 
ATOM   469 O  "O3'" . DG  B 1 12 ? -15.799 11.225  11.996  1.00 16.67 ? 24  DG  B "O3'" 1 
ATOM   470 C  "C2'" . DG  B 1 12 ? -13.727 9.991   12.093  1.00 16.07 ? 24  DG  B "C2'" 1 
ATOM   471 C  "C1'" . DG  B 1 12 ? -12.517 9.873   11.163  1.00 13.35 ? 24  DG  B "C1'" 1 
ATOM   472 N  N9    . DG  B 1 12 ? -11.285 10.574  11.539  1.00 15.06 ? 24  DG  B N9    1 
ATOM   473 C  C8    . DG  B 1 12 ? -10.921 11.842  11.195  1.00 7.07  ? 24  DG  B C8    1 
ATOM   474 N  N7    . DG  B 1 12 ? -9.697  12.205  11.543  1.00 16.12 ? 24  DG  B N7    1 
ATOM   475 C  C5    . DG  B 1 12 ? -9.224  10.963  12.141  1.00 14.06 ? 24  DG  B C5    1 
ATOM   476 C  C6    . DG  B 1 12 ? -7.965  10.684  12.788  1.00 6.75  ? 24  DG  B C6    1 
ATOM   477 O  O6    . DG  B 1 12 ? -7.008  11.480  12.764  1.00 15.47 ? 24  DG  B O6    1 
ATOM   478 N  N1    . DG  B 1 12 ? -7.881  9.444   13.322  1.00 7.91  ? 24  DG  B N1    1 
ATOM   479 C  C2    . DG  B 1 12 ? -8.948  8.601   13.256  1.00 4.43  ? 24  DG  B C2    1 
ATOM   480 N  N2    . DG  B 1 12 ? -8.857  7.354   13.870  1.00 10.56 ? 24  DG  B N2    1 
ATOM   481 N  N3    . DG  B 1 12 ? -10.158 8.797   12.714  1.00 9.76  ? 24  DG  B N3    1 
ATOM   482 C  C4    . DG  B 1 12 ? -10.183 10.022  12.185  1.00 5.77  ? 24  DG  B C4    1 
HETATM 483 MG MG    . MG  C 2 .  ? -0.287  7.059   11.523  1.00 17.66 ? 25  MG  A MG    1 
HETATM 484 O  O     . HOH D 3 .  ? -2.584  3.866   -7.638  1.00 8.16  ? 26  HOH A O     1 
HETATM 485 O  O     . HOH D 3 .  ? 2.246   3.501   -8.593  1.00 11.14 ? 27  HOH A O     1 
HETATM 486 O  O     . HOH D 3 .  ? -0.935  6.081   -0.773  1.00 15.52 ? 30  HOH A O     1 
HETATM 487 O  O     . HOH D 3 .  ? -7.602  9.401   -6.171  1.00 15.98 ? 31  HOH A O     1 
HETATM 488 O  O     . HOH D 3 .  ? 2.189   6.938   -1.909  1.00 16.34 ? 32  HOH A O     1 
HETATM 489 O  O     . HOH D 3 .  ? -4.087  9.169   18.690  1.00 17.33 ? 34  HOH A O     1 
HETATM 490 O  O     . HOH D 3 .  ? -0.442  3.234   -8.957  1.00 17.55 ? 36  HOH A O     1 
HETATM 491 O  O     . HOH D 3 .  ? -5.725  9.543   -8.280  1.00 18.88 ? 39  HOH A O     1 
HETATM 492 O  O     . HOH D 3 .  ? -3.867  -1.629  4.421   1.00 20.55 ? 41  HOH A O     1 
HETATM 493 O  O     . HOH D 3 .  ? -2.448  7.937   -1.534  1.00 20.73 ? 42  HOH A O     1 
HETATM 494 O  O     . HOH D 3 .  ? 9.887   -2.517  0.622   1.00 21.02 ? 43  HOH A O     1 
HETATM 495 O  O     . HOH D 3 .  ? -6.199  -1.502  3.001   1.00 21.45 ? 45  HOH A O     1 
HETATM 496 O  O     . HOH D 3 .  ? 8.143   -6.607  -1.630  1.00 22.28 ? 47  HOH A O     1 
HETATM 497 O  O     . HOH D 3 .  ? -1.885  2.070   10.296  1.00 24.27 ? 50  HOH A O     1 
HETATM 498 O  O     . HOH D 3 .  ? 13.422  -11.470 -8.448  1.00 24.72 ? 52  HOH A O     1 
HETATM 499 O  O     . HOH D 3 .  ? 13.142  -12.683 -0.883  1.00 25.01 ? 53  HOH A O     1 
HETATM 500 O  O     . HOH D 3 .  ? -4.895  -2.517  0.407   1.00 25.22 ? 56  HOH A O     1 
HETATM 501 O  O     . HOH D 3 .  ? -8.805  7.221   0.623   1.00 25.92 ? 57  HOH A O     1 
HETATM 502 O  O     . HOH D 3 .  ? -3.394  1.278   -11.257 1.00 26.86 ? 60  HOH A O     1 
HETATM 503 O  O     . HOH D 3 .  ? 7.629   -7.887  -3.969  1.00 27.04 ? 61  HOH A O     1 
HETATM 504 O  O     . HOH D 3 .  ? 10.338  -19.569 -6.473  1.00 27.38 ? 63  HOH A O     1 
HETATM 505 O  O     . HOH D 3 .  ? 9.694   5.060   -2.631  1.00 27.71 ? 64  HOH A O     1 
HETATM 506 O  O     . HOH D 3 .  ? -10.514 8.562   -2.569  1.00 27.90 ? 65  HOH A O     1 
HETATM 507 O  O     . HOH D 3 .  ? -7.200  2.373   -5.169  1.00 28.01 ? 66  HOH A O     1 
HETATM 508 O  O     . HOH D 3 .  ? -4.223  10.757  -4.769  1.00 28.31 ? 67  HOH A O     1 
HETATM 509 O  O     . HOH D 3 .  ? -5.768  -0.995  7.146   1.00 30.07 ? 69  HOH A O     1 
HETATM 510 O  O     . HOH D 3 .  ? 2.980   -0.913  -9.077  1.00 30.29 ? 70  HOH A O     1 
HETATM 511 O  O     . HOH D 3 .  ? -1.490  10.734  11.610  1.00 31.10 ? 71  HOH A O     1 
HETATM 512 O  O     . HOH D 3 .  ? -3.834  -1.412  -4.035  1.00 31.21 ? 72  HOH A O     1 
HETATM 513 O  O     . HOH D 3 .  ? 12.138  -7.260  -0.494  1.00 31.27 ? 73  HOH A O     1 
HETATM 514 O  O     . HOH D 3 .  ? -10.427 -4.799  13.021  1.00 31.42 ? 75  HOH A O     1 
HETATM 515 O  O     . HOH D 3 .  ? -5.262  6.958   0.736   1.00 31.58 ? 77  HOH A O     1 
HETATM 516 O  O     . HOH D 3 .  ? -1.335  9.964   -7.564  1.00 31.73 ? 78  HOH A O     1 
HETATM 517 O  O     . HOH D 3 .  ? -2.605  1.032   7.588   1.00 31.83 ? 79  HOH A O     1 
HETATM 518 O  O     . HOH D 3 .  ? 0.805   10.387  13.907  1.00 32.17 ? 81  HOH A O     1 
HETATM 519 O  O     . HOH D 3 .  ? 10.793  -19.001 -3.469  1.00 32.31 ? 83  HOH A O     1 
HETATM 520 O  O     . HOH D 3 .  ? 7.023   7.526   -6.441  1.00 32.55 ? 85  HOH A O     1 
HETATM 521 O  O     . HOH D 3 .  ? 3.304   9.657   -5.045  1.00 34.50 ? 90  HOH A O     1 
HETATM 522 O  O     . HOH D 3 .  ? 9.454   0.128   0.596   1.00 35.09 ? 91  HOH A O     1 
HETATM 523 O  O     . HOH D 3 .  ? -11.531 2.355   -4.252  1.00 35.34 ? 93  HOH A O     1 
HETATM 524 O  O     . HOH D 3 .  ? 7.563   -1.514  -9.013  1.00 35.39 ? 94  HOH A O     1 
HETATM 525 O  O     . HOH D 3 .  ? -5.220  -1.637  19.081  1.00 36.97 ? 97  HOH A O     1 
HETATM 526 O  O     . HOH D 3 .  ? 11.603  -6.259  -10.139 1.00 36.98 ? 98  HOH A O     1 
HETATM 527 O  O     . HOH D 3 .  ? 5.110   9.597   -3.936  1.00 37.13 ? 99  HOH A O     1 
HETATM 528 O  O     . HOH D 3 .  ? -0.065  0.349   -9.473  1.00 37.93 ? 100 HOH A O     1 
HETATM 529 O  O     . HOH D 3 .  ? 11.121  6.292   -5.811  1.00 37.95 ? 101 HOH A O     1 
HETATM 530 O  O     . HOH D 3 .  ? 14.897  -9.590  -0.478  1.00 38.17 ? 102 HOH A O     1 
HETATM 531 O  O     . HOH D 3 .  ? 11.977  -1.760  -6.967  1.00 38.20 ? 103 HOH A O     1 
HETATM 532 O  O     . HOH D 3 .  ? 7.342   -17.159 -1.382  1.00 38.29 ? 104 HOH A O     1 
HETATM 533 O  O     . HOH D 3 .  ? 10.412  -4.150  2.069   1.00 38.43 ? 106 HOH A O     1 
HETATM 534 O  O     . HOH D 3 .  ? -10.047 -5.243  10.454  1.00 38.92 ? 107 HOH A O     1 
HETATM 535 O  O     . HOH D 3 .  ? 4.912   -2.742  -10.855 1.00 42.32 ? 114 HOH A O     1 
HETATM 536 O  O     . HOH D 3 .  ? -6.112  -4.781  4.936   1.00 44.13 ? 116 HOH A O     1 
HETATM 537 O  O     . HOH D 3 .  ? 17.079  -15.825 -0.412  1.00 44.51 ? 117 HOH A O     1 
HETATM 538 O  O     . HOH D 3 .  ? 18.123  -15.120 2.751   1.00 45.33 ? 119 HOH A O     1 
HETATM 539 O  O     . HOH D 3 .  ? -4.451  13.701  -5.485  1.00 45.65 ? 121 HOH A O     1 
HETATM 540 O  O     . HOH D 3 .  ? -2.741  0.238   12.250  1.00 46.02 ? 122 HOH A O     1 
HETATM 541 O  O     . HOH D 3 .  ? 4.364   2.145   -8.620  1.00 46.28 ? 123 HOH A O     1 
HETATM 542 O  O     . HOH D 3 .  ? 6.165   5.000   -8.888  1.00 48.95 ? 129 HOH A O     1 
HETATM 543 O  O     . HOH D 3 .  ? -5.344  -2.538  16.252  1.00 49.61 ? 130 HOH A O     1 
HETATM 544 O  O     . HOH D 3 .  ? 15.511  -13.785 0.174   1.00 49.93 ? 131 HOH A O     1 
HETATM 545 O  O     . HOH D 3 .  ? 3.994   10.278  -7.918  1.00 50.52 ? 132 HOH A O     1 
HETATM 546 O  O     . HOH D 3 .  ? 13.567  -12.960 -3.605  1.00 51.31 ? 134 HOH A O     1 
HETATM 547 O  O     . HOH D 3 .  ? -14.314 -1.406  3.046   1.00 53.31 ? 137 HOH A O     1 
HETATM 548 O  O     . HOH D 3 .  ? -14.754 3.962   -0.235  1.00 57.26 ? 140 HOH A O     1 
HETATM 549 O  O     . HOH D 3 .  ? 12.106  1.827   -4.872  1.00 63.54 ? 144 HOH A O     1 
HETATM 550 O  O     . HOH D 3 .  ? -1.373  5.718   12.480  1.00 16.45 ? 145 HOH A O     1 
HETATM 551 O  O     . HOH D 3 .  ? 0.278   7.809   13.288  1.00 20.62 ? 147 HOH A O     1 
HETATM 552 O  O     . HOH D 3 .  ? -1.949  8.170   11.479  1.00 14.88 ? 149 HOH A O     1 
HETATM 553 O  O     . HOH E 3 .  ? 3.197   3.713   -0.746  1.00 13.31 ? 28  HOH B O     1 
HETATM 554 O  O     . HOH E 3 .  ? 5.540   -0.265  -0.903  1.00 14.19 ? 29  HOH B O     1 
HETATM 555 O  O     . HOH E 3 .  ? -2.453  -5.973  -2.206  1.00 16.82 ? 33  HOH B O     1 
HETATM 556 O  O     . HOH E 3 .  ? 7.421   -2.243  -0.286  1.00 17.44 ? 35  HOH B O     1 
HETATM 557 O  O     . HOH E 3 .  ? 6.142   -4.457  -1.454  1.00 17.73 ? 37  HOH B O     1 
HETATM 558 O  O     . HOH E 3 .  ? 0.826   4.377   8.063   1.00 18.10 ? 38  HOH B O     1 
HETATM 559 O  O     . HOH E 3 .  ? 4.090   -0.822  5.816   1.00 19.24 ? 40  HOH B O     1 
HETATM 560 O  O     . HOH E 3 .  ? -1.082  -5.116  1.550   1.00 21.23 ? 44  HOH B O     1 
HETATM 561 O  O     . HOH E 3 .  ? -0.187  0.245   6.339   1.00 22.13 ? 46  HOH B O     1 
HETATM 562 O  O     . HOH E 3 .  ? 3.904   3.861   6.347   1.00 22.79 ? 48  HOH B O     1 
HETATM 563 O  O     . HOH E 3 .  ? -0.151  9.673   8.165   1.00 23.61 ? 49  HOH B O     1 
HETATM 564 O  O     . HOH E 3 .  ? -2.516  -3.269  -0.279  1.00 24.32 ? 51  HOH B O     1 
HETATM 565 O  O     . HOH E 3 .  ? 5.078   -4.515  -13.406 1.00 25.15 ? 54  HOH B O     1 
HETATM 566 O  O     . HOH E 3 .  ? -0.616  -3.928  -7.977  1.00 25.16 ? 55  HOH B O     1 
HETATM 567 O  O     . HOH E 3 .  ? -4.289  12.561  -1.493  1.00 26.40 ? 58  HOH B O     1 
HETATM 568 O  O     . HOH E 3 .  ? -2.922  -7.478  -10.817 1.00 26.59 ? 59  HOH B O     1 
HETATM 569 O  O     . HOH E 3 .  ? 5.780   2.941   -0.747  1.00 27.30 ? 62  HOH B O     1 
HETATM 570 O  O     . HOH E 3 .  ? -9.640  14.165  9.781   1.00 30.06 ? 68  HOH B O     1 
HETATM 571 O  O     . HOH E 3 .  ? -3.013  -7.368  -8.092  1.00 31.28 ? 74  HOH B O     1 
HETATM 572 O  O     . HOH E 3 .  ? 2.421   6.366   7.666   1.00 31.56 ? 76  HOH B O     1 
HETATM 573 O  O     . HOH E 3 .  ? -2.712  -4.318  -4.069  1.00 32.08 ? 80  HOH B O     1 
HETATM 574 O  O     . HOH E 3 .  ? 5.893   -4.708  7.010   1.00 32.24 ? 82  HOH B O     1 
HETATM 575 O  O     . HOH E 3 .  ? -1.832  -2.942  4.005   1.00 32.36 ? 84  HOH B O     1 
HETATM 576 O  O     . HOH E 3 .  ? 8.113   3.813   -0.879  1.00 33.76 ? 86  HOH B O     1 
HETATM 577 O  O     . HOH E 3 .  ? -3.574  -9.769  -16.986 1.00 33.80 ? 87  HOH B O     1 
HETATM 578 O  O     . HOH E 3 .  ? -0.565  -5.703  -13.965 1.00 33.98 ? 88  HOH B O     1 
HETATM 579 O  O     . HOH E 3 .  ? -4.921  -8.864  -9.354  1.00 34.42 ? 89  HOH B O     1 
HETATM 580 O  O     . HOH E 3 .  ? 8.093   -5.117  -17.773 1.00 35.12 ? 92  HOH B O     1 
HETATM 581 O  O     . HOH E 3 .  ? 7.253   -2.106  9.055   1.00 36.09 ? 95  HOH B O     1 
HETATM 582 O  O     . HOH E 3 .  ? -2.500  14.228  7.060   1.00 36.69 ? 96  HOH B O     1 
HETATM 583 O  O     . HOH E 3 .  ? -4.237  16.108  1.023   1.00 38.36 ? 105 HOH B O     1 
HETATM 584 O  O     . HOH E 3 .  ? 7.228   5.877   7.805   1.00 39.35 ? 108 HOH B O     1 
HETATM 585 O  O     . HOH E 3 .  ? -5.432  9.280   2.141   1.00 39.89 ? 109 HOH B O     1 
HETATM 586 O  O     . HOH E 3 .  ? 8.137   -4.007  -11.818 1.00 40.20 ? 110 HOH B O     1 
HETATM 587 O  O     . HOH E 3 .  ? 2.381   8.663   5.901   1.00 40.82 ? 111 HOH B O     1 
HETATM 588 O  O     . HOH E 3 .  ? 8.078   2.095   6.716   1.00 41.61 ? 112 HOH B O     1 
HETATM 589 O  O     . HOH E 3 .  ? -8.123  8.875   3.846   1.00 42.28 ? 113 HOH B O     1 
HETATM 590 O  O     . HOH E 3 .  ? -3.483  12.667  9.289   1.00 44.02 ? 115 HOH B O     1 
HETATM 591 O  O     . HOH E 3 .  ? -2.760  16.118  4.062   1.00 45.22 ? 118 HOH B O     1 
HETATM 592 O  O     . HOH E 3 .  ? 11.538  -10.074 -14.599 1.00 45.37 ? 120 HOH B O     1 
HETATM 593 O  O     . HOH E 3 .  ? -4.884  -14.053 -4.279  1.00 47.54 ? 124 HOH B O     1 
HETATM 594 O  O     . HOH E 3 .  ? 1.200   -3.436  -11.304 1.00 48.35 ? 125 HOH B O     1 
HETATM 595 O  O     . HOH E 3 .  ? -2.181  -6.158  -16.883 1.00 48.35 ? 126 HOH B O     1 
HETATM 596 O  O     . HOH E 3 .  ? -5.723  -14.683 -1.222  1.00 48.37 ? 127 HOH B O     1 
HETATM 597 O  O     . HOH E 3 .  ? 5.022   -9.739  7.071   1.00 48.88 ? 128 HOH B O     1 
HETATM 598 O  O     . HOH E 3 .  ? 3.129   -2.690  6.508   1.00 51.12 ? 133 HOH B O     1 
HETATM 599 O  O     . HOH E 3 .  ? -12.334 17.829  7.204   1.00 51.35 ? 135 HOH B O     1 
HETATM 600 O  O     . HOH E 3 .  ? 1.305   13.116  9.317   1.00 51.46 ? 136 HOH B O     1 
HETATM 601 O  O     . HOH E 3 .  ? -4.832  -11.810 -1.999  1.00 54.76 ? 138 HOH B O     1 
HETATM 602 O  O     . HOH E 3 .  ? -6.707  14.826  1.645   1.00 55.31 ? 139 HOH B O     1 
HETATM 603 O  O     . HOH E 3 .  ? -4.826  -5.444  -10.243 1.00 59.94 ? 141 HOH B O     1 
HETATM 604 O  O     . HOH E 3 .  ? 4.198   1.597   7.307   1.00 60.90 ? 142 HOH B O     1 
HETATM 605 O  O     . HOH E 3 .  ? 0.432   -7.779  3.506   1.00 62.14 ? 143 HOH B O     1 
HETATM 606 O  O     . HOH E 3 .  ? 0.700   8.540   10.637  1.00 21.37 ? 146 HOH B O     1 
HETATM 607 O  O     . HOH E 3 .  ? -0.856  6.439   9.664   1.00 30.62 ? 148 HOH B O     1 
HETATM 608 O  O     . HOH E 3 .  ? 1.374   5.946   11.481  1.00 26.20 ? 150 HOH B O     1 
# 
